data_2H01
# 
_entry.id   2H01 
# 
_audit_conform.dict_name       mmcif_pdbx.dic 
_audit_conform.dict_version    5.377 
_audit_conform.dict_location   http://mmcif.pdb.org/dictionaries/ascii/mmcif_pdbx.dic 
# 
loop_
_database_2.database_id 
_database_2.database_code 
_database_2.pdbx_database_accession 
_database_2.pdbx_DOI 
PDB   2H01         pdb_00002h01 10.2210/pdb2h01/pdb 
RCSB  RCSB037759   ?            ?                   
WWPDB D_1000037759 ?            ?                   
# 
_pdbx_database_PDB_obs_spr.id               SPRSDE 
_pdbx_database_PDB_obs_spr.pdb_id           2H01 
_pdbx_database_PDB_obs_spr.replace_pdb_id   2FEG 
_pdbx_database_PDB_obs_spr.date             2006-05-30 
_pdbx_database_PDB_obs_spr.details          ? 
# 
_pdbx_database_status.entry_id                        2H01 
_pdbx_database_status.status_code                     REL 
_pdbx_database_status.recvd_initial_deposition_date   2006-05-12 
_pdbx_database_status.deposit_site                    RCSB 
_pdbx_database_status.process_site                    RCSB 
_pdbx_database_status.status_code_sf                  REL 
_pdbx_database_status.SG_entry                        Y 
_pdbx_database_status.status_code_mr                  ? 
_pdbx_database_status.pdb_format_compatible           Y 
_pdbx_database_status.status_code_cs                  ? 
_pdbx_database_status.methods_development_category    ? 
_pdbx_database_status.status_code_nmr_data            ? 
# 
loop_
_audit_author.name 
_audit_author.pdbx_ordinal 
'Artz, J.'                             1  
'Qiu, W.'                              2  
'Min, J.R.'                            3  
'Dong, A.'                             4  
'Lew, J.'                              5  
'Melone, M.'                           6  
'Alam, Z.'                             7  
'Weigelt, J.'                          8  
'Sundstrom, M.'                        9  
'Edwards, A.M.'                        10 
'Arrowsmith, C.H.'                     11 
'Bochkarev, A.'                        12 
'Hui, R.'                              13 
'Structural Genomics Consortium (SGC)' 14 
# 
_citation.id                        primary 
_citation.title                     'Crystal structure of PY00414 - a Plasmodium yoelii thioredoxin peroxidase I' 
_citation.journal_abbrev            'To be Published' 
_citation.journal_volume            ? 
_citation.page_first                ? 
_citation.page_last                 ? 
_citation.year                      ? 
_citation.journal_id_ASTM           ? 
_citation.country                   ? 
_citation.journal_id_ISSN           ? 
_citation.journal_id_CSD            0353 
_citation.book_publisher            ? 
_citation.pdbx_database_id_PubMed   ? 
_citation.pdbx_database_id_DOI      ? 
# 
loop_
_citation_author.citation_id 
_citation_author.name 
_citation_author.ordinal 
_citation_author.identifier_ORCID 
primary 'Artz, J.'         1  ? 
primary 'Qiu, W.'          2  ? 
primary 'Min, J.R.'        3  ? 
primary 'Dong, A.'         4  ? 
primary 'Lew, J.'          5  ? 
primary 'Melone, M.'       6  ? 
primary 'Alam, Z.'         7  ? 
primary 'Weigelt, J.'      8  ? 
primary 'Sundstrom, M.'    9  ? 
primary 'Edwards, A.M.'    10 ? 
primary 'Arrowsmith, C.H.' 11 ? 
primary 'Bochkarev, A.'    12 ? 
primary 'Hui, R.'          13 ? 
# 
_cell.entry_id           2H01 
_cell.length_a           105.076 
_cell.length_b           105.076 
_cell.length_c           41.833 
_cell.angle_alpha        90.00 
_cell.angle_beta         90.00 
_cell.angle_gamma        90.00 
_cell.Z_PDB              8 
_cell.pdbx_unique_axis   ? 
_cell.length_a_esd       ? 
_cell.length_b_esd       ? 
_cell.length_c_esd       ? 
_cell.angle_alpha_esd    ? 
_cell.angle_beta_esd     ? 
_cell.angle_gamma_esd    ? 
# 
_symmetry.entry_id                         2H01 
_symmetry.space_group_name_H-M             'P 4 2 2' 
_symmetry.pdbx_full_space_group_name_H-M   ? 
_symmetry.cell_setting                     ? 
_symmetry.Int_Tables_number                89 
_symmetry.space_group_name_Hall            ? 
# 
loop_
_entity.id 
_entity.type 
_entity.src_method 
_entity.pdbx_description 
_entity.formula_weight 
_entity.pdbx_number_of_molecules 
_entity.pdbx_ec 
_entity.pdbx_mutation 
_entity.pdbx_fragment 
_entity.details 
1 polymer man '2-CYS PEROXIREDOXIN' 21370.436 1  1.11.1.- ? ? ? 
2 water   nat water                 18.015    54 ?        ? ? ? 
# 
_entity_name_sys.entity_id   1 
_entity_name_sys.name        E.C.1.11.1.- 
# 
_entity_poly.entity_id                      1 
_entity_poly.type                           'polypeptide(L)' 
_entity_poly.nstd_linkage                   no 
_entity_poly.nstd_monomer                   no 
_entity_poly.pdbx_seq_one_letter_code       
;AFQGQAPSFKAEAVFGDNTFGEVSLSDFIGKKYVLLYFYPLDFTFVCPSEIIALDKALDSFKERNVELLGCSVDSKFTHL
AWKKTPLSQGGIGNIKHTLISDISKSIARSYDVLFNESVALRAFVLIDKQGVVQHLLVNNLALGRSVDEILRLIDALQHH
EKYGDVCPANWQKGKESMKPSEEGVAKYLSNL
;
_entity_poly.pdbx_seq_one_letter_code_can   
;AFQGQAPSFKAEAVFGDNTFGEVSLSDFIGKKYVLLYFYPLDFTFVCPSEIIALDKALDSFKERNVELLGCSVDSKFTHL
AWKKTPLSQGGIGNIKHTLISDISKSIARSYDVLFNESVALRAFVLIDKQGVVQHLLVNNLALGRSVDEILRLIDALQHH
EKYGDVCPANWQKGKESMKPSEEGVAKYLSNL
;
_entity_poly.pdbx_strand_id                 A 
_entity_poly.pdbx_target_identifier         ? 
# 
loop_
_entity_poly_seq.entity_id 
_entity_poly_seq.num 
_entity_poly_seq.mon_id 
_entity_poly_seq.hetero 
1 1   ALA n 
1 2   PHE n 
1 3   GLN n 
1 4   GLY n 
1 5   GLN n 
1 6   ALA n 
1 7   PRO n 
1 8   SER n 
1 9   PHE n 
1 10  LYS n 
1 11  ALA n 
1 12  GLU n 
1 13  ALA n 
1 14  VAL n 
1 15  PHE n 
1 16  GLY n 
1 17  ASP n 
1 18  ASN n 
1 19  THR n 
1 20  PHE n 
1 21  GLY n 
1 22  GLU n 
1 23  VAL n 
1 24  SER n 
1 25  LEU n 
1 26  SER n 
1 27  ASP n 
1 28  PHE n 
1 29  ILE n 
1 30  GLY n 
1 31  LYS n 
1 32  LYS n 
1 33  TYR n 
1 34  VAL n 
1 35  LEU n 
1 36  LEU n 
1 37  TYR n 
1 38  PHE n 
1 39  TYR n 
1 40  PRO n 
1 41  LEU n 
1 42  ASP n 
1 43  PHE n 
1 44  THR n 
1 45  PHE n 
1 46  VAL n 
1 47  CYS n 
1 48  PRO n 
1 49  SER n 
1 50  GLU n 
1 51  ILE n 
1 52  ILE n 
1 53  ALA n 
1 54  LEU n 
1 55  ASP n 
1 56  LYS n 
1 57  ALA n 
1 58  LEU n 
1 59  ASP n 
1 60  SER n 
1 61  PHE n 
1 62  LYS n 
1 63  GLU n 
1 64  ARG n 
1 65  ASN n 
1 66  VAL n 
1 67  GLU n 
1 68  LEU n 
1 69  LEU n 
1 70  GLY n 
1 71  CYS n 
1 72  SER n 
1 73  VAL n 
1 74  ASP n 
1 75  SER n 
1 76  LYS n 
1 77  PHE n 
1 78  THR n 
1 79  HIS n 
1 80  LEU n 
1 81  ALA n 
1 82  TRP n 
1 83  LYS n 
1 84  LYS n 
1 85  THR n 
1 86  PRO n 
1 87  LEU n 
1 88  SER n 
1 89  GLN n 
1 90  GLY n 
1 91  GLY n 
1 92  ILE n 
1 93  GLY n 
1 94  ASN n 
1 95  ILE n 
1 96  LYS n 
1 97  HIS n 
1 98  THR n 
1 99  LEU n 
1 100 ILE n 
1 101 SER n 
1 102 ASP n 
1 103 ILE n 
1 104 SER n 
1 105 LYS n 
1 106 SER n 
1 107 ILE n 
1 108 ALA n 
1 109 ARG n 
1 110 SER n 
1 111 TYR n 
1 112 ASP n 
1 113 VAL n 
1 114 LEU n 
1 115 PHE n 
1 116 ASN n 
1 117 GLU n 
1 118 SER n 
1 119 VAL n 
1 120 ALA n 
1 121 LEU n 
1 122 ARG n 
1 123 ALA n 
1 124 PHE n 
1 125 VAL n 
1 126 LEU n 
1 127 ILE n 
1 128 ASP n 
1 129 LYS n 
1 130 GLN n 
1 131 GLY n 
1 132 VAL n 
1 133 VAL n 
1 134 GLN n 
1 135 HIS n 
1 136 LEU n 
1 137 LEU n 
1 138 VAL n 
1 139 ASN n 
1 140 ASN n 
1 141 LEU n 
1 142 ALA n 
1 143 LEU n 
1 144 GLY n 
1 145 ARG n 
1 146 SER n 
1 147 VAL n 
1 148 ASP n 
1 149 GLU n 
1 150 ILE n 
1 151 LEU n 
1 152 ARG n 
1 153 LEU n 
1 154 ILE n 
1 155 ASP n 
1 156 ALA n 
1 157 LEU n 
1 158 GLN n 
1 159 HIS n 
1 160 HIS n 
1 161 GLU n 
1 162 LYS n 
1 163 TYR n 
1 164 GLY n 
1 165 ASP n 
1 166 VAL n 
1 167 CYS n 
1 168 PRO n 
1 169 ALA n 
1 170 ASN n 
1 171 TRP n 
1 172 GLN n 
1 173 LYS n 
1 174 GLY n 
1 175 LYS n 
1 176 GLU n 
1 177 SER n 
1 178 MET n 
1 179 LYS n 
1 180 PRO n 
1 181 SER n 
1 182 GLU n 
1 183 GLU n 
1 184 GLY n 
1 185 VAL n 
1 186 ALA n 
1 187 LYS n 
1 188 TYR n 
1 189 LEU n 
1 190 SER n 
1 191 ASN n 
1 192 LEU n 
# 
_entity_src_gen.entity_id                          1 
_entity_src_gen.pdbx_src_id                        1 
_entity_src_gen.pdbx_alt_source_flag               sample 
_entity_src_gen.pdbx_seq_type                      ? 
_entity_src_gen.pdbx_beg_seq_num                   ? 
_entity_src_gen.pdbx_end_seq_num                   ? 
_entity_src_gen.gene_src_common_name               ? 
_entity_src_gen.gene_src_genus                     Plasmodium 
_entity_src_gen.pdbx_gene_src_gene                 ? 
_entity_src_gen.gene_src_species                   ? 
_entity_src_gen.gene_src_strain                    ? 
_entity_src_gen.gene_src_tissue                    ? 
_entity_src_gen.gene_src_tissue_fraction           ? 
_entity_src_gen.gene_src_details                   ? 
_entity_src_gen.pdbx_gene_src_fragment             ? 
_entity_src_gen.pdbx_gene_src_scientific_name      'Plasmodium yoelii' 
_entity_src_gen.pdbx_gene_src_ncbi_taxonomy_id     5861 
_entity_src_gen.pdbx_gene_src_variant              ? 
_entity_src_gen.pdbx_gene_src_cell_line            ? 
_entity_src_gen.pdbx_gene_src_atcc                 ? 
_entity_src_gen.pdbx_gene_src_organ                ? 
_entity_src_gen.pdbx_gene_src_organelle            ? 
_entity_src_gen.pdbx_gene_src_cell                 ? 
_entity_src_gen.pdbx_gene_src_cellular_location    ? 
_entity_src_gen.host_org_common_name               ? 
_entity_src_gen.pdbx_host_org_scientific_name      'Escherichia coli' 
_entity_src_gen.pdbx_host_org_ncbi_taxonomy_id     562 
_entity_src_gen.host_org_genus                     Escherichia 
_entity_src_gen.pdbx_host_org_gene                 ? 
_entity_src_gen.pdbx_host_org_organ                ? 
_entity_src_gen.host_org_species                   ? 
_entity_src_gen.pdbx_host_org_tissue               ? 
_entity_src_gen.pdbx_host_org_tissue_fraction      ? 
_entity_src_gen.pdbx_host_org_strain               ? 
_entity_src_gen.pdbx_host_org_variant              ? 
_entity_src_gen.pdbx_host_org_cell_line            ? 
_entity_src_gen.pdbx_host_org_atcc                 ? 
_entity_src_gen.pdbx_host_org_culture_collection   ? 
_entity_src_gen.pdbx_host_org_cell                 ? 
_entity_src_gen.pdbx_host_org_organelle            ? 
_entity_src_gen.pdbx_host_org_cellular_location    ? 
_entity_src_gen.pdbx_host_org_vector_type          ? 
_entity_src_gen.pdbx_host_org_vector               ? 
_entity_src_gen.host_org_details                   ? 
_entity_src_gen.expression_system_id               ? 
_entity_src_gen.plasmid_name                       ? 
_entity_src_gen.plasmid_details                    ? 
_entity_src_gen.pdbx_description                   ? 
# 
_struct_ref.id                         1 
_struct_ref.entity_id                  1 
_struct_ref.db_name                    UNP 
_struct_ref.db_code                    Q86SB2_9APIC 
_struct_ref.pdbx_db_accession          Q86SB2 
_struct_ref.pdbx_align_begin           8 
_struct_ref.pdbx_seq_one_letter_code   
;QAPSFKAEAVFGDNTFGEVSLSDFIGKKYVLLYFYPLDFTFVCPSEIIALDKALDSFKERNVELLGCSVDSKFTHLAWKK
TPLSQGGIGNIKHTLISDISKSIARSYDVLFNESVALRAFVLIDKQGVVQHLLVNNLALGRSVDEILRLIDALQHHEKYG
DVCPANWQKGKESMKPSEEGVAKYLSNL
;
_struct_ref.pdbx_db_isoform            ? 
# 
_struct_ref_seq.align_id                      1 
_struct_ref_seq.ref_id                        1 
_struct_ref_seq.pdbx_PDB_id_code              2H01 
_struct_ref_seq.pdbx_strand_id                A 
_struct_ref_seq.seq_align_beg                 5 
_struct_ref_seq.pdbx_seq_align_beg_ins_code   ? 
_struct_ref_seq.seq_align_end                 192 
_struct_ref_seq.pdbx_seq_align_end_ins_code   ? 
_struct_ref_seq.pdbx_db_accession             Q86SB2 
_struct_ref_seq.db_align_beg                  8 
_struct_ref_seq.pdbx_db_align_beg_ins_code    ? 
_struct_ref_seq.db_align_end                  195 
_struct_ref_seq.pdbx_db_align_end_ins_code    ? 
_struct_ref_seq.pdbx_auth_seq_align_beg       2 
_struct_ref_seq.pdbx_auth_seq_align_end       189 
# 
loop_
_struct_ref_seq_dif.align_id 
_struct_ref_seq_dif.pdbx_pdb_id_code 
_struct_ref_seq_dif.mon_id 
_struct_ref_seq_dif.pdbx_pdb_strand_id 
_struct_ref_seq_dif.seq_num 
_struct_ref_seq_dif.pdbx_pdb_ins_code 
_struct_ref_seq_dif.pdbx_seq_db_name 
_struct_ref_seq_dif.pdbx_seq_db_accession_code 
_struct_ref_seq_dif.db_mon_id 
_struct_ref_seq_dif.pdbx_seq_db_seq_num 
_struct_ref_seq_dif.details 
_struct_ref_seq_dif.pdbx_auth_seq_num 
_struct_ref_seq_dif.pdbx_ordinal 
1 2H01 ALA A 1 ? UNP Q86SB2 ? ? 'expression tag' -2 1 
1 2H01 PHE A 2 ? UNP Q86SB2 ? ? 'expression tag' -1 2 
1 2H01 GLN A 3 ? UNP Q86SB2 ? ? 'expression tag' 0  3 
1 2H01 GLY A 4 ? UNP Q86SB2 ? ? 'expression tag' 1  4 
# 
loop_
_chem_comp.id 
_chem_comp.type 
_chem_comp.mon_nstd_flag 
_chem_comp.name 
_chem_comp.pdbx_synonyms 
_chem_comp.formula 
_chem_comp.formula_weight 
ALA 'L-peptide linking' y ALANINE         ? 'C3 H7 N O2'     89.093  
ARG 'L-peptide linking' y ARGININE        ? 'C6 H15 N4 O2 1' 175.209 
ASN 'L-peptide linking' y ASPARAGINE      ? 'C4 H8 N2 O3'    132.118 
ASP 'L-peptide linking' y 'ASPARTIC ACID' ? 'C4 H7 N O4'     133.103 
CYS 'L-peptide linking' y CYSTEINE        ? 'C3 H7 N O2 S'   121.158 
GLN 'L-peptide linking' y GLUTAMINE       ? 'C5 H10 N2 O3'   146.144 
GLU 'L-peptide linking' y 'GLUTAMIC ACID' ? 'C5 H9 N O4'     147.129 
GLY 'peptide linking'   y GLYCINE         ? 'C2 H5 N O2'     75.067  
HIS 'L-peptide linking' y HISTIDINE       ? 'C6 H10 N3 O2 1' 156.162 
HOH non-polymer         . WATER           ? 'H2 O'           18.015  
ILE 'L-peptide linking' y ISOLEUCINE      ? 'C6 H13 N O2'    131.173 
LEU 'L-peptide linking' y LEUCINE         ? 'C6 H13 N O2'    131.173 
LYS 'L-peptide linking' y LYSINE          ? 'C6 H15 N2 O2 1' 147.195 
MET 'L-peptide linking' y METHIONINE      ? 'C5 H11 N O2 S'  149.211 
PHE 'L-peptide linking' y PHENYLALANINE   ? 'C9 H11 N O2'    165.189 
PRO 'L-peptide linking' y PROLINE         ? 'C5 H9 N O2'     115.130 
SER 'L-peptide linking' y SERINE          ? 'C3 H7 N O3'     105.093 
THR 'L-peptide linking' y THREONINE       ? 'C4 H9 N O3'     119.119 
TRP 'L-peptide linking' y TRYPTOPHAN      ? 'C11 H12 N2 O2'  204.225 
TYR 'L-peptide linking' y TYROSINE        ? 'C9 H11 N O3'    181.189 
VAL 'L-peptide linking' y VALINE          ? 'C5 H11 N O2'    117.146 
# 
_exptl.entry_id          2H01 
_exptl.method            'X-RAY DIFFRACTION' 
_exptl.crystals_number   1 
# 
_exptl_crystal.id                    1 
_exptl_crystal.density_meas          ? 
_exptl_crystal.density_Matthews      2.70 
_exptl_crystal.density_percent_sol   54.46 
_exptl_crystal.description           ? 
_exptl_crystal.F_000                 ? 
_exptl_crystal.preparation           ? 
# 
_exptl_crystal_grow.crystal_id      1 
_exptl_crystal_grow.method          'VAPOR DIFFUSION, HANGING DROP' 
_exptl_crystal_grow.temp            300 
_exptl_crystal_grow.pH              6.8 
_exptl_crystal_grow.pdbx_details    
;1.6 M AMMONIUM SULFATE, 100  HEPES, PH 6.8, 200 MM NAAC, 20 MM NABR, 5% ETHYLENE GLYCOL, , VAPOR DIFFUSION, HANGING DROP, temperature 300K
;
_exptl_crystal_grow.temp_details    ? 
_exptl_crystal_grow.pdbx_pH_range   . 
# 
_diffrn.id                     1 
_diffrn.ambient_temp           100 
_diffrn.ambient_temp_details   ? 
_diffrn.crystal_id             1 
# 
_diffrn_detector.diffrn_id              1 
_diffrn_detector.detector               'IMAGE PLATE' 
_diffrn_detector.type                   'RIGAKU RAXIS V' 
_diffrn_detector.pdbx_collection_date   2005-12-01 
_diffrn_detector.details                ? 
# 
_diffrn_radiation.diffrn_id                        1 
_diffrn_radiation.wavelength_id                    1 
_diffrn_radiation.pdbx_monochromatic_or_laue_m_l   M 
_diffrn_radiation.monochromator                    varimax 
_diffrn_radiation.pdbx_diffrn_protocol             'SINGLE WAVELENGTH' 
_diffrn_radiation.pdbx_scattering_type             x-ray 
# 
_diffrn_radiation_wavelength.id           1 
_diffrn_radiation_wavelength.wavelength   1.5418 
_diffrn_radiation_wavelength.wt           1.0 
# 
_diffrn_source.diffrn_id                   1 
_diffrn_source.source                      'ROTATING ANODE' 
_diffrn_source.type                        RIGAKU 
_diffrn_source.pdbx_synchrotron_site       ? 
_diffrn_source.pdbx_synchrotron_beamline   ? 
_diffrn_source.pdbx_wavelength             ? 
_diffrn_source.pdbx_wavelength_list        1.5418 
# 
_reflns.entry_id                     2H01 
_reflns.observed_criterion_sigma_F   0 
_reflns.observed_criterion_sigma_I   0 
_reflns.d_resolution_high            2.3 
_reflns.d_resolution_low             100 
_reflns.number_all                   10337 
_reflns.number_obs                   10337 
_reflns.percent_possible_obs         94.6 
_reflns.pdbx_Rmerge_I_obs            ? 
_reflns.pdbx_Rsym_value              ? 
_reflns.pdbx_netI_over_sigmaI        ? 
_reflns.B_iso_Wilson_estimate        ? 
_reflns.pdbx_redundancy              ? 
_reflns.R_free_details               ? 
_reflns.limit_h_max                  ? 
_reflns.limit_h_min                  ? 
_reflns.limit_k_max                  ? 
_reflns.limit_k_min                  ? 
_reflns.limit_l_max                  ? 
_reflns.limit_l_min                  ? 
_reflns.observed_criterion_F_max     ? 
_reflns.observed_criterion_F_min     ? 
_reflns.pdbx_chi_squared             ? 
_reflns.pdbx_scaling_rejects         ? 
_reflns.pdbx_diffrn_id               1 
_reflns.pdbx_ordinal                 1 
# 
_reflns_shell.d_res_high             2.30 
_reflns_shell.d_res_low              2.36 
_reflns_shell.percent_possible_all   91.5 
_reflns_shell.Rmerge_I_obs           ? 
_reflns_shell.pdbx_Rsym_value        ? 
_reflns_shell.meanI_over_sigI_obs    ? 
_reflns_shell.pdbx_redundancy        ? 
_reflns_shell.percent_possible_obs   ? 
_reflns_shell.number_unique_all      ? 
_reflns_shell.number_measured_all    ? 
_reflns_shell.number_measured_obs    ? 
_reflns_shell.number_unique_obs      ? 
_reflns_shell.pdbx_chi_squared       ? 
_reflns_shell.pdbx_diffrn_id         ? 
_reflns_shell.pdbx_ordinal           1 
# 
_refine.entry_id                                 2H01 
_refine.ls_d_res_high                            2.30 
_refine.ls_d_res_low                             100 
_refine.pdbx_ls_sigma_F                          0 
_refine.pdbx_ls_sigma_I                          ? 
_refine.ls_number_reflns_all                     10337 
_refine.ls_number_reflns_obs                     10337 
_refine.ls_number_reflns_R_free                  542 
_refine.ls_percent_reflns_obs                    ? 
_refine.ls_R_factor_all                          0.264 
_refine.ls_R_factor_obs                          0.258 
_refine.ls_R_factor_R_work                       0.258 
_refine.ls_R_factor_R_free                       0.288 
_refine.ls_redundancy_reflns_obs                 ? 
_refine.pdbx_data_cutoff_high_absF               ? 
_refine.pdbx_data_cutoff_low_absF                ? 
_refine.ls_number_parameters                     ? 
_refine.ls_number_restraints                     ? 
_refine.ls_percent_reflns_R_free                 ? 
_refine.ls_R_factor_R_free_error                 ? 
_refine.ls_R_factor_R_free_error_details         ? 
_refine.pdbx_method_to_determine_struct          'MOLECULAR REPLACEMENT' 
_refine.pdbx_starting_model                      'PDB ENTRY 1ZOF' 
_refine.pdbx_ls_cross_valid_method               THROUGHOUT 
_refine.pdbx_R_Free_selection_details            random 
_refine.pdbx_stereochem_target_val_spec_case     ? 
_refine.pdbx_stereochemistry_target_values       'Engh & Huber' 
_refine.solvent_model_details                    ? 
_refine.solvent_model_param_bsol                 ? 
_refine.solvent_model_param_ksol                 ? 
_refine.occupancy_max                            ? 
_refine.occupancy_min                            ? 
_refine.pdbx_isotropic_thermal_model             ? 
_refine.B_iso_mean                               ? 
_refine.aniso_B[1][1]                            ? 
_refine.aniso_B[1][2]                            ? 
_refine.aniso_B[1][3]                            ? 
_refine.aniso_B[2][2]                            ? 
_refine.aniso_B[2][3]                            ? 
_refine.aniso_B[3][3]                            ? 
_refine.details                                  ? 
_refine.B_iso_min                                ? 
_refine.B_iso_max                                ? 
_refine.correlation_coeff_Fo_to_Fc               ? 
_refine.correlation_coeff_Fo_to_Fc_free          ? 
_refine.pdbx_solvent_vdw_probe_radii             ? 
_refine.pdbx_solvent_ion_probe_radii             ? 
_refine.pdbx_solvent_shrinkage_radii             ? 
_refine.overall_SU_R_Cruickshank_DPI             ? 
_refine.overall_SU_R_free                        ? 
_refine.overall_SU_ML                            ? 
_refine.overall_SU_B                             ? 
_refine.pdbx_overall_ESU_R_Free                  ? 
_refine.pdbx_data_cutoff_high_rms_absF           ? 
_refine.pdbx_overall_ESU_R                       ? 
_refine.ls_wR_factor_R_free                      ? 
_refine.ls_wR_factor_R_work                      ? 
_refine.overall_FOM_free_R_set                   ? 
_refine.overall_FOM_work_R_set                   ? 
_refine.pdbx_refine_id                           'X-RAY DIFFRACTION' 
_refine.pdbx_diffrn_id                           1 
_refine.pdbx_TLS_residual_ADP_flag               ? 
_refine.pdbx_overall_phase_error                 ? 
_refine.pdbx_overall_SU_R_free_Cruickshank_DPI   ? 
_refine.pdbx_overall_SU_R_Blow_DPI               ? 
_refine.pdbx_overall_SU_R_free_Blow_DPI          ? 
# 
_refine_hist.pdbx_refine_id                   'X-RAY DIFFRACTION' 
_refine_hist.cycle_id                         LAST 
_refine_hist.pdbx_number_atoms_protein        1368 
_refine_hist.pdbx_number_atoms_nucleic_acid   0 
_refine_hist.pdbx_number_atoms_ligand         0 
_refine_hist.number_atoms_solvent             54 
_refine_hist.number_atoms_total               1422 
_refine_hist.d_res_high                       2.30 
_refine_hist.d_res_low                        100 
# 
_struct.entry_id                  2H01 
_struct.title                     'PY00414- Plasmodium yoelii thioredoxin peroxidase I' 
_struct.pdbx_model_details        ? 
_struct.pdbx_CASP_flag            ? 
_struct.pdbx_model_type_details   ? 
# 
_struct_keywords.entry_id        2H01 
_struct_keywords.pdbx_keywords   OXIDOREDUCTASE 
_struct_keywords.text            'THIOREDOXIN PEROXIDASE; STRUCTURAL GENOMICS; SGC, Structural Genomics Consortium, OXIDOREDUCTASE' 
# 
loop_
_struct_asym.id 
_struct_asym.pdbx_blank_PDB_chainid_flag 
_struct_asym.pdbx_modified 
_struct_asym.entity_id 
_struct_asym.details 
A N N 1 ? 
B N N 2 ? 
# 
loop_
_struct_conf.conf_type_id 
_struct_conf.id 
_struct_conf.pdbx_PDB_helix_id 
_struct_conf.beg_label_comp_id 
_struct_conf.beg_label_asym_id 
_struct_conf.beg_label_seq_id 
_struct_conf.pdbx_beg_PDB_ins_code 
_struct_conf.end_label_comp_id 
_struct_conf.end_label_asym_id 
_struct_conf.end_label_seq_id 
_struct_conf.pdbx_end_PDB_ins_code 
_struct_conf.beg_auth_comp_id 
_struct_conf.beg_auth_asym_id 
_struct_conf.beg_auth_seq_id 
_struct_conf.end_auth_comp_id 
_struct_conf.end_auth_asym_id 
_struct_conf.end_auth_seq_id 
_struct_conf.pdbx_PDB_helix_class 
_struct_conf.details 
_struct_conf.pdbx_PDB_helix_length 
HELX_P HELX_P1 1 SER A 26  ? ILE A 29  ? SER A 23  ILE A 26  5 ? 4  
HELX_P HELX_P2 2 PRO A 48  ? ALA A 57  ? PRO A 45  ALA A 54  1 ? 10 
HELX_P HELX_P3 3 ALA A 57  ? ARG A 64  ? ALA A 54  ARG A 61  1 ? 8  
HELX_P HELX_P4 4 SER A 75  ? LYS A 84  ? SER A 72  LYS A 81  1 ? 10 
HELX_P HELX_P5 5 PRO A 86  ? GLY A 90  ? PRO A 83  GLY A 87  5 ? 5  
HELX_P HELX_P6 6 LYS A 105 ? TYR A 111 ? LYS A 102 TYR A 108 1 ? 7  
HELX_P HELX_P7 7 ASN A 140 ? ALA A 142 ? ASN A 137 ALA A 139 5 ? 3  
HELX_P HELX_P8 8 LEU A 143 ? ARG A 145 ? LEU A 140 ARG A 142 5 ? 3  
HELX_P HELX_P9 9 SER A 146 ? GLY A 164 ? SER A 143 GLY A 161 1 ? 19 
# 
_struct_conf_type.id          HELX_P 
_struct_conf_type.criteria    ? 
_struct_conf_type.reference   ? 
# 
loop_
_struct_sheet.id 
_struct_sheet.type 
_struct_sheet.number_strands 
_struct_sheet.details 
A ? 7 ? 
B ? 2 ? 
# 
loop_
_struct_sheet_order.sheet_id 
_struct_sheet_order.range_id_1 
_struct_sheet_order.range_id_2 
_struct_sheet_order.offset 
_struct_sheet_order.sense 
A 1 2 ? anti-parallel 
A 2 3 ? anti-parallel 
A 3 4 ? parallel      
A 4 5 ? parallel      
A 5 6 ? anti-parallel 
A 6 7 ? anti-parallel 
B 1 2 ? anti-parallel 
# 
loop_
_struct_sheet_range.sheet_id 
_struct_sheet_range.id 
_struct_sheet_range.beg_label_comp_id 
_struct_sheet_range.beg_label_asym_id 
_struct_sheet_range.beg_label_seq_id 
_struct_sheet_range.pdbx_beg_PDB_ins_code 
_struct_sheet_range.end_label_comp_id 
_struct_sheet_range.end_label_asym_id 
_struct_sheet_range.end_label_seq_id 
_struct_sheet_range.pdbx_end_PDB_ins_code 
_struct_sheet_range.beg_auth_comp_id 
_struct_sheet_range.beg_auth_asym_id 
_struct_sheet_range.beg_auth_seq_id 
_struct_sheet_range.end_auth_comp_id 
_struct_sheet_range.end_auth_asym_id 
_struct_sheet_range.end_auth_seq_id 
A 1 PHE A 20  ? SER A 24  ? PHE A 17  SER A 21  
A 2 LYS A 10  ? VAL A 14  ? LYS A 7   VAL A 11  
A 3 THR A 98  ? SER A 101 ? THR A 95  SER A 98  
A 4 VAL A 66  ? SER A 72  ? VAL A 63  SER A 69  
A 5 TYR A 33  ? PHE A 38  ? TYR A 30  PHE A 35  
A 6 ALA A 123 ? ILE A 127 ? ALA A 120 ILE A 124 
A 7 VAL A 133 ? VAL A 138 ? VAL A 130 VAL A 135 
B 1 LEU A 114 ? PHE A 115 ? LEU A 111 PHE A 112 
B 2 VAL A 119 ? ALA A 120 ? VAL A 116 ALA A 117 
# 
loop_
_pdbx_struct_sheet_hbond.sheet_id 
_pdbx_struct_sheet_hbond.range_id_1 
_pdbx_struct_sheet_hbond.range_id_2 
_pdbx_struct_sheet_hbond.range_1_label_atom_id 
_pdbx_struct_sheet_hbond.range_1_label_comp_id 
_pdbx_struct_sheet_hbond.range_1_label_asym_id 
_pdbx_struct_sheet_hbond.range_1_label_seq_id 
_pdbx_struct_sheet_hbond.range_1_PDB_ins_code 
_pdbx_struct_sheet_hbond.range_1_auth_atom_id 
_pdbx_struct_sheet_hbond.range_1_auth_comp_id 
_pdbx_struct_sheet_hbond.range_1_auth_asym_id 
_pdbx_struct_sheet_hbond.range_1_auth_seq_id 
_pdbx_struct_sheet_hbond.range_2_label_atom_id 
_pdbx_struct_sheet_hbond.range_2_label_comp_id 
_pdbx_struct_sheet_hbond.range_2_label_asym_id 
_pdbx_struct_sheet_hbond.range_2_label_seq_id 
_pdbx_struct_sheet_hbond.range_2_PDB_ins_code 
_pdbx_struct_sheet_hbond.range_2_auth_atom_id 
_pdbx_struct_sheet_hbond.range_2_auth_comp_id 
_pdbx_struct_sheet_hbond.range_2_auth_asym_id 
_pdbx_struct_sheet_hbond.range_2_auth_seq_id 
A 1 2 O VAL A 23  ? O VAL A 20  N ALA A 11  ? N ALA A 8   
A 2 3 N GLU A 12  ? N GLU A 9   O SER A 101 ? O SER A 98  
A 3 4 O ILE A 100 ? O ILE A 97  N GLY A 70  ? N GLY A 67  
A 4 5 O GLU A 67  ? O GLU A 64  N TYR A 33  ? N TYR A 30  
A 5 6 N LEU A 36  ? N LEU A 33  O VAL A 125 ? O VAL A 122 
A 6 7 N LEU A 126 ? N LEU A 123 O GLN A 134 ? O GLN A 131 
B 1 2 N PHE A 115 ? N PHE A 112 O VAL A 119 ? O VAL A 116 
# 
_atom_sites.entry_id                    2H01 
_atom_sites.fract_transf_matrix[1][1]   0.00229223 
_atom_sites.fract_transf_matrix[1][2]   0.00689316 
_atom_sites.fract_transf_matrix[1][3]   -0.00614844 
_atom_sites.fract_transf_matrix[2][1]   -0.00627737 
_atom_sites.fract_transf_matrix[2][2]   -0.00348465 
_atom_sites.fract_transf_matrix[2][3]   -0.00624701 
_atom_sites.fract_transf_matrix[3][1]   -0.01701999 
_atom_sites.fract_transf_matrix[3][2]   0.01396602 
_atom_sites.fract_transf_matrix[3][3]   0.00931232 
_atom_sites.fract_transf_vector[1]      0.154010 
_atom_sites.fract_transf_vector[2]      0.394861 
_atom_sites.fract_transf_vector[3]      0.361996 
# 
loop_
_atom_type.symbol 
C 
N 
O 
S 
# 
loop_
_atom_site.group_PDB 
_atom_site.id 
_atom_site.type_symbol 
_atom_site.label_atom_id 
_atom_site.label_alt_id 
_atom_site.label_comp_id 
_atom_site.label_asym_id 
_atom_site.label_entity_id 
_atom_site.label_seq_id 
_atom_site.pdbx_PDB_ins_code 
_atom_site.Cartn_x 
_atom_site.Cartn_y 
_atom_site.Cartn_z 
_atom_site.occupancy 
_atom_site.B_iso_or_equiv 
_atom_site.pdbx_formal_charge 
_atom_site.auth_seq_id 
_atom_site.auth_comp_id 
_atom_site.auth_asym_id 
_atom_site.auth_atom_id 
_atom_site.pdbx_PDB_model_num 
ATOM   1    N N   . ALA A 1 1   ? -6.972  4.931   -17.366 1.00 57.48 ? -2  ALA A N   1 
ATOM   2    C CA  . ALA A 1 1   ? -6.200  5.150   -16.155 1.00 58.22 ? -2  ALA A CA  1 
ATOM   3    C C   . ALA A 1 1   ? -5.327  3.968   -15.744 1.00 59.25 ? -2  ALA A C   1 
ATOM   4    O O   . ALA A 1 1   ? -4.541  3.464   -16.531 1.00 59.52 ? -2  ALA A O   1 
ATOM   5    C CB  . ALA A 1 1   ? -5.379  6.413   -16.274 1.00 57.82 ? -2  ALA A CB  1 
ATOM   6    N N   . PHE A 1 2   ? -5.469  3.554   -14.489 1.00 60.40 ? -1  PHE A N   1 
ATOM   7    C CA  . PHE A 1 2   ? -5.062  2.229   -14.025 1.00 60.58 ? -1  PHE A CA  1 
ATOM   8    C C   . PHE A 1 2   ? -6.117  1.172   -14.332 1.00 59.47 ? -1  PHE A C   1 
ATOM   9    O O   . PHE A 1 2   ? -6.960  0.862   -13.501 1.00 59.04 ? -1  PHE A O   1 
ATOM   10   C CB  . PHE A 1 2   ? -4.800  2.260   -12.517 1.00 61.82 ? -1  PHE A CB  1 
ATOM   11   C CG  . PHE A 1 2   ? -5.739  3.150   -11.767 1.00 63.25 ? -1  PHE A CG  1 
ATOM   12   C CD1 . PHE A 1 2   ? -5.432  4.475   -11.561 1.00 64.69 ? -1  PHE A CD1 1 
ATOM   13   C CD2 . PHE A 1 2   ? -6.944  2.666   -11.290 1.00 63.54 ? -1  PHE A CD2 1 
ATOM   14   C CE1 . PHE A 1 2   ? -6.297  5.304   -10.878 1.00 64.32 ? -1  PHE A CE1 1 
ATOM   15   C CE2 . PHE A 1 2   ? -7.816  3.486   -10.621 1.00 62.58 ? -1  PHE A CE2 1 
ATOM   16   C CZ  . PHE A 1 2   ? -7.492  4.810   -10.415 1.00 63.30 ? -1  PHE A CZ  1 
ATOM   17   N N   . GLN A 1 3   ? -6.062  0.620   -15.535 1.00 57.66 ? 0   GLN A N   1 
ATOM   18   C CA  . GLN A 1 3   ? -6.097  -0.810  -15.718 1.00 55.50 ? 0   GLN A CA  1 
ATOM   19   C C   . GLN A 1 3   ? -5.337  -1.201  -16.961 1.00 54.01 ? 0   GLN A C   1 
ATOM   20   O O   . GLN A 1 3   ? -5.866  -1.269  -18.065 1.00 53.73 ? 0   GLN A O   1 
ATOM   21   C CB  . GLN A 1 3   ? -7.511  -1.320  -15.759 1.00 56.68 ? 0   GLN A CB  1 
ATOM   22   C CG  . GLN A 1 3   ? -7.573  -2.805  -15.892 1.00 57.39 ? 0   GLN A CG  1 
ATOM   23   C CD  . GLN A 1 3   ? -8.945  -3.280  -16.269 1.00 58.22 ? 0   GLN A CD  1 
ATOM   24   O OE1 . GLN A 1 3   ? -9.921  -2.916  -15.633 1.00 58.66 ? 0   GLN A OE1 1 
ATOM   25   N NE2 . GLN A 1 3   ? -9.026  -4.095  -17.305 1.00 59.49 ? 0   GLN A NE2 1 
ATOM   26   N N   . GLY A 1 4   ? -4.050  -1.369  -16.734 1.00 51.40 ? 1   GLY A N   1 
ATOM   27   C CA  . GLY A 1 4   ? -3.160  -2.340  -17.335 1.00 47.65 ? 1   GLY A CA  1 
ATOM   28   C C   . GLY A 1 4   ? -2.056  -2.367  -16.307 1.00 45.63 ? 1   GLY A C   1 
ATOM   29   O O   . GLY A 1 4   ? -2.244  -2.862  -15.203 1.00 45.62 ? 1   GLY A O   1 
ATOM   30   N N   . GLN A 1 5   ? -0.905  -1.819  -16.659 1.00 43.08 ? 2   GLN A N   1 
ATOM   31   C CA  . GLN A 1 5   ? 0.198   -1.744  -15.719 1.00 41.56 ? 2   GLN A CA  1 
ATOM   32   C C   . GLN A 1 5   ? -0.168  -0.662  -14.707 1.00 40.38 ? 2   GLN A C   1 
ATOM   33   O O   . GLN A 1 5   ? -0.691  0.388   -15.081 1.00 39.98 ? 2   GLN A O   1 
ATOM   34   C CB  . GLN A 1 5   ? 1.486   -1.335  -16.439 1.00 42.47 ? 2   GLN A CB  1 
ATOM   35   C CG  . GLN A 1 5   ? 2.238   -2.473  -17.085 1.00 44.99 ? 2   GLN A CG  1 
ATOM   36   C CD  . GLN A 1 5   ? 3.097   -3.218  -16.087 1.00 47.52 ? 2   GLN A CD  1 
ATOM   37   O OE1 . GLN A 1 5   ? 4.079   -2.676  -15.565 1.00 45.49 ? 2   GLN A OE1 1 
ATOM   38   N NE2 . GLN A 1 5   ? 2.730   -4.465  -15.805 1.00 48.51 ? 2   GLN A NE2 1 
ATOM   39   N N   . ALA A 1 6   ? 0.064   -0.922  -13.426 1.00 38.45 ? 3   ALA A N   1 
ATOM   40   C CA  . ALA A 1 6   ? -0.203  0.100   -12.425 1.00 36.51 ? 3   ALA A CA  1 
ATOM   41   C C   . ALA A 1 6   ? 0.881   1.152   -12.675 1.00 35.15 ? 3   ALA A C   1 
ATOM   42   O O   . ALA A 1 6   ? 2.007   0.807   -13.042 1.00 35.10 ? 3   ALA A O   1 
ATOM   43   C CB  . ALA A 1 6   ? -0.058  -0.472  -11.025 1.00 36.63 ? 3   ALA A CB  1 
ATOM   44   N N   . PRO A 1 7   ? 0.554   2.442   -12.496 1.00 32.72 ? 4   PRO A N   1 
ATOM   45   C CA  . PRO A 1 7   ? 1.505   3.540   -12.703 1.00 30.32 ? 4   PRO A CA  1 
ATOM   46   C C   . PRO A 1 7   ? 2.821   3.255   -11.992 1.00 28.48 ? 4   PRO A C   1 
ATOM   47   O O   . PRO A 1 7   ? 2.868   3.196   -10.764 1.00 27.02 ? 4   PRO A O   1 
ATOM   48   C CB  . PRO A 1 7   ? 0.767   4.732   -12.115 1.00 31.40 ? 4   PRO A CB  1 
ATOM   49   C CG  . PRO A 1 7   ? -0.655  4.426   -12.479 1.00 31.36 ? 4   PRO A CG  1 
ATOM   50   C CD  . PRO A 1 7   ? -0.763  2.968   -12.096 1.00 32.26 ? 4   PRO A CD  1 
ATOM   51   N N   . SER A 1 8   ? 3.891   3.079   -12.757 1.00 27.54 ? 5   SER A N   1 
ATOM   52   C CA  . SER A 1 8   ? 5.176   2.760   -12.153 1.00 27.82 ? 5   SER A CA  1 
ATOM   53   C C   . SER A 1 8   ? 5.809   3.922   -11.395 1.00 28.82 ? 5   SER A C   1 
ATOM   54   O O   . SER A 1 8   ? 5.307   5.049   -11.416 1.00 28.72 ? 5   SER A O   1 
ATOM   55   C CB  . SER A 1 8   ? 6.144   2.232   -13.218 1.00 26.52 ? 5   SER A CB  1 
ATOM   56   O OG  . SER A 1 8   ? 6.359   3.186   -14.241 1.00 24.98 ? 5   SER A OG  1 
ATOM   57   N N   . PHE A 1 9   ? 6.897   3.625   -10.690 1.00 28.56 ? 6   PHE A N   1 
ATOM   58   C CA  . PHE A 1 9   ? 7.621   4.647   -9.939  1.00 27.98 ? 6   PHE A CA  1 
ATOM   59   C C   . PHE A 1 9   ? 8.966   4.127   -9.430  1.00 28.48 ? 6   PHE A C   1 
ATOM   60   O O   . PHE A 1 9   ? 9.210   2.921   -9.372  1.00 28.58 ? 6   PHE A O   1 
ATOM   61   C CB  . PHE A 1 9   ? 6.764   5.182   -8.769  1.00 25.98 ? 6   PHE A CB  1 
ATOM   62   C CG  . PHE A 1 9   ? 6.374   4.129   -7.753  1.00 25.24 ? 6   PHE A CG  1 
ATOM   63   C CD1 . PHE A 1 9   ? 7.320   3.578   -6.897  1.00 24.51 ? 6   PHE A CD1 1 
ATOM   64   C CD2 . PHE A 1 9   ? 5.058   3.680   -7.668  1.00 23.77 ? 6   PHE A CD2 1 
ATOM   65   C CE1 . PHE A 1 9   ? 6.964   2.595   -5.977  1.00 24.82 ? 6   PHE A CE1 1 
ATOM   66   C CE2 . PHE A 1 9   ? 4.691   2.697   -6.752  1.00 23.49 ? 6   PHE A CE2 1 
ATOM   67   C CZ  . PHE A 1 9   ? 5.644   2.153   -5.905  1.00 24.41 ? 6   PHE A CZ  1 
ATOM   68   N N   . LYS A 1 10  ? 9.844   5.070   -9.144  1.00 28.62 ? 7   LYS A N   1 
ATOM   69   C CA  . LYS A 1 10  ? 11.123  4.806   -8.526  1.00 29.42 ? 7   LYS A CA  1 
ATOM   70   C C   . LYS A 1 10  ? 11.312  5.770   -7.364  1.00 29.35 ? 7   LYS A C   1 
ATOM   71   O O   . LYS A 1 10  ? 11.584  6.935   -7.563  1.00 30.05 ? 7   LYS A O   1 
ATOM   72   C CB  . LYS A 1 10  ? 12.242  5.006   -9.543  1.00 29.39 ? 7   LYS A CB  1 
ATOM   73   C CG  . LYS A 1 10  ? 13.458  4.158   -9.272  1.00 32.29 ? 7   LYS A CG  1 
ATOM   74   C CD  . LYS A 1 10  ? 14.756  4.874   -9.535  1.00 34.67 ? 7   LYS A CD  1 
ATOM   75   C CE  . LYS A 1 10  ? 14.795  5.477   -10.920 1.00 36.80 ? 7   LYS A CE  1 
ATOM   76   N NZ  . LYS A 1 10  ? 15.467  4.613   -11.923 1.00 38.12 ? 7   LYS A NZ  1 
ATOM   77   N N   . ALA A 1 11  ? 11.144  5.286   -6.148  1.00 28.89 ? 8   ALA A N   1 
ATOM   78   C CA  . ALA A 1 11  ? 11.224  6.177   -4.987  1.00 29.47 ? 8   ALA A CA  1 
ATOM   79   C C   . ALA A 1 11  ? 12.262  5.838   -3.929  1.00 29.51 ? 8   ALA A C   1 
ATOM   80   O O   . ALA A 1 11  ? 12.672  4.687   -3.793  1.00 28.98 ? 8   ALA A O   1 
ATOM   81   C CB  . ALA A 1 11  ? 9.850   6.278   -4.320  1.00 29.39 ? 8   ALA A CB  1 
ATOM   82   N N   . GLU A 1 12  ? 12.690  6.861   -3.191  1.00 30.93 ? 9   GLU A N   1 
ATOM   83   C CA  . GLU A 1 12  ? 13.641  6.684   -2.099  1.00 33.39 ? 9   GLU A CA  1 
ATOM   84   C C   . GLU A 1 12  ? 12.823  5.953   -1.038  1.00 33.04 ? 9   GLU A C   1 
ATOM   85   O O   . GLU A 1 12  ? 11.598  6.089   -1.004  1.00 33.33 ? 9   GLU A O   1 
ATOM   86   C CB  . GLU A 1 12  ? 14.119  8.035   -1.540  1.00 34.99 ? 9   GLU A CB  1 
ATOM   87   C CG  . GLU A 1 12  ? 15.025  8.856   -2.462  1.00 38.34 ? 9   GLU A CG  1 
ATOM   88   C CD  . GLU A 1 12  ? 16.301  8.119   -2.863  1.00 40.78 ? 9   GLU A CD  1 
ATOM   89   O OE1 . GLU A 1 12  ? 16.205  7.141   -3.634  1.00 41.99 ? 9   GLU A OE1 1 
ATOM   90   O OE2 . GLU A 1 12  ? 17.400  8.511   -2.408  1.00 41.51 ? 9   GLU A OE2 1 
ATOM   91   N N   . ALA A 1 13  ? 13.481  5.198   -0.171  1.00 31.87 ? 10  ALA A N   1 
ATOM   92   C CA  . ALA A 1 13  ? 12.742  4.447   0.829   1.00 32.67 ? 10  ALA A CA  1 
ATOM   93   C C   . ALA A 1 13  ? 13.487  4.183   2.122   1.00 32.59 ? 10  ALA A C   1 
ATOM   94   O O   . ALA A 1 13  ? 14.716  4.151   2.159   1.00 32.46 ? 10  ALA A O   1 
ATOM   95   C CB  . ALA A 1 13  ? 12.289  3.116   0.233   1.00 32.72 ? 10  ALA A CB  1 
ATOM   96   N N   . VAL A 1 14  ? 12.721  4.141   3.199   1.00 31.64 ? 11  VAL A N   1 
ATOM   97   C CA  . VAL A 1 14  ? 13.190  3.639   4.463   1.00 31.60 ? 11  VAL A CA  1 
ATOM   98   C C   . VAL A 1 14  ? 12.650  2.266   4.727   1.00 31.34 ? 11  VAL A C   1 
ATOM   99   O O   . VAL A 1 14  ? 11.445  2.062   4.792   1.00 31.35 ? 11  VAL A O   1 
ATOM   100  C CB  . VAL A 1 14  ? 12.746  4.491   5.602   1.00 31.90 ? 11  VAL A CB  1 
ATOM   101  C CG1 . VAL A 1 14  ? 13.503  4.115   6.838   1.00 31.52 ? 11  VAL A CG1 1 
ATOM   102  C CG2 . VAL A 1 14  ? 12.911  5.919   5.271   1.00 33.67 ? 11  VAL A CG2 1 
ATOM   103  N N   . PHE A 1 15  ? 13.557  1.324   4.902   1.00 32.35 ? 12  PHE A N   1 
ATOM   104  C CA  . PHE A 1 15  ? 13.145  -0.050  5.163   1.00 33.00 ? 12  PHE A CA  1 
ATOM   105  C C   . PHE A 1 15  ? 12.866  -0.327  6.637   1.00 34.40 ? 12  PHE A C   1 
ATOM   106  O O   . PHE A 1 15  ? 13.035  0.546   7.488   1.00 35.28 ? 12  PHE A O   1 
ATOM   107  C CB  . PHE A 1 15  ? 14.223  -1.008  4.647   1.00 32.35 ? 12  PHE A CB  1 
ATOM   108  C CG  . PHE A 1 15  ? 14.482  -0.893  3.167   1.00 31.38 ? 12  PHE A CG  1 
ATOM   109  C CD1 . PHE A 1 15  ? 13.470  -1.154  2.245   1.00 32.18 ? 12  PHE A CD1 1 
ATOM   110  C CD2 . PHE A 1 15  ? 15.740  -0.539  2.692   1.00 31.90 ? 12  PHE A CD2 1 
ATOM   111  C CE1 . PHE A 1 15  ? 13.710  -1.069  0.870   1.00 32.45 ? 12  PHE A CE1 1 
ATOM   112  C CE2 . PHE A 1 15  ? 15.990  -0.449  1.315   1.00 31.25 ? 12  PHE A CE2 1 
ATOM   113  C CZ  . PHE A 1 15  ? 14.973  -0.717  0.404   1.00 31.06 ? 12  PHE A CZ  1 
ATOM   114  N N   . GLY A 1 16  ? 12.429  -1.540  6.930   1.00 35.34 ? 13  GLY A N   1 
ATOM   115  C CA  . GLY A 1 16  ? 12.432  -2.033  8.291   1.00 36.60 ? 13  GLY A CA  1 
ATOM   116  C C   . GLY A 1 16  ? 13.775  -1.876  8.961   1.00 37.60 ? 13  GLY A C   1 
ATOM   117  O O   . GLY A 1 16  ? 13.878  -1.288  10.017  1.00 37.44 ? 13  GLY A O   1 
ATOM   118  N N   . ASP A 1 17  ? 14.801  -2.423  8.334   1.00 39.92 ? 14  ASP A N   1 
ATOM   119  C CA  . ASP A 1 17  ? 16.184  -2.049  8.596   1.00 41.79 ? 14  ASP A CA  1 
ATOM   120  C C   . ASP A 1 17  ? 16.369  -0.660  9.212   1.00 41.60 ? 14  ASP A C   1 
ATOM   121  O O   . ASP A 1 17  ? 17.281  -0.450  9.995   1.00 41.20 ? 14  ASP A O   1 
ATOM   122  C CB  . ASP A 1 17  ? 17.032  -2.170  7.327   1.00 44.28 ? 14  ASP A CB  1 
ATOM   123  C CG  . ASP A 1 17  ? 17.320  -3.603  6.946   1.00 49.28 ? 14  ASP A CG  1 
ATOM   124  O OD1 . ASP A 1 17  ? 18.224  -4.211  7.537   1.00 51.29 ? 14  ASP A OD1 1 
ATOM   125  O OD2 . ASP A 1 17  ? 16.705  -4.210  6.051   1.00 50.13 ? 14  ASP A OD2 1 
ATOM   126  N N   . ASN A 1 18  ? 15.506  0.287   8.865   1.00 40.71 ? 15  ASN A N   1 
ATOM   127  C CA  . ASN A 1 18  ? 15.810  1.708   9.036   1.00 39.66 ? 15  ASN A CA  1 
ATOM   128  C C   . ASN A 1 18  ? 16.983  2.119   8.174   1.00 38.93 ? 15  ASN A C   1 
ATOM   129  O O   . ASN A 1 18  ? 17.659  3.088   8.448   1.00 38.04 ? 15  ASN A O   1 
ATOM   130  C CB  . ASN A 1 18  ? 16.128  2.038   10.490  1.00 41.11 ? 15  ASN A CB  1 
ATOM   131  C CG  . ASN A 1 18  ? 14.898  2.215   11.336  1.00 41.78 ? 15  ASN A CG  1 
ATOM   132  O OD1 . ASN A 1 18  ? 13.784  2.206   10.852  1.00 43.99 ? 15  ASN A OD1 1 
ATOM   133  N ND2 . ASN A 1 18  ? 15.108  2.388   12.617  1.00 43.12 ? 15  ASN A ND2 1 
ATOM   134  N N   . THR A 1 19  ? 17.184  1.318   7.131   1.00 38.63 ? 16  THR A N   1 
ATOM   135  C CA  . THR A 1 19  ? 18.141  1.494   6.036   1.00 38.05 ? 16  THR A CA  1 
ATOM   136  C C   . THR A 1 19  ? 17.503  2.401   5.014   1.00 35.98 ? 16  THR A C   1 
ATOM   137  O O   . THR A 1 19  ? 16.304  2.336   4.821   1.00 35.94 ? 16  THR A O   1 
ATOM   138  C CB  . THR A 1 19  ? 18.327  0.101   5.359   1.00 39.97 ? 16  THR A CB  1 
ATOM   139  O OG1 . THR A 1 19  ? 19.174  -0.730  6.151   1.00 43.20 ? 16  THR A OG1 1 
ATOM   140  C CG2 . THR A 1 19  ? 19.037  0.193   4.058   1.00 41.31 ? 16  THR A CG2 1 
ATOM   141  N N   . PHE A 1 20  ? 18.281  3.233   4.334   1.00 33.68 ? 17  PHE A N   1 
ATOM   142  C CA  . PHE A 1 20  ? 17.691  3.963   3.219   1.00 30.94 ? 17  PHE A CA  1 
ATOM   143  C C   . PHE A 1 20  ? 17.923  3.125   1.997   1.00 29.49 ? 17  PHE A C   1 
ATOM   144  O O   . PHE A 1 20  ? 18.780  2.238   2.001   1.00 29.07 ? 17  PHE A O   1 
ATOM   145  C CB  . PHE A 1 20  ? 18.344  5.327   3.004   1.00 30.69 ? 17  PHE A CB  1 
ATOM   146  C CG  . PHE A 1 20  ? 17.964  6.351   4.029   1.00 31.13 ? 17  PHE A CG  1 
ATOM   147  C CD1 . PHE A 1 20  ? 16.705  6.326   4.624   1.00 31.91 ? 17  PHE A CD1 1 
ATOM   148  C CD2 . PHE A 1 20  ? 18.855  7.363   4.378   1.00 31.25 ? 17  PHE A CD2 1 
ATOM   149  C CE1 . PHE A 1 20  ? 16.341  7.295   5.556   1.00 33.24 ? 17  PHE A CE1 1 
ATOM   150  C CE2 . PHE A 1 20  ? 18.497  8.336   5.307   1.00 31.95 ? 17  PHE A CE2 1 
ATOM   151  C CZ  . PHE A 1 20  ? 17.244  8.305   5.896   1.00 32.06 ? 17  PHE A CZ  1 
ATOM   152  N N   . GLY A 1 21  ? 17.159  3.399   0.950   1.00 29.64 ? 18  GLY A N   1 
ATOM   153  C CA  . GLY A 1 21  ? 17.317  2.652   -0.279  1.00 29.34 ? 18  GLY A CA  1 
ATOM   154  C C   . GLY A 1 21  ? 16.332  3.120   -1.322  1.00 30.62 ? 18  GLY A C   1 
ATOM   155  O O   . GLY A 1 21  ? 15.557  4.040   -1.081  1.00 30.42 ? 18  GLY A O   1 
ATOM   156  N N   . GLU A 1 22  ? 16.364  2.481   -2.484  1.00 31.32 ? 19  GLU A N   1 
ATOM   157  C CA  . GLU A 1 22  ? 15.469  2.829   -3.565  1.00 33.63 ? 19  GLU A CA  1 
ATOM   158  C C   . GLU A 1 22  ? 14.523  1.674   -3.848  1.00 33.20 ? 19  GLU A C   1 
ATOM   159  O O   . GLU A 1 22  ? 14.890  0.509   -3.719  1.00 34.18 ? 19  GLU A O   1 
ATOM   160  C CB  . GLU A 1 22  ? 16.278  3.158   -4.813  1.00 36.40 ? 19  GLU A CB  1 
ATOM   161  C CG  . GLU A 1 22  ? 15.440  3.535   -6.020  1.00 44.08 ? 19  GLU A CG  1 
ATOM   162  C CD  . GLU A 1 22  ? 16.302  3.882   -7.218  1.00 49.13 ? 19  GLU A CD  1 
ATOM   163  O OE1 . GLU A 1 22  ? 17.122  3.025   -7.624  1.00 50.86 ? 19  GLU A OE1 1 
ATOM   164  O OE2 . GLU A 1 22  ? 16.162  5.009   -7.745  1.00 51.26 ? 19  GLU A OE2 1 
ATOM   165  N N   . VAL A 1 23  ? 13.276  1.998   -4.156  1.00 32.73 ? 20  VAL A N   1 
ATOM   166  C CA  . VAL A 1 23  ? 12.301  1.001   -4.551  1.00 32.19 ? 20  VAL A CA  1 
ATOM   167  C C   . VAL A 1 23  ? 11.532  1.372   -5.805  1.00 32.65 ? 20  VAL A C   1 
ATOM   168  O O   . VAL A 1 23  ? 11.081  2.494   -5.969  1.00 32.93 ? 20  VAL A O   1 
ATOM   169  C CB  . VAL A 1 23  ? 11.276  0.708   -3.454  1.00 33.48 ? 20  VAL A CB  1 
ATOM   170  C CG1 . VAL A 1 23  ? 10.183  -0.197  -4.003  1.00 33.51 ? 20  VAL A CG1 1 
ATOM   171  C CG2 . VAL A 1 23  ? 11.922  0.080   -2.274  1.00 33.66 ? 20  VAL A CG2 1 
ATOM   172  N N   . SER A 1 24  ? 11.348  0.391   -6.669  1.00 31.91 ? 21  SER A N   1 
ATOM   173  C CA  . SER A 1 24  ? 10.581  0.579   -7.895  1.00 29.93 ? 21  SER A CA  1 
ATOM   174  C C   . SER A 1 24  ? 9.435   -0.416  -7.831  1.00 28.68 ? 21  SER A C   1 
ATOM   175  O O   . SER A 1 24  ? 9.584   -1.514  -7.308  1.00 28.07 ? 21  SER A O   1 
ATOM   176  C CB  . SER A 1 24  ? 11.438  0.286   -9.138  1.00 31.99 ? 21  SER A CB  1 
ATOM   177  O OG  . SER A 1 24  ? 12.511  1.206   -9.287  1.00 35.03 ? 21  SER A OG  1 
ATOM   178  N N   . LEU A 1 25  ? 8.286   -0.033  -8.353  1.00 27.55 ? 22  LEU A N   1 
ATOM   179  C CA  . LEU A 1 25  ? 7.154   -0.930  -8.323  1.00 25.74 ? 22  LEU A CA  1 
ATOM   180  C C   . LEU A 1 25  ? 7.523   -2.222  -9.039  1.00 26.05 ? 22  LEU A C   1 
ATOM   181  O O   . LEU A 1 25  ? 7.210   -3.319  -8.571  1.00 27.84 ? 22  LEU A O   1 
ATOM   182  C CB  . LEU A 1 25  ? 5.956   -0.279  -9.002  1.00 22.82 ? 22  LEU A CB  1 
ATOM   183  C CG  . LEU A 1 25  ? 4.651   -1.043  -8.833  1.00 18.60 ? 22  LEU A CG  1 
ATOM   184  C CD1 . LEU A 1 25  ? 4.439   -1.347  -7.369  1.00 20.28 ? 22  LEU A CD1 1 
ATOM   185  C CD2 . LEU A 1 25  ? 3.504   -0.231  -9.376  1.00 16.95 ? 22  LEU A CD2 1 
ATOM   186  N N   . SER A 1 26  ? 8.219   -2.066  -10.161 1.00 27.47 ? 23  SER A N   1 
ATOM   187  C CA  . SER A 1 26  ? 8.644   -3.173  -11.008 1.00 29.27 ? 23  SER A CA  1 
ATOM   188  C C   . SER A 1 26  ? 9.575   -4.179  -10.341 1.00 30.04 ? 23  SER A C   1 
ATOM   189  O O   . SER A 1 26  ? 9.749   -5.283  -10.853 1.00 30.23 ? 23  SER A O   1 
ATOM   190  C CB  . SER A 1 26  ? 9.305   -2.626  -12.292 1.00 27.91 ? 23  SER A CB  1 
ATOM   191  O OG  . SER A 1 26  ? 10.529  -1.968  -12.007 1.00 27.69 ? 23  SER A OG  1 
ATOM   192  N N   . ASP A 1 27  ? 10.187  -3.810  -9.221  1.00 31.25 ? 24  ASP A N   1 
ATOM   193  C CA  . ASP A 1 27  ? 11.070  -4.746  -8.525  1.00 33.21 ? 24  ASP A CA  1 
ATOM   194  C C   . ASP A 1 27  ? 10.267  -5.955  -8.027  1.00 33.27 ? 24  ASP A C   1 
ATOM   195  O O   . ASP A 1 27  ? 10.829  -7.006  -7.728  1.00 33.47 ? 24  ASP A O   1 
ATOM   196  C CB  . ASP A 1 27  ? 11.729  -4.104  -7.295  1.00 35.03 ? 24  ASP A CB  1 
ATOM   197  C CG  . ASP A 1 27  ? 12.659  -2.959  -7.643  1.00 36.30 ? 24  ASP A CG  1 
ATOM   198  O OD1 . ASP A 1 27  ? 13.251  -2.976  -8.743  1.00 37.33 ? 24  ASP A OD1 1 
ATOM   199  O OD2 . ASP A 1 27  ? 12.815  -2.049  -6.794  1.00 37.23 ? 24  ASP A OD2 1 
ATOM   200  N N   . PHE A 1 28  ? 8.950   -5.797  -7.943  1.00 32.79 ? 25  PHE A N   1 
ATOM   201  C CA  . PHE A 1 28  ? 8.096   -6.861  -7.428  1.00 32.12 ? 25  PHE A CA  1 
ATOM   202  C C   . PHE A 1 28  ? 7.395   -7.736  -8.455  1.00 31.20 ? 25  PHE A C   1 
ATOM   203  O O   . PHE A 1 28  ? 6.750   -8.718  -8.096  1.00 31.40 ? 25  PHE A O   1 
ATOM   204  C CB  . PHE A 1 28  ? 7.079   -6.258  -6.459  1.00 31.45 ? 25  PHE A CB  1 
ATOM   205  C CG  . PHE A 1 28  ? 7.720   -5.485  -5.335  1.00 31.76 ? 25  PHE A CG  1 
ATOM   206  C CD1 . PHE A 1 28  ? 8.465   -6.145  -4.358  1.00 30.67 ? 25  PHE A CD1 1 
ATOM   207  C CD2 . PHE A 1 28  ? 7.608   -4.092  -5.272  1.00 30.66 ? 25  PHE A CD2 1 
ATOM   208  C CE1 . PHE A 1 28  ? 9.092   -5.433  -3.331  1.00 30.53 ? 25  PHE A CE1 1 
ATOM   209  C CE2 . PHE A 1 28  ? 8.226   -3.366  -4.253  1.00 30.52 ? 25  PHE A CE2 1 
ATOM   210  C CZ  . PHE A 1 28  ? 8.973   -4.036  -3.278  1.00 30.94 ? 25  PHE A CZ  1 
ATOM   211  N N   . ILE A 1 29  ? 7.464   -7.352  -9.718  1.00 20.00 ? 26  ILE A N   1 
ATOM   212  C CA  . ILE A 1 29  ? 6.890   -8.177  -10.763 1.00 20.00 ? 26  ILE A CA  1 
ATOM   213  C C   . ILE A 1 29  ? 7.387   -9.622  -10.719 1.00 20.00 ? 26  ILE A C   1 
ATOM   214  O O   . ILE A 1 29  ? 8.575   -9.877  -10.716 1.00 25.93 ? 26  ILE A O   1 
ATOM   215  C CB  . ILE A 1 29  ? 7.082   -7.533  -12.152 1.00 20.00 ? 26  ILE A CB  1 
ATOM   216  C CG1 . ILE A 1 29  ? 5.829   -6.760  -12.541 1.00 20.00 ? 26  ILE A CG1 1 
ATOM   217  C CG2 . ILE A 1 29  ? 7.306   -8.582  -13.184 1.00 20.00 ? 26  ILE A CG2 1 
ATOM   218  C CD1 . ILE A 1 29  ? 6.084   -5.360  -13.041 1.00 20.00 ? 26  ILE A CD1 1 
ATOM   219  N N   . GLY A 1 30  ? 6.456   -10.560 -10.662 1.00 27.51 ? 27  GLY A N   1 
ATOM   220  C CA  . GLY A 1 30  ? 6.805   -11.969 -10.624 1.00 28.81 ? 27  GLY A CA  1 
ATOM   221  C C   . GLY A 1 30  ? 7.449   -12.392 -9.319  1.00 30.15 ? 27  GLY A C   1 
ATOM   222  O O   . GLY A 1 30  ? 8.068   -13.457 -9.245  1.00 29.97 ? 27  GLY A O   1 
ATOM   223  N N   . LYS A 1 31  ? 7.314   -11.562 -8.289  1.00 30.41 ? 28  LYS A N   1 
ATOM   224  C CA  . LYS A 1 31  ? 7.889   -11.878 -6.991  1.00 30.65 ? 28  LYS A CA  1 
ATOM   225  C C   . LYS A 1 31  ? 6.824   -11.868 -5.906  1.00 29.94 ? 28  LYS A C   1 
ATOM   226  O O   . LYS A 1 31  ? 6.570   -12.883 -5.264  1.00 30.52 ? 28  LYS A O   1 
ATOM   227  C CB  . LYS A 1 31  ? 8.994   -10.877 -6.619  1.00 32.51 ? 28  LYS A CB  1 
ATOM   228  C CG  . LYS A 1 31  ? 10.169  -10.835 -7.592  1.00 33.99 ? 28  LYS A CG  1 
ATOM   229  C CD  . LYS A 1 31  ? 10.875  -12.177 -7.662  1.00 36.70 ? 28  LYS A CD  1 
ATOM   230  C CE  . LYS A 1 31  ? 11.802  -12.254 -8.863  1.00 40.12 ? 28  LYS A CE  1 
ATOM   231  N NZ  . LYS A 1 31  ? 12.768  -11.118 -8.894  1.00 43.70 ? 28  LYS A NZ  1 
ATOM   232  N N   . LYS A 1 32  ? 6.141   -10.735 -5.805  1.00 28.62 ? 29  LYS A N   1 
ATOM   233  C CA  . LYS A 1 32  ? 5.288   -10.387 -4.687  1.00 28.47 ? 29  LYS A CA  1 
ATOM   234  C C   . LYS A 1 32  ? 4.000   -9.758  -5.202  1.00 27.47 ? 29  LYS A C   1 
ATOM   235  O O   . LYS A 1 32  ? 3.996   -9.162  -6.263  1.00 29.37 ? 29  LYS A O   1 
ATOM   236  C CB  . LYS A 1 32  ? 6.012   -9.368  -3.826  1.00 29.01 ? 29  LYS A CB  1 
ATOM   237  C CG  . LYS A 1 32  ? 6.370   -9.853  -2.470  1.00 31.77 ? 29  LYS A CG  1 
ATOM   238  C CD  . LYS A 1 32  ? 7.483   -10.868 -2.512  1.00 34.65 ? 29  LYS A CD  1 
ATOM   239  C CE  . LYS A 1 32  ? 7.946   -11.169 -1.115  1.00 38.22 ? 29  LYS A CE  1 
ATOM   240  N NZ  . LYS A 1 32  ? 6.892   -11.911 -0.400  1.00 38.81 ? 29  LYS A NZ  1 
ATOM   241  N N   . TYR A 1 33  ? 2.917   -9.848  -4.436  1.00 25.82 ? 30  TYR A N   1 
ATOM   242  C CA  . TYR A 1 33  ? 1.765   -9.004  -4.716  1.00 23.63 ? 30  TYR A CA  1 
ATOM   243  C C   . TYR A 1 33  ? 2.135   -7.754  -3.920  1.00 21.85 ? 30  TYR A C   1 
ATOM   244  O O   . TYR A 1 33  ? 2.915   -7.844  -2.970  1.00 20.71 ? 30  TYR A O   1 
ATOM   245  C CB  . TYR A 1 33  ? 0.478   -9.606  -4.140  1.00 23.94 ? 30  TYR A CB  1 
ATOM   246  C CG  . TYR A 1 33  ? 0.046   -10.899 -4.772  1.00 22.49 ? 30  TYR A CG  1 
ATOM   247  C CD1 . TYR A 1 33  ? 0.764   -12.077 -4.554  1.00 23.82 ? 30  TYR A CD1 1 
ATOM   248  C CD2 . TYR A 1 33  ? -1.094  -10.952 -5.575  1.00 21.02 ? 30  TYR A CD2 1 
ATOM   249  C CE1 . TYR A 1 33  ? 0.357   -13.285 -5.117  1.00 24.92 ? 30  TYR A CE1 1 
ATOM   250  C CE2 . TYR A 1 33  ? -1.519  -12.148 -6.146  1.00 22.84 ? 30  TYR A CE2 1 
ATOM   251  C CZ  . TYR A 1 33  ? -0.787  -13.312 -5.915  1.00 24.66 ? 30  TYR A CZ  1 
ATOM   252  O OH  . TYR A 1 33  ? -1.184  -14.493 -6.484  1.00 23.59 ? 30  TYR A OH  1 
ATOM   253  N N   . VAL A 1 34  ? 1.591   -6.600  -4.284  1.00 19.99 ? 31  VAL A N   1 
ATOM   254  C CA  . VAL A 1 34  ? 1.931   -5.382  -3.556  1.00 19.30 ? 31  VAL A CA  1 
ATOM   255  C C   . VAL A 1 34  ? 0.709   -4.658  -3.018  1.00 18.80 ? 31  VAL A C   1 
ATOM   256  O O   . VAL A 1 34  ? -0.269  -4.491  -3.732  1.00 19.30 ? 31  VAL A O   1 
ATOM   257  C CB  . VAL A 1 34  ? 2.700   -4.378  -4.451  1.00 18.95 ? 31  VAL A CB  1 
ATOM   258  C CG1 . VAL A 1 34  ? 3.041   -3.113  -3.648  1.00 17.10 ? 31  VAL A CG1 1 
ATOM   259  C CG2 . VAL A 1 34  ? 3.972   -5.026  -5.000  1.00 16.98 ? 31  VAL A CG2 1 
ATOM   260  N N   . LEU A 1 35  ? 0.769   -4.257  -1.748  1.00 18.07 ? 32  LEU A N   1 
ATOM   261  C CA  . LEU A 1 35  ? -0.314  -3.482  -1.153  1.00 17.48 ? 32  LEU A CA  1 
ATOM   262  C C   . LEU A 1 35  ? 0.290   -2.096  -0.936  1.00 18.38 ? 32  LEU A C   1 
ATOM   263  O O   . LEU A 1 35  ? 1.034   -1.871  0.024   1.00 19.59 ? 32  LEU A O   1 
ATOM   264  C CB  . LEU A 1 35  ? -0.784  -4.063  0.189   1.00 15.42 ? 32  LEU A CB  1 
ATOM   265  C CG  . LEU A 1 35  ? -2.139  -3.604  0.789   1.00 14.34 ? 32  LEU A CG  1 
ATOM   266  C CD1 . LEU A 1 35  ? -2.075  -2.189  1.318   1.00 14.57 ? 32  LEU A CD1 1 
ATOM   267  C CD2 . LEU A 1 35  ? -3.217  -3.708  -0.258  1.00 14.29 ? 32  LEU A CD2 1 
ATOM   268  N N   . LEU A 1 36  ? -0.002  -1.186  -1.857  1.00 17.68 ? 33  LEU A N   1 
ATOM   269  C CA  . LEU A 1 36  ? 0.487   0.184   -1.774  1.00 17.03 ? 33  LEU A CA  1 
ATOM   270  C C   . LEU A 1 36  ? -0.605  1.019   -1.122  1.00 18.42 ? 33  LEU A C   1 
ATOM   271  O O   . LEU A 1 36  ? -1.752  1.007   -1.581  1.00 19.69 ? 33  LEU A O   1 
ATOM   272  C CB  . LEU A 1 36  ? 0.772   0.742   -3.175  1.00 14.46 ? 33  LEU A CB  1 
ATOM   273  C CG  . LEU A 1 36  ? 1.131   2.242   -3.208  1.00 15.51 ? 33  LEU A CG  1 
ATOM   274  C CD1 . LEU A 1 36  ? 2.500   2.457   -2.572  1.00 15.46 ? 33  LEU A CD1 1 
ATOM   275  C CD2 . LEU A 1 36  ? 1.128   2.768   -4.642  1.00 14.29 ? 33  LEU A CD2 1 
ATOM   276  N N   . TYR A 1 37  ? -0.262  1.742   -0.057  1.00 17.78 ? 34  TYR A N   1 
ATOM   277  C CA  . TYR A 1 37  ? -1.246  2.578   0.617   1.00 17.92 ? 34  TYR A CA  1 
ATOM   278  C C   . TYR A 1 37  ? -0.732  3.995   0.817   1.00 19.08 ? 34  TYR A C   1 
ATOM   279  O O   . TYR A 1 37  ? 0.471   4.214   0.951   1.00 19.08 ? 34  TYR A O   1 
ATOM   280  C CB  . TYR A 1 37  ? -1.662  1.967   1.970   1.00 17.16 ? 34  TYR A CB  1 
ATOM   281  C CG  . TYR A 1 37  ? -0.597  1.973   3.055   1.00 15.58 ? 34  TYR A CG  1 
ATOM   282  C CD1 . TYR A 1 37  ? 0.300   0.917   3.190   1.00 16.13 ? 34  TYR A CD1 1 
ATOM   283  C CD2 . TYR A 1 37  ? -0.508  3.030   3.958   1.00 14.49 ? 34  TYR A CD2 1 
ATOM   284  C CE1 . TYR A 1 37  ? 1.262   0.900   4.206   1.00 16.06 ? 34  TYR A CE1 1 
ATOM   285  C CE2 . TYR A 1 37  ? 0.454   3.036   4.974   1.00 14.96 ? 34  TYR A CE2 1 
ATOM   286  C CZ  . TYR A 1 37  ? 1.331   1.965   5.092   1.00 16.50 ? 34  TYR A CZ  1 
ATOM   287  O OH  . TYR A 1 37  ? 2.258   1.963   6.104   1.00 16.19 ? 34  TYR A OH  1 
ATOM   288  N N   . PHE A 1 38  ? -1.650  4.956   0.829   1.00 19.79 ? 35  PHE A N   1 
ATOM   289  C CA  . PHE A 1 38  ? -1.293  6.362   0.994   1.00 21.04 ? 35  PHE A CA  1 
ATOM   290  C C   . PHE A 1 38  ? -1.862  7.017   2.247   1.00 21.55 ? 35  PHE A C   1 
ATOM   291  O O   . PHE A 1 38  ? -2.973  6.722   2.677   1.00 22.85 ? 35  PHE A O   1 
ATOM   292  C CB  . PHE A 1 38  ? -1.783  7.202   -0.198  1.00 19.95 ? 35  PHE A CB  1 
ATOM   293  C CG  . PHE A 1 38  ? -1.096  6.901   -1.495  1.00 19.90 ? 35  PHE A CG  1 
ATOM   294  C CD1 . PHE A 1 38  ? -1.526  5.854   -2.300  1.00 21.88 ? 35  PHE A CD1 1 
ATOM   295  C CD2 . PHE A 1 38  ? -0.015  7.672   -1.917  1.00 21.11 ? 35  PHE A CD2 1 
ATOM   296  C CE1 . PHE A 1 38  ? -0.888  5.570   -3.521  1.00 22.81 ? 35  PHE A CE1 1 
ATOM   297  C CE2 . PHE A 1 38  ? 0.635   7.401   -3.131  1.00 23.21 ? 35  PHE A CE2 1 
ATOM   298  C CZ  . PHE A 1 38  ? 0.192   6.344   -3.935  1.00 23.91 ? 35  PHE A CZ  1 
ATOM   299  N N   . TYR A 1 39  ? -1.088  7.912   2.837   1.00 21.59 ? 36  TYR A N   1 
ATOM   300  C CA  . TYR A 1 39  ? -1.564  8.671   3.982   1.00 20.82 ? 36  TYR A CA  1 
ATOM   301  C C   . TYR A 1 39  ? -1.047  10.095  3.740   1.00 20.09 ? 36  TYR A C   1 
ATOM   302  O O   . TYR A 1 39  ? -0.052  10.290  3.050   1.00 19.16 ? 36  TYR A O   1 
ATOM   303  C CB  . TYR A 1 39  ? -1.074  8.082   5.311   1.00 21.46 ? 36  TYR A CB  1 
ATOM   304  C CG  . TYR A 1 39  ? 0.422   7.995   5.485   1.00 23.77 ? 36  TYR A CG  1 
ATOM   305  C CD1 . TYR A 1 39  ? 1.150   6.947   4.921   1.00 22.89 ? 36  TYR A CD1 1 
ATOM   306  C CD2 . TYR A 1 39  ? 1.115   8.963   6.228   1.00 24.18 ? 36  TYR A CD2 1 
ATOM   307  C CE1 . TYR A 1 39  ? 2.523   6.859   5.090   1.00 22.04 ? 36  TYR A CE1 1 
ATOM   308  C CE2 . TYR A 1 39  ? 2.489   8.889   6.401   1.00 22.46 ? 36  TYR A CE2 1 
ATOM   309  C CZ  . TYR A 1 39  ? 3.186   7.834   5.831   1.00 22.26 ? 36  TYR A CZ  1 
ATOM   310  O OH  . TYR A 1 39  ? 4.540   7.752   5.996   1.00 21.89 ? 36  TYR A OH  1 
ATOM   311  N N   . PRO A 1 40  ? -1.742  11.104  4.278   1.00 20.71 ? 37  PRO A N   1 
ATOM   312  C CA  . PRO A 1 40  ? -1.364  12.511  4.118   1.00 21.58 ? 37  PRO A CA  1 
ATOM   313  C C   . PRO A 1 40  ? 0.051   12.898  4.548   1.00 21.70 ? 37  PRO A C   1 
ATOM   314  O O   . PRO A 1 40  ? 0.891   13.268  3.726   1.00 22.22 ? 37  PRO A O   1 
ATOM   315  C CB  . PRO A 1 40  ? -2.414  13.252  4.953   1.00 20.53 ? 37  PRO A CB  1 
ATOM   316  C CG  . PRO A 1 40  ? -3.601  12.337  4.936   1.00 19.72 ? 37  PRO A CG  1 
ATOM   317  C CD  . PRO A 1 40  ? -2.965  10.976  5.094   1.00 21.05 ? 37  PRO A CD  1 
ATOM   318  N N   . LEU A 1 41  ? 0.303   12.807  5.847   1.00 21.53 ? 38  LEU A N   1 
ATOM   319  C CA  . LEU A 1 41  ? 1.580   13.237  6.390   1.00 21.85 ? 38  LEU A CA  1 
ATOM   320  C C   . LEU A 1 41  ? 2.092   12.498  7.601   1.00 22.87 ? 38  LEU A C   1 
ATOM   321  O O   . LEU A 1 41  ? 1.361   11.798  8.300   1.00 23.64 ? 38  LEU A O   1 
ATOM   322  C CB  . LEU A 1 41  ? 1.485   14.711  6.783   1.00 21.42 ? 38  LEU A CB  1 
ATOM   323  C CG  . LEU A 1 41  ? 1.097   15.738  5.727   1.00 19.63 ? 38  LEU A CG  1 
ATOM   324  C CD1 . LEU A 1 41  ? 0.724   17.044  6.417   1.00 18.41 ? 38  LEU A CD1 1 
ATOM   325  C CD2 . LEU A 1 41  ? 2.250   15.931  4.751   1.00 21.32 ? 38  LEU A CD2 1 
ATOM   326  N N   . ASP A 1 42  ? 3.376   12.716  7.841   1.00 23.01 ? 39  ASP A N   1 
ATOM   327  C CA  . ASP A 1 42  ? 4.098   12.176  8.973   1.00 24.29 ? 39  ASP A CA  1 
ATOM   328  C C   . ASP A 1 42  ? 3.941   13.191  10.109  1.00 25.49 ? 39  ASP A C   1 
ATOM   329  O O   . ASP A 1 42  ? 3.619   14.352  9.869   1.00 25.59 ? 39  ASP A O   1 
ATOM   330  C CB  . ASP A 1 42  ? 5.580   12.076  8.625   1.00 24.19 ? 39  ASP A CB  1 
ATOM   331  C CG  . ASP A 1 42  ? 5.915   10.866  7.773   1.00 24.14 ? 39  ASP A CG  1 
ATOM   332  O OD1 . ASP A 1 42  ? 5.032   10.318  7.071   1.00 24.97 ? 39  ASP A OD1 1 
ATOM   333  O OD2 . ASP A 1 42  ? 7.097   10.485  7.805   1.00 24.51 ? 39  ASP A OD2 1 
ATOM   334  N N   . PHE A 1 43  ? 4.167   12.751  11.342  1.00 26.07 ? 40  PHE A N   1 
ATOM   335  C CA  . PHE A 1 43  ? 4.109   13.633  12.503  1.00 25.90 ? 40  PHE A CA  1 
ATOM   336  C C   . PHE A 1 43  ? 2.854   14.476  12.793  1.00 26.12 ? 40  PHE A C   1 
ATOM   337  O O   . PHE A 1 43  ? 2.948   15.415  13.576  1.00 29.50 ? 40  PHE A O   1 
ATOM   338  C CB  . PHE A 1 43  ? 5.326   14.578  12.467  1.00 23.07 ? 40  PHE A CB  1 
ATOM   339  C CG  . PHE A 1 43  ? 6.641   13.913  12.822  1.00 22.35 ? 40  PHE A CG  1 
ATOM   340  C CD1 . PHE A 1 43  ? 6.870   13.424  14.106  1.00 21.77 ? 40  PHE A CD1 1 
ATOM   341  C CD2 . PHE A 1 43  ? 7.663   13.817  11.882  1.00 21.56 ? 40  PHE A CD2 1 
ATOM   342  C CE1 . PHE A 1 43  ? 8.106   12.854  14.450  1.00 21.65 ? 40  PHE A CE1 1 
ATOM   343  C CE2 . PHE A 1 43  ? 8.900   13.249  12.212  1.00 21.76 ? 40  PHE A CE2 1 
ATOM   344  C CZ  . PHE A 1 43  ? 9.123   12.771  13.494  1.00 21.31 ? 40  PHE A CZ  1 
ATOM   345  N N   . THR A 1 44  ? 1.697   14.182  12.193  1.00 25.59 ? 41  THR A N   1 
ATOM   346  C CA  . THR A 1 44  ? 0.496   14.981  12.490  1.00 25.37 ? 41  THR A CA  1 
ATOM   347  C C   . THR A 1 44  ? -0.062  14.568  13.842  1.00 25.31 ? 41  THR A C   1 
ATOM   348  O O   . THR A 1 44  ? 0.498   13.706  14.501  1.00 25.02 ? 41  THR A O   1 
ATOM   349  C CB  . THR A 1 44  ? -0.650  14.807  11.440  1.00 25.91 ? 41  THR A CB  1 
ATOM   350  O OG1 . THR A 1 44  ? -1.239  13.505  11.574  1.00 27.87 ? 41  THR A OG1 1 
ATOM   351  C CG2 . THR A 1 44  ? -0.122  15.011  10.012  1.00 25.85 ? 41  THR A CG2 1 
ATOM   352  N N   . PHE A 1 45  ? -1.174  15.174  14.249  1.00 26.38 ? 42  PHE A N   1 
ATOM   353  C CA  . PHE A 1 45  ? -1.779  14.848  15.542  1.00 28.17 ? 42  PHE A CA  1 
ATOM   354  C C   . PHE A 1 45  ? -2.913  13.837  15.425  1.00 28.78 ? 42  PHE A C   1 
ATOM   355  O O   . PHE A 1 45  ? -3.621  13.555  16.388  1.00 28.71 ? 42  PHE A O   1 
ATOM   356  C CB  . PHE A 1 45  ? -2.262  16.123  16.243  1.00 28.70 ? 42  PHE A CB  1 
ATOM   357  C CG  . PHE A 1 45  ? -1.146  17.093  16.565  1.00 28.13 ? 42  PHE A CG  1 
ATOM   358  C CD1 . PHE A 1 45  ? 0.084   16.626  17.030  1.00 27.49 ? 42  PHE A CD1 1 
ATOM   359  C CD2 . PHE A 1 45  ? -1.325  18.459  16.408  1.00 28.41 ? 42  PHE A CD2 1 
ATOM   360  C CE1 . PHE A 1 45  ? 1.116   17.506  17.330  1.00 27.86 ? 42  PHE A CE1 1 
ATOM   361  C CE2 . PHE A 1 45  ? -0.297  19.355  16.706  1.00 29.66 ? 42  PHE A CE2 1 
ATOM   362  C CZ  . PHE A 1 45  ? 0.929   18.878  17.168  1.00 28.84 ? 42  PHE A CZ  1 
ATOM   363  N N   . VAL A 1 46  ? -3.083  13.303  14.224  1.00 28.65 ? 43  VAL A N   1 
ATOM   364  C CA  . VAL A 1 46  ? -4.087  12.281  13.964  1.00 29.08 ? 43  VAL A CA  1 
ATOM   365  C C   . VAL A 1 46  ? -3.320  10.974  14.080  1.00 30.41 ? 43  VAL A C   1 
ATOM   366  O O   . VAL A 1 46  ? -2.312  10.799  13.394  1.00 31.97 ? 43  VAL A O   1 
ATOM   367  C CB  . VAL A 1 46  ? -4.641  12.407  12.535  1.00 27.86 ? 43  VAL A CB  1 
ATOM   368  C CG1 . VAL A 1 46  ? -5.616  11.260  12.242  1.00 27.16 ? 43  VAL A CG1 1 
ATOM   369  C CG2 . VAL A 1 46  ? -5.327  13.772  12.363  1.00 26.12 ? 43  VAL A CG2 1 
ATOM   370  N N   . CYS A 1 47  ? -3.769  10.065  14.946  1.00 31.17 ? 44  CYS A N   1 
ATOM   371  C CA  . CYS A 1 47  ? -3.076  8.785   15.107  1.00 32.26 ? 44  CYS A CA  1 
ATOM   372  C C   . CYS A 1 47  ? -3.001  8.062   13.764  1.00 32.05 ? 44  CYS A C   1 
ATOM   373  O O   . CYS A 1 47  ? -3.949  8.093   12.973  1.00 31.54 ? 44  CYS A O   1 
ATOM   374  C CB  . CYS A 1 47  ? -3.794  7.893   16.124  1.00 33.29 ? 44  CYS A CB  1 
ATOM   375  S SG  . CYS A 1 47  ? -5.358  7.226   15.558  1.00 38.69 ? 44  CYS A SG  1 
ATOM   376  N N   . PRO A 1 48  ? -1.866  7.400   13.490  1.00 30.83 ? 45  PRO A N   1 
ATOM   377  C CA  . PRO A 1 48  ? -1.674  6.673   12.233  1.00 30.87 ? 45  PRO A CA  1 
ATOM   378  C C   . PRO A 1 48  ? -2.247  5.270   12.339  1.00 30.81 ? 45  PRO A C   1 
ATOM   379  O O   . PRO A 1 48  ? -1.512  4.292   12.265  1.00 32.19 ? 45  PRO A O   1 
ATOM   380  C CB  . PRO A 1 48  ? -0.162  6.656   12.090  1.00 30.99 ? 45  PRO A CB  1 
ATOM   381  C CG  . PRO A 1 48  ? 0.285   6.452   13.532  1.00 30.27 ? 45  PRO A CG  1 
ATOM   382  C CD  . PRO A 1 48  ? -0.637  7.384   14.311  1.00 30.64 ? 45  PRO A CD  1 
ATOM   383  N N   . SER A 1 49  ? -3.557  5.165   12.500  1.00 30.22 ? 46  SER A N   1 
ATOM   384  C CA  . SER A 1 49  ? -4.166  3.852   12.654  1.00 29.51 ? 46  SER A CA  1 
ATOM   385  C C   . SER A 1 49  ? -3.965  2.931   11.446  1.00 28.13 ? 46  SER A C   1 
ATOM   386  O O   . SER A 1 49  ? -3.977  1.719   11.600  1.00 28.08 ? 46  SER A O   1 
ATOM   387  C CB  . SER A 1 49  ? -5.665  3.982   12.975  1.00 29.20 ? 46  SER A CB  1 
ATOM   388  O OG  . SER A 1 49  ? -6.407  4.400   11.842  1.00 30.30 ? 46  SER A OG  1 
ATOM   389  N N   . GLU A 1 50  ? -3.773  3.488   10.254  1.00 27.05 ? 47  GLU A N   1 
ATOM   390  C CA  . GLU A 1 50  ? -3.587  2.636   9.086   1.00 27.98 ? 47  GLU A CA  1 
ATOM   391  C C   . GLU A 1 50  ? -2.190  2.034   9.054   1.00 26.45 ? 47  GLU A C   1 
ATOM   392  O O   . GLU A 1 50  ? -2.031  0.842   8.780   1.00 24.99 ? 47  GLU A O   1 
ATOM   393  C CB  . GLU A 1 50  ? -3.868  3.397   7.777   1.00 29.13 ? 47  GLU A CB  1 
ATOM   394  C CG  . GLU A 1 50  ? -3.636  4.896   7.839   1.00 34.98 ? 47  GLU A CG  1 
ATOM   395  C CD  . GLU A 1 50  ? -4.784  5.643   8.512   1.00 38.31 ? 47  GLU A CD  1 
ATOM   396  O OE1 . GLU A 1 50  ? -5.949  5.454   8.094   1.00 38.37 ? 47  GLU A OE1 1 
ATOM   397  O OE2 . GLU A 1 50  ? -4.518  6.429   9.448   1.00 39.01 ? 47  GLU A OE2 1 
ATOM   398  N N   . ILE A 1 51  ? -1.161  2.817   9.325   1.00 20.00 ? 48  ILE A N   1 
ATOM   399  C CA  . ILE A 1 51  ? 0.177   2.262   9.330   1.00 20.00 ? 48  ILE A CA  1 
ATOM   400  C C   . ILE A 1 51  ? 0.342   1.211   10.421  1.00 20.00 ? 48  ILE A C   1 
ATOM   401  O O   . ILE A 1 51  ? 0.829   0.120   10.177  1.00 26.14 ? 48  ILE A O   1 
ATOM   402  C CB  . ILE A 1 51  ? 1.244   3.348   9.484   1.00 20.00 ? 48  ILE A CB  1 
ATOM   403  C CG1 . ILE A 1 51  ? 1.225   4.300   8.287   1.00 20.00 ? 48  ILE A CG1 1 
ATOM   404  C CG2 . ILE A 1 51  ? 2.595   2.718   9.681   1.00 20.00 ? 48  ILE A CG2 1 
ATOM   405  C CD1 . ILE A 1 51  ? 1.944   5.585   8.495   1.00 20.00 ? 48  ILE A CD1 1 
ATOM   406  N N   . ILE A 1 52  ? 0.087   1.316   11.403  1.00 20.00 ? 49  ILE A N   1 
ATOM   407  C CA  . ILE A 1 52  ? -0.028  0.438   12.561  1.00 20.00 ? 49  ILE A CA  1 
ATOM   408  C C   . ILE A 1 52  ? -1.123  -0.604  12.360  1.00 20.00 ? 49  ILE A C   1 
ATOM   409  O O   . ILE A 1 52  ? -0.927  -1.796  12.631  1.00 22.43 ? 49  ILE A O   1 
ATOM   410  C CB  . ILE A 1 52  ? -0.307  1.259   13.836  1.00 20.00 ? 49  ILE A CB  1 
ATOM   411  C CG1 . ILE A 1 52  ? 0.662   2.440   13.933  1.00 20.00 ? 49  ILE A CG1 1 
ATOM   412  C CG2 . ILE A 1 52  ? -0.206  0.377   15.070  1.00 20.00 ? 49  ILE A CG2 1 
ATOM   413  C CD1 . ILE A 1 52  ? 0.274   3.462   14.976  1.00 20.00 ? 49  ILE A CD1 1 
ATOM   414  N N   . ALA A 1 53  ? -2.043  -0.439  12.129  1.00 22.00 ? 50  ALA A N   1 
ATOM   415  C CA  . ALA A 1 53  ? -2.927  -1.584  11.902  1.00 22.08 ? 50  ALA A CA  1 
ATOM   416  C C   . ALA A 1 53  ? -2.305  -2.547  10.881  1.00 24.24 ? 50  ALA A C   1 
ATOM   417  O O   . ALA A 1 53  ? -2.385  -3.760  11.043  1.00 24.91 ? 50  ALA A O   1 
ATOM   418  C CB  . ALA A 1 53  ? -4.280  -1.115  11.413  1.00 19.04 ? 50  ALA A CB  1 
ATOM   419  N N   . LEU A 1 54  ? -1.692  -2.004  9.830   1.00 24.94 ? 51  LEU A N   1 
ATOM   420  C CA  . LEU A 1 54  ? -1.072  -2.846  8.812   1.00 25.17 ? 51  LEU A CA  1 
ATOM   421  C C   . LEU A 1 54  ? 0.189   -3.535  9.326   1.00 26.14 ? 51  LEU A C   1 
ATOM   422  O O   . LEU A 1 54  ? 0.356   -4.748  9.148   1.00 26.49 ? 51  LEU A O   1 
ATOM   423  C CB  . LEU A 1 54  ? -0.727  -2.029  7.559   1.00 24.56 ? 51  LEU A CB  1 
ATOM   424  C CG  . LEU A 1 54  ? -1.903  -1.442  6.780   1.00 25.39 ? 51  LEU A CG  1 
ATOM   425  C CD1 . LEU A 1 54  ? -1.376  -0.582  5.644   1.00 23.51 ? 51  LEU A CD1 1 
ATOM   426  C CD2 . LEU A 1 54  ? -2.792  -2.563  6.242   1.00 21.90 ? 51  LEU A CD2 1 
ATOM   427  N N   . ASP A 1 55  ? 1.074   -2.768  9.962   1.00 27.23 ? 52  ASP A N   1 
ATOM   428  C CA  . ASP A 1 55  ? 2.315   -3.341  10.471  1.00 27.95 ? 52  ASP A CA  1 
ATOM   429  C C   . ASP A 1 55  ? 2.047   -4.428  11.506  1.00 28.47 ? 52  ASP A C   1 
ATOM   430  O O   . ASP A 1 55  ? 2.786   -5.415  11.590  1.00 28.57 ? 52  ASP A O   1 
ATOM   431  C CB  . ASP A 1 55  ? 3.215   -2.278  11.095  1.00 28.33 ? 52  ASP A CB  1 
ATOM   432  C CG  . ASP A 1 55  ? 4.603   -2.817  11.396  1.00 30.23 ? 52  ASP A CG  1 
ATOM   433  O OD1 . ASP A 1 55  ? 5.325   -3.169  10.436  1.00 32.86 ? 52  ASP A OD1 1 
ATOM   434  O OD2 . ASP A 1 55  ? 4.974   -2.909  12.583  1.00 31.40 ? 52  ASP A OD2 1 
ATOM   435  N N   . LYS A 1 56  ? 1.001   -4.234  12.304  1.00 27.98 ? 53  LYS A N   1 
ATOM   436  C CA  . LYS A 1 56  ? 0.648   -5.226  13.311  1.00 27.85 ? 53  LYS A CA  1 
ATOM   437  C C   . LYS A 1 56  ? 0.178   -6.510  12.631  1.00 27.35 ? 53  LYS A C   1 
ATOM   438  O O   . LYS A 1 56  ? 0.214   -7.574  13.222  1.00 26.61 ? 53  LYS A O   1 
ATOM   439  C CB  . LYS A 1 56  ? -0.447  -4.694  14.239  1.00 27.55 ? 53  LYS A CB  1 
ATOM   440  C CG  . LYS A 1 56  ? 0.090   -4.022  15.497  1.00 27.05 ? 53  LYS A CG  1 
ATOM   441  C CD  . LYS A 1 56  ? -1.057  -3.370  16.267  1.00 28.08 ? 53  LYS A CD  1 
ATOM   442  C CE  . LYS A 1 56  ? -0.555  -2.629  17.495  1.00 30.65 ? 53  LYS A CE  1 
ATOM   443  N NZ  . LYS A 1 56  ? -1.620  -1.741  18.046  1.00 33.35 ? 53  LYS A NZ  1 
ATOM   444  N N   . ALA A 1 57  ? -0.255  -6.403  11.380  1.00 26.36 ? 54  ALA A N   1 
ATOM   445  C CA  . ALA A 1 57  ? -0.720  -7.570  10.641  1.00 25.57 ? 54  ALA A CA  1 
ATOM   446  C C   . ALA A 1 57  ? 0.301   -8.017  9.582   1.00 26.09 ? 54  ALA A C   1 
ATOM   447  O O   . ALA A 1 57  ? -0.008  -8.833  8.725   1.00 26.84 ? 54  ALA A O   1 
ATOM   448  C CB  . ALA A 1 57  ? -2.045  -7.255  9.982   1.00 25.67 ? 54  ALA A CB  1 
ATOM   449  N N   . LEU A 1 58  ? 1.517   -7.492  9.654   1.00 27.05 ? 55  LEU A N   1 
ATOM   450  C CA  . LEU A 1 58  ? 2.536   -7.838  8.673   1.00 27.60 ? 55  LEU A CA  1 
ATOM   451  C C   . LEU A 1 58  ? 2.626   -9.324  8.351   1.00 28.26 ? 55  LEU A C   1 
ATOM   452  O O   . LEU A 1 58  ? 2.596   -9.709  7.183   1.00 29.53 ? 55  LEU A O   1 
ATOM   453  C CB  . LEU A 1 58  ? 3.913   -7.348  9.119   1.00 27.04 ? 55  LEU A CB  1 
ATOM   454  C CG  . LEU A 1 58  ? 5.011   -7.547  8.068   1.00 25.40 ? 55  LEU A CG  1 
ATOM   455  C CD1 . LEU A 1 58  ? 4.668   -6.766  6.801   1.00 22.44 ? 55  LEU A CD1 1 
ATOM   456  C CD2 . LEU A 1 58  ? 6.340   -7.082  8.628   1.00 26.63 ? 55  LEU A CD2 1 
ATOM   457  N N   . ASP A 1 59  ? 2.746   -10.164 9.370   1.00 28.58 ? 56  ASP A N   1 
ATOM   458  C CA  . ASP A 1 59  ? 2.850   -11.597 9.119   1.00 29.42 ? 56  ASP A CA  1 
ATOM   459  C C   . ASP A 1 59  ? 1.745   -12.150 8.225   1.00 28.07 ? 56  ASP A C   1 
ATOM   460  O O   . ASP A 1 59  ? 2.009   -13.006 7.382   1.00 28.55 ? 56  ASP A O   1 
ATOM   461  C CB  . ASP A 1 59  ? 2.900   -12.372 10.436  1.00 33.27 ? 56  ASP A CB  1 
ATOM   462  C CG  . ASP A 1 59  ? 4.247   -12.246 11.129  1.00 36.32 ? 56  ASP A CG  1 
ATOM   463  O OD1 . ASP A 1 59  ? 5.278   -12.262 10.413  1.00 36.31 ? 56  ASP A OD1 1 
ATOM   464  O OD2 . ASP A 1 59  ? 4.276   -12.145 12.378  1.00 37.23 ? 56  ASP A OD2 1 
ATOM   465  N N   . SER A 1 60  ? 0.516   -11.675 8.406   1.00 26.41 ? 57  SER A N   1 
ATOM   466  C CA  . SER A 1 60  ? -0.597  -12.122 7.567   1.00 24.34 ? 57  SER A CA  1 
ATOM   467  C C   . SER A 1 60  ? -0.300  -11.807 6.097   1.00 23.85 ? 57  SER A C   1 
ATOM   468  O O   . SER A 1 60  ? -0.657  -12.583 5.204   1.00 23.61 ? 57  SER A O   1 
ATOM   469  C CB  . SER A 1 60  ? -1.903  -11.432 7.980   1.00 24.87 ? 57  SER A CB  1 
ATOM   470  O OG  . SER A 1 60  ? -2.415  -11.964 9.186   1.00 25.07 ? 57  SER A OG  1 
ATOM   471  N N   . PHE A 1 61  ? 0.342   -10.663 5.850   1.00 22.77 ? 58  PHE A N   1 
ATOM   472  C CA  . PHE A 1 61  ? 0.700   -10.260 4.483   1.00 21.13 ? 58  PHE A CA  1 
ATOM   473  C C   . PHE A 1 61  ? 1.845   -11.091 3.918   1.00 20.91 ? 58  PHE A C   1 
ATOM   474  O O   . PHE A 1 61  ? 1.799   -11.509 2.763   1.00 20.65 ? 58  PHE A O   1 
ATOM   475  C CB  . PHE A 1 61  ? 1.071   -8.775  4.423   1.00 19.87 ? 58  PHE A CB  1 
ATOM   476  C CG  . PHE A 1 61  ? -0.105  -7.862  4.551   1.00 19.34 ? 58  PHE A CG  1 
ATOM   477  C CD1 . PHE A 1 61  ? -0.408  -7.259  5.761   1.00 19.76 ? 58  PHE A CD1 1 
ATOM   478  C CD2 . PHE A 1 61  ? -0.969  -7.676  3.477   1.00 19.23 ? 58  PHE A CD2 1 
ATOM   479  C CE1 . PHE A 1 61  ? -1.559  -6.490  5.906   1.00 19.39 ? 58  PHE A CE1 1 
ATOM   480  C CE2 . PHE A 1 61  ? -2.124  -6.909  3.612   1.00 19.15 ? 58  PHE A CE2 1 
ATOM   481  C CZ  . PHE A 1 61  ? -2.421  -6.317  4.830   1.00 17.47 ? 58  PHE A CZ  1 
ATOM   482  N N   . LYS A 1 62  ? 2.867   -11.342 4.726   1.00 20.52 ? 59  LYS A N   1 
ATOM   483  C CA  . LYS A 1 62  ? 3.987   -12.145 4.254   1.00 22.91 ? 59  LYS A CA  1 
ATOM   484  C C   . LYS A 1 62  ? 3.514   -13.557 3.897   1.00 22.92 ? 59  LYS A C   1 
ATOM   485  O O   . LYS A 1 62  ? 3.937   -14.126 2.895   1.00 22.03 ? 59  LYS A O   1 
ATOM   486  C CB  . LYS A 1 62  ? 5.093   -12.228 5.322   1.00 23.69 ? 59  LYS A CB  1 
ATOM   487  C CG  . LYS A 1 62  ? 5.876   -10.942 5.507   1.00 26.18 ? 59  LYS A CG  1 
ATOM   488  C CD  . LYS A 1 62  ? 7.000   -11.082 6.538   1.00 28.19 ? 59  LYS A CD  1 
ATOM   489  C CE  . LYS A 1 62  ? 7.743   -9.750  6.712   1.00 29.54 ? 59  LYS A CE  1 
ATOM   490  N NZ  . LYS A 1 62  ? 8.807   -9.814  7.751   1.00 30.56 ? 59  LYS A NZ  1 
ATOM   491  N N   . GLU A 1 63  ? 2.635   -14.112 4.729   1.00 23.58 ? 60  GLU A N   1 
ATOM   492  C CA  . GLU A 1 63  ? 2.107   -15.459 4.515   1.00 23.25 ? 60  GLU A CA  1 
ATOM   493  C C   . GLU A 1 63  ? 1.393   -15.571 3.180   1.00 22.82 ? 60  GLU A C   1 
ATOM   494  O O   . GLU A 1 63  ? 1.344   -16.649 2.581   1.00 21.75 ? 60  GLU A O   1 
ATOM   495  C CB  . GLU A 1 63  ? 1.141   -15.840 5.648   1.00 22.51 ? 60  GLU A CB  1 
ATOM   496  C CG  . GLU A 1 63  ? 1.822   -16.032 6.994   1.00 23.66 ? 60  GLU A CG  1 
ATOM   497  C CD  . GLU A 1 63  ? 0.860   -16.016 8.173   1.00 24.51 ? 60  GLU A CD  1 
ATOM   498  O OE1 . GLU A 1 63  ? -0.344  -15.728 7.976   1.00 25.60 ? 60  GLU A OE1 1 
ATOM   499  O OE2 . GLU A 1 63  ? 1.319   -16.275 9.308   1.00 23.11 ? 60  GLU A OE2 1 
ATOM   500  N N   . ARG A 1 64  ? 0.842   -14.454 2.711   1.00 22.28 ? 61  ARG A N   1 
ATOM   501  C CA  . ARG A 1 64  ? 0.115   -14.445 1.443   1.00 21.91 ? 61  ARG A CA  1 
ATOM   502  C C   . ARG A 1 64  ? 0.975   -13.865 0.345   1.00 22.17 ? 61  ARG A C   1 
ATOM   503  O O   . ARG A 1 64  ? 0.487   -13.529 -0.738  1.00 21.39 ? 61  ARG A O   1 
ATOM   504  C CB  . ARG A 1 64  ? -1.193  -13.653 1.595   1.00 22.26 ? 61  ARG A CB  1 
ATOM   505  C CG  . ARG A 1 64  ? -2.094  -14.223 2.695   1.00 23.64 ? 61  ARG A CG  1 
ATOM   506  C CD  . ARG A 1 64  ? -3.350  -13.396 2.918   1.00 26.33 ? 61  ARG A CD  1 
ATOM   507  N NE  . ARG A 1 64  ? -4.313  -14.120 3.755   1.00 29.49 ? 61  ARG A NE  1 
ATOM   508  C CZ  . ARG A 1 64  ? -4.187  -14.327 5.068   1.00 31.07 ? 61  ARG A CZ  1 
ATOM   509  N NH1 . ARG A 1 64  ? -3.138  -13.862 5.732   1.00 31.94 ? 61  ARG A NH1 1 
ATOM   510  N NH2 . ARG A 1 64  ? -5.115  -15.018 5.717   1.00 32.25 ? 61  ARG A NH2 1 
ATOM   511  N N   . ASN A 1 65  ? 2.265   -13.749 0.645   1.00 22.79 ? 62  ASN A N   1 
ATOM   512  C CA  . ASN A 1 65  ? 3.259   -13.243 -0.293  1.00 23.42 ? 62  ASN A CA  1 
ATOM   513  C C   . ASN A 1 65  ? 2.943   -11.827 -0.793  1.00 23.31 ? 62  ASN A C   1 
ATOM   514  O O   . ASN A 1 65  ? 3.033   -11.538 -1.992  1.00 21.78 ? 62  ASN A O   1 
ATOM   515  C CB  . ASN A 1 65  ? 3.385   -14.221 -1.468  1.00 23.67 ? 62  ASN A CB  1 
ATOM   516  C CG  . ASN A 1 65  ? 4.708   -14.093 -2.194  1.00 25.93 ? 62  ASN A CG  1 
ATOM   517  O OD1 . ASN A 1 65  ? 5.693   -13.612 -1.630  1.00 27.27 ? 62  ASN A OD1 1 
ATOM   518  N ND2 . ASN A 1 65  ? 4.743   -14.539 -3.448  1.00 28.81 ? 62  ASN A ND2 1 
ATOM   519  N N   . VAL A 1 66  ? 2.585   -10.955 0.148   1.00 24.28 ? 63  VAL A N   1 
ATOM   520  C CA  . VAL A 1 66  ? 2.255   -9.563  -0.146  1.00 24.88 ? 63  VAL A CA  1 
ATOM   521  C C   . VAL A 1 66  ? 3.267   -8.610  0.478   1.00 26.00 ? 63  VAL A C   1 
ATOM   522  O O   . VAL A 1 66  ? 3.578   -8.707  1.669   1.00 27.10 ? 63  VAL A O   1 
ATOM   523  C CB  . VAL A 1 66  ? 0.871   -9.179  0.397   1.00 23.16 ? 63  VAL A CB  1 
ATOM   524  C CG1 . VAL A 1 66  ? 0.634   -7.685  0.186   1.00 22.34 ? 63  VAL A CG1 1 
ATOM   525  C CG2 . VAL A 1 66  ? -0.207  -9.994  -0.295  1.00 22.22 ? 63  VAL A CG2 1 
ATOM   526  N N   . GLU A 1 67  ? 3.755   -7.683  -0.338  1.00 25.98 ? 64  GLU A N   1 
ATOM   527  C CA  . GLU A 1 67  ? 4.727   -6.680  0.080   1.00 25.91 ? 64  GLU A CA  1 
ATOM   528  C C   . GLU A 1 67  ? 4.003   -5.374  0.420   1.00 25.19 ? 64  GLU A C   1 
ATOM   529  O O   . GLU A 1 67  ? 3.298   -4.811  -0.416  1.00 25.64 ? 64  GLU A O   1 
ATOM   530  C CB  . GLU A 1 67  ? 5.728   -6.437  -1.058  1.00 27.05 ? 64  GLU A CB  1 
ATOM   531  C CG  . GLU A 1 67  ? 6.865   -5.469  -0.734  1.00 26.86 ? 64  GLU A CG  1 
ATOM   532  C CD  . GLU A 1 67  ? 7.887   -6.057  0.217   1.00 26.99 ? 64  GLU A CD  1 
ATOM   533  O OE1 . GLU A 1 67  ? 8.088   -7.297  0.209   1.00 28.60 ? 64  GLU A OE1 1 
ATOM   534  O OE2 . GLU A 1 67  ? 8.504   -5.274  0.961   1.00 26.29 ? 64  GLU A OE2 1 
ATOM   535  N N   . LEU A 1 68  ? 4.186   -4.893  1.646   1.00 24.45 ? 65  LEU A N   1 
ATOM   536  C CA  . LEU A 1 68  ? 3.547   -3.656  2.088   1.00 23.82 ? 65  LEU A CA  1 
ATOM   537  C C   . LEU A 1 68  ? 4.392   -2.433  1.776   1.00 22.97 ? 65  LEU A C   1 
ATOM   538  O O   . LEU A 1 68  ? 5.585   -2.418  2.061   1.00 23.75 ? 65  LEU A O   1 
ATOM   539  C CB  . LEU A 1 68  ? 3.302   -3.675  3.594   1.00 24.28 ? 65  LEU A CB  1 
ATOM   540  C CG  . LEU A 1 68  ? 2.095   -4.408  4.169   1.00 26.44 ? 65  LEU A CG  1 
ATOM   541  C CD1 . LEU A 1 68  ? 2.046   -4.173  5.683   1.00 26.78 ? 65  LEU A CD1 1 
ATOM   542  C CD2 . LEU A 1 68  ? 0.827   -3.890  3.507   1.00 29.72 ? 65  LEU A CD2 1 
ATOM   543  N N   . LEU A 1 69  ? 3.763   -1.411  1.197   1.00 20.20 ? 66  LEU A N   1 
ATOM   544  C CA  . LEU A 1 69  ? 4.453   -0.163  0.879   1.00 17.15 ? 66  LEU A CA  1 
ATOM   545  C C   . LEU A 1 69  ? 3.587   1.016   1.320   1.00 17.09 ? 66  LEU A C   1 
ATOM   546  O O   . LEU A 1 69  ? 2.488   1.217   0.811   1.00 16.95 ? 66  LEU A O   1 
ATOM   547  C CB  . LEU A 1 69  ? 4.752   -0.073  -0.629  1.00 17.21 ? 66  LEU A CB  1 
ATOM   548  C CG  . LEU A 1 69  ? 5.728   -1.123  -1.199  1.00 14.39 ? 66  LEU A CG  1 
ATOM   549  C CD1 . LEU A 1 69  ? 5.926   -0.896  -2.683  1.00 14.29 ? 66  LEU A CD1 1 
ATOM   550  C CD2 . LEU A 1 69  ? 7.073   -1.043  -0.480  1.00 14.29 ? 66  LEU A CD2 1 
ATOM   551  N N   . GLY A 1 70  ? 4.087   1.772   2.295   1.00 18.41 ? 67  GLY A N   1 
ATOM   552  C CA  . GLY A 1 70  ? 3.383   2.941   2.797   1.00 20.49 ? 67  GLY A CA  1 
ATOM   553  C C   . GLY A 1 70  ? 3.929   4.199   2.143   1.00 21.17 ? 67  GLY A C   1 
ATOM   554  O O   . GLY A 1 70  ? 5.132   4.428   2.134   1.00 21.65 ? 67  GLY A O   1 
ATOM   555  N N   . CYS A 1 71  ? 3.050   5.034   1.609   1.00 21.51 ? 68  CYS A N   1 
ATOM   556  C CA  . CYS A 1 71  ? 3.504   6.232   0.928   1.00 22.96 ? 68  CYS A CA  1 
ATOM   557  C C   . CYS A 1 71  ? 2.853   7.545   1.377   1.00 23.65 ? 68  CYS A C   1 
ATOM   558  O O   . CYS A 1 71  ? 1.634   7.622   1.540   1.00 23.78 ? 68  CYS A O   1 
ATOM   559  C CB  . CYS A 1 71  ? 3.285   6.036   -0.574  1.00 24.35 ? 68  CYS A CB  1 
ATOM   560  S SG  . CYS A 1 71  ? 3.761   7.409   -1.652  1.00 27.54 ? 68  CYS A SG  1 
ATOM   561  N N   . SER A 1 72  ? 3.688   8.562   1.595   1.00 24.61 ? 69  SER A N   1 
ATOM   562  C CA  . SER A 1 72  ? 3.236   9.915   1.947   1.00 23.92 ? 69  SER A CA  1 
ATOM   563  C C   . SER A 1 72  ? 4.215   10.842  1.234   1.00 24.47 ? 69  SER A C   1 
ATOM   564  O O   . SER A 1 72  ? 5.332   10.439  0.896   1.00 24.37 ? 69  SER A O   1 
ATOM   565  C CB  . SER A 1 72  ? 3.282   10.187  3.454   1.00 22.84 ? 69  SER A CB  1 
ATOM   566  O OG  . SER A 1 72  ? 4.541   10.699  3.855   1.00 20.29 ? 69  SER A OG  1 
ATOM   567  N N   . VAL A 1 73  ? 3.808   12.079  1.000   1.00 24.86 ? 70  VAL A N   1 
ATOM   568  C CA  . VAL A 1 73  ? 4.673   13.009  0.297   1.00 25.11 ? 70  VAL A CA  1 
ATOM   569  C C   . VAL A 1 73  ? 5.911   13.474  1.084   1.00 25.62 ? 70  VAL A C   1 
ATOM   570  O O   . VAL A 1 73  ? 6.722   14.238  0.561   1.00 27.42 ? 70  VAL A O   1 
ATOM   571  C CB  . VAL A 1 73  ? 3.859   14.237  -0.185  1.00 23.21 ? 70  VAL A CB  1 
ATOM   572  C CG1 . VAL A 1 73  ? 2.677   13.765  -1.043  1.00 21.38 ? 70  VAL A CG1 1 
ATOM   573  C CG2 . VAL A 1 73  ? 3.374   15.037  0.998   1.00 24.19 ? 70  VAL A CG2 1 
ATOM   574  N N   . ASP A 1 74  ? 6.028   13.043  2.338   1.00 24.66 ? 71  ASP A N   1 
ATOM   575  C CA  . ASP A 1 74  ? 7.196   13.304  3.180   1.00 23.92 ? 71  ASP A CA  1 
ATOM   576  C C   . ASP A 1 74  ? 8.511   12.730  2.628   1.00 23.85 ? 71  ASP A C   1 
ATOM   577  O O   . ASP A 1 74  ? 8.506   11.797  1.843   1.00 23.38 ? 71  ASP A O   1 
ATOM   578  C CB  . ASP A 1 74  ? 6.962   12.773  4.603   1.00 26.42 ? 71  ASP A CB  1 
ATOM   579  C CG  . ASP A 1 74  ? 5.832   13.485  5.338   1.00 28.96 ? 71  ASP A CG  1 
ATOM   580  O OD1 . ASP A 1 74  ? 6.034   14.591  5.836   1.00 32.15 ? 71  ASP A OD1 1 
ATOM   581  O OD2 . ASP A 1 74  ? 4.704   13.004  5.496   1.00 29.75 ? 71  ASP A OD2 1 
ATOM   582  N N   . SER A 1 75  ? 9.635   13.294  3.052   1.00 23.98 ? 72  SER A N   1 
ATOM   583  C CA  . SER A 1 75  ? 10.942  12.813  2.597   1.00 24.98 ? 72  SER A CA  1 
ATOM   584  C C   . SER A 1 75  ? 11.338  11.554  3.367   1.00 26.76 ? 72  SER A C   1 
ATOM   585  O O   . SER A 1 75  ? 10.713  11.215  4.379   1.00 27.73 ? 72  SER A O   1 
ATOM   586  C CB  . SER A 1 75  ? 12.012  13.887  2.829   1.00 24.33 ? 72  SER A CB  1 
ATOM   587  O OG  . SER A 1 75  ? 12.209  14.092  4.221   1.00 21.90 ? 72  SER A OG  1 
ATOM   588  N N   . LYS A 1 76  ? 12.378  10.869  2.892   1.00 26.85 ? 73  LYS A N   1 
ATOM   589  C CA  . LYS A 1 76  ? 12.838  9.663   3.566   1.00 25.52 ? 73  LYS A CA  1 
ATOM   590  C C   . LYS A 1 76  ? 13.433  10.011  4.926   1.00 25.24 ? 73  LYS A C   1 
ATOM   591  O O   . LYS A 1 76  ? 13.367  9.214   5.863   1.00 26.97 ? 73  LYS A O   1 
ATOM   592  C CB  . LYS A 1 76  ? 13.873  8.908   2.719   1.00 24.71 ? 73  LYS A CB  1 
ATOM   593  C CG  . LYS A 1 76  ? 15.141  9.668   2.347   1.00 24.68 ? 73  LYS A CG  1 
ATOM   594  C CD  . LYS A 1 76  ? 16.178  8.672   1.811   1.00 25.59 ? 73  LYS A CD  1 
ATOM   595  C CE  . LYS A 1 76  ? 17.535  9.303   1.508   1.00 26.55 ? 73  LYS A CE  1 
ATOM   596  N NZ  . LYS A 1 76  ? 17.478  10.174  0.305   1.00 29.21 ? 73  LYS A NZ  1 
ATOM   597  N N   . PHE A 1 77  ? 14.005  11.206  5.034   1.00 24.05 ? 74  PHE A N   1 
ATOM   598  C CA  . PHE A 1 77  ? 14.588  11.648  6.293   1.00 22.40 ? 74  PHE A CA  1 
ATOM   599  C C   . PHE A 1 77  ? 13.506  11.823  7.351   1.00 21.91 ? 74  PHE A C   1 
ATOM   600  O O   . PHE A 1 77  ? 13.705  11.469  8.511   1.00 22.68 ? 74  PHE A O   1 
ATOM   601  C CB  . PHE A 1 77  ? 15.348  12.951  6.082   1.00 20.74 ? 74  PHE A CB  1 
ATOM   602  C CG  . PHE A 1 77  ? 16.511  12.811  5.155   1.00 19.13 ? 74  PHE A CG  1 
ATOM   603  C CD1 . PHE A 1 77  ? 17.679  12.189  5.579   1.00 18.85 ? 74  PHE A CD1 1 
ATOM   604  C CD2 . PHE A 1 77  ? 16.436  13.275  3.853   1.00 18.00 ? 74  PHE A CD2 1 
ATOM   605  C CE1 . PHE A 1 77  ? 18.758  12.031  4.722   1.00 19.37 ? 74  PHE A CE1 1 
ATOM   606  C CE2 . PHE A 1 77  ? 17.513  13.122  2.984   1.00 17.79 ? 74  PHE A CE2 1 
ATOM   607  C CZ  . PHE A 1 77  ? 18.678  12.498  3.420   1.00 18.00 ? 74  PHE A CZ  1 
ATOM   608  N N   . THR A 1 78  ? 12.356  12.373  7.002   1.00 22.82 ? 75  THR A N   1 
ATOM   609  C CA  . THR A 1 78  ? 11.328  12.456  8.017   1.00 23.46 ? 75  THR A CA  1 
ATOM   610  C C   . THR A 1 78  ? 10.598  11.168  8.351   1.00 22.74 ? 75  THR A C   1 
ATOM   611  O O   . THR A 1 78  ? 10.110  11.013  9.458   1.00 22.17 ? 75  THR A O   1 
ATOM   612  C CB  . THR A 1 78  ? 10.410  13.674  7.910   1.00 22.70 ? 75  THR A CB  1 
ATOM   613  O OG1 . THR A 1 78  ? 10.714  14.416  6.739   1.00 24.63 ? 75  THR A OG1 1 
ATOM   614  C CG2 . THR A 1 78  ? 8.996   13.265  7.726   1.00 24.83 ? 75  THR A CG2 1 
ATOM   615  N N   . HIS A 1 79  ? 10.577  10.228  7.411   1.00 22.30 ? 76  HIS A N   1 
ATOM   616  C CA  . HIS A 1 79  ? 10.059  8.897   7.735   1.00 21.95 ? 76  HIS A CA  1 
ATOM   617  C C   . HIS A 1 79  ? 10.953  8.286   8.812   1.00 22.66 ? 76  HIS A C   1 
ATOM   618  O O   . HIS A 1 79  ? 10.479  7.775   9.822   1.00 23.31 ? 76  HIS A O   1 
ATOM   619  C CB  . HIS A 1 79  ? 10.095  7.959   6.515   1.00 20.19 ? 76  HIS A CB  1 
ATOM   620  C CG  . HIS A 1 79  ? 9.027   8.215   5.500   1.00 20.12 ? 76  HIS A CG  1 
ATOM   621  N ND1 . HIS A 1 79  ? 7.908   8.972   5.765   1.00 20.30 ? 76  HIS A ND1 1 
ATOM   622  C CD2 . HIS A 1 79  ? 8.885   7.768   4.230   1.00 19.01 ? 76  HIS A CD2 1 
ATOM   623  C CE1 . HIS A 1 79  ? 7.122   8.982   4.704   1.00 21.50 ? 76  HIS A CE1 1 
ATOM   624  N NE2 . HIS A 1 79  ? 7.692   8.256   3.759   1.00 19.22 ? 76  HIS A NE2 1 
ATOM   625  N N   . LEU A 1 80  ? 12.257  8.325   8.577   1.00 23.92 ? 77  LEU A N   1 
ATOM   626  C CA  . LEU A 1 80  ? 13.216  7.766   9.528   1.00 24.36 ? 77  LEU A CA  1 
ATOM   627  C C   . LEU A 1 80  ? 13.025  8.377   10.916  1.00 26.10 ? 77  LEU A C   1 
ATOM   628  O O   . LEU A 1 80  ? 12.911  7.658   11.914  1.00 25.66 ? 77  LEU A O   1 
ATOM   629  C CB  . LEU A 1 80  ? 14.646  8.012   9.046   1.00 22.38 ? 77  LEU A CB  1 
ATOM   630  C CG  . LEU A 1 80  ? 15.744  7.535   9.997   1.00 22.39 ? 77  LEU A CG  1 
ATOM   631  C CD1 . LEU A 1 80  ? 15.571  6.032   10.250  1.00 22.10 ? 77  LEU A CD1 1 
ATOM   632  C CD2 . LEU A 1 80  ? 17.124  7.836   9.401   1.00 20.07 ? 77  LEU A CD2 1 
ATOM   633  N N   . ALA A 1 81  ? 12.985  9.707   10.965  1.00 26.97 ? 78  ALA A N   1 
ATOM   634  C CA  . ALA A 1 81  ? 12.802  10.425  12.216  1.00 27.30 ? 78  ALA A CA  1 
ATOM   635  C C   . ALA A 1 81  ? 11.476  10.056  12.874  1.00 27.11 ? 78  ALA A C   1 
ATOM   636  O O   . ALA A 1 81  ? 11.365  10.069  14.101  1.00 27.93 ? 78  ALA A O   1 
ATOM   637  C CB  . ALA A 1 81  ? 12.858  11.935  11.967  1.00 25.51 ? 78  ALA A CB  1 
ATOM   638  N N   . TRP A 1 82  ? 10.472  9.729   12.063  1.00 27.34 ? 79  TRP A N   1 
ATOM   639  C CA  . TRP A 1 82  ? 9.162   9.365   12.597  1.00 28.42 ? 79  TRP A CA  1 
ATOM   640  C C   . TRP A 1 82  ? 9.183   7.947   13.162  1.00 29.97 ? 79  TRP A C   1 
ATOM   641  O O   . TRP A 1 82  ? 8.444   7.633   14.092  1.00 30.68 ? 79  TRP A O   1 
ATOM   642  C CB  . TRP A 1 82  ? 8.095   9.476   11.511  1.00 28.87 ? 79  TRP A CB  1 
ATOM   643  C CG  . TRP A 1 82  ? 6.697   9.547   12.031  1.00 28.62 ? 79  TRP A CG  1 
ATOM   644  C CD1 . TRP A 1 82  ? 6.296   10.051  13.228  1.00 29.38 ? 79  TRP A CD1 1 
ATOM   645  C CD2 . TRP A 1 82  ? 5.501   9.227   11.310  1.00 28.38 ? 79  TRP A CD2 1 
ATOM   646  N NE1 . TRP A 1 82  ? 4.922   10.077  13.302  1.00 29.74 ? 79  TRP A NE1 1 
ATOM   647  C CE2 . TRP A 1 82  ? 4.409   9.577   12.136  1.00 29.09 ? 79  TRP A CE2 1 
ATOM   648  C CE3 . TRP A 1 82  ? 5.247   8.685   10.042  1.00 27.41 ? 79  TRP A CE3 1 
ATOM   649  C CZ2 . TRP A 1 82  ? 3.080   9.405   11.737  1.00 29.32 ? 79  TRP A CZ2 1 
ATOM   650  C CZ3 . TRP A 1 82  ? 3.930   8.513   9.643   1.00 28.51 ? 79  TRP A CZ3 1 
ATOM   651  C CH2 . TRP A 1 82  ? 2.859   8.874   10.489  1.00 27.92 ? 79  TRP A CH2 1 
ATOM   652  N N   . LYS A 1 83  ? 10.026  7.092   12.589  1.00 30.39 ? 80  LYS A N   1 
ATOM   653  C CA  . LYS A 1 83  ? 10.153  5.723   13.068  1.00 30.59 ? 80  LYS A CA  1 
ATOM   654  C C   . LYS A 1 83  ? 10.937  5.730   14.383  1.00 30.64 ? 80  LYS A C   1 
ATOM   655  O O   . LYS A 1 83  ? 10.728  4.875   15.241  1.00 30.35 ? 80  LYS A O   1 
ATOM   656  C CB  . LYS A 1 83  ? 10.880  4.844   12.038  1.00 30.47 ? 80  LYS A CB  1 
ATOM   657  C CG  . LYS A 1 83  ? 10.090  4.569   10.761  1.00 28.31 ? 80  LYS A CG  1 
ATOM   658  C CD  . LYS A 1 83  ? 10.800  3.569   9.864   1.00 27.17 ? 80  LYS A CD  1 
ATOM   659  C CE  . LYS A 1 83  ? 10.962  2.225   10.559  1.00 25.42 ? 80  LYS A CE  1 
ATOM   660  N NZ  . LYS A 1 83  ? 11.525  1.179   9.670   1.00 25.43 ? 80  LYS A NZ  1 
ATOM   661  N N   . LYS A 1 84  ? 11.844  6.695   14.533  1.00 30.64 ? 81  LYS A N   1 
ATOM   662  C CA  . LYS A 1 84  ? 12.642  6.799   15.753  1.00 31.85 ? 81  LYS A CA  1 
ATOM   663  C C   . LYS A 1 84  ? 11.888  7.513   16.866  1.00 33.24 ? 81  LYS A C   1 
ATOM   664  O O   . LYS A 1 84  ? 12.459  7.806   17.919  1.00 34.14 ? 81  LYS A O   1 
ATOM   665  C CB  . LYS A 1 84  ? 13.956  7.527   15.476  1.00 29.42 ? 81  LYS A CB  1 
ATOM   666  C CG  . LYS A 1 84  ? 14.972  6.668   14.766  1.00 27.96 ? 81  LYS A CG  1 
ATOM   667  C CD  . LYS A 1 84  ? 16.203  7.460   14.418  1.00 24.72 ? 81  LYS A CD  1 
ATOM   668  C CE  . LYS A 1 84  ? 17.231  6.564   13.768  1.00 26.40 ? 81  LYS A CE  1 
ATOM   669  N NZ  . LYS A 1 84  ? 18.280  7.382   13.086  1.00 28.25 ? 81  LYS A NZ  1 
ATOM   670  N N   . THR A 1 85  ? 10.605  7.784   16.624  1.00 33.19 ? 82  THR A N   1 
ATOM   671  C CA  . THR A 1 85  ? 9.747   8.457   17.599  1.00 33.94 ? 82  THR A CA  1 
ATOM   672  C C   . THR A 1 85  ? 8.720   7.462   18.145  1.00 34.89 ? 82  THR A C   1 
ATOM   673  O O   . THR A 1 85  ? 7.865   6.965   17.407  1.00 34.98 ? 82  THR A O   1 
ATOM   674  C CB  . THR A 1 85  ? 9.004   9.656   16.961  1.00 33.40 ? 82  THR A CB  1 
ATOM   675  O OG1 . THR A 1 85  ? 9.961   10.567  16.399  1.00 32.75 ? 82  THR A OG1 1 
ATOM   676  C CG2 . THR A 1 85  ? 8.176   10.390  18.008  1.00 31.86 ? 82  THR A CG2 1 
ATOM   677  N N   . PRO A 1 86  ? 8.790   7.172   19.455  1.00 35.44 ? 83  PRO A N   1 
ATOM   678  C CA  . PRO A 1 86  ? 7.910   6.242   20.169  1.00 35.11 ? 83  PRO A CA  1 
ATOM   679  C C   . PRO A 1 86  ? 6.439   6.576   20.043  1.00 35.26 ? 83  PRO A C   1 
ATOM   680  O O   . PRO A 1 86  ? 6.059   7.748   19.964  1.00 35.05 ? 83  PRO A O   1 
ATOM   681  C CB  . PRO A 1 86  ? 8.379   6.357   21.621  1.00 34.51 ? 83  PRO A CB  1 
ATOM   682  C CG  . PRO A 1 86  ? 9.803   6.829   21.504  1.00 35.98 ? 83  PRO A CG  1 
ATOM   683  C CD  . PRO A 1 86  ? 9.717   7.834   20.392  1.00 36.25 ? 83  PRO A CD  1 
ATOM   684  N N   . LEU A 1 87  ? 5.613   5.535   20.035  1.00 35.31 ? 84  LEU A N   1 
ATOM   685  C CA  . LEU A 1 87  ? 4.172   5.702   19.938  1.00 35.89 ? 84  LEU A CA  1 
ATOM   686  C C   . LEU A 1 87  ? 3.697   6.682   21.006  1.00 36.48 ? 84  LEU A C   1 
ATOM   687  O O   . LEU A 1 87  ? 2.830   7.523   20.760  1.00 36.85 ? 84  LEU A O   1 
ATOM   688  C CB  . LEU A 1 87  ? 3.468   4.362   20.160  1.00 35.21 ? 84  LEU A CB  1 
ATOM   689  C CG  . LEU A 1 87  ? 3.575   3.271   19.099  1.00 34.18 ? 84  LEU A CG  1 
ATOM   690  C CD1 . LEU A 1 87  ? 2.808   2.040   19.567  1.00 33.35 ? 84  LEU A CD1 1 
ATOM   691  C CD2 . LEU A 1 87  ? 3.003   3.778   17.784  1.00 34.76 ? 84  LEU A CD2 1 
ATOM   692  N N   . SER A 1 88  ? 4.349   6.617   22.158  1.00 36.83 ? 85  SER A N   1 
ATOM   693  C CA  . SER A 1 88  ? 3.979   7.398   23.315  1.00 37.41 ? 85  SER A CA  1 
ATOM   694  C C   . SER A 1 88  ? 4.138   8.865   23.006  1.00 36.57 ? 85  SER A C   1 
ATOM   695  O O   . SER A 1 88  ? 3.524   9.710   23.640  1.00 35.21 ? 85  SER A O   1 
ATOM   696  C CB  . SER A 1 88  ? 4.853   7.011   24.497  1.00 37.35 ? 85  SER A CB  1 
ATOM   697  O OG  . SER A 1 88  ? 5.702   5.940   24.146  1.00 41.18 ? 85  SER A OG  1 
ATOM   698  N N   . GLN A 1 89  ? 4.973   9.164   22.021  1.00 36.75 ? 86  GLN A N   1 
ATOM   699  C CA  . GLN A 1 89  ? 5.234   10.551  21.675  1.00 37.42 ? 86  GLN A CA  1 
ATOM   700  C C   . GLN A 1 89  ? 4.803   10.964  20.270  1.00 36.86 ? 86  GLN A C   1 
ATOM   701  O O   . GLN A 1 89  ? 5.406   11.851  19.685  1.00 37.54 ? 86  GLN A O   1 
ATOM   702  C CB  . GLN A 1 89  ? 6.686   10.931  21.974  1.00 38.44 ? 86  GLN A CB  1 
ATOM   703  C CG  . GLN A 1 89  ? 6.903   11.303  23.417  1.00 41.33 ? 86  GLN A CG  1 
ATOM   704  C CD  . GLN A 1 89  ? 8.315   11.070  23.904  1.00 43.72 ? 86  GLN A CD  1 
ATOM   705  O OE1 . GLN A 1 89  ? 8.591   11.209  25.090  1.00 46.14 ? 86  GLN A OE1 1 
ATOM   706  N NE2 . GLN A 1 89  ? 9.210   10.727  22.996  1.00 44.07 ? 86  GLN A NE2 1 
ATOM   707  N N   . GLY A 1 90  ? 3.752   10.335  19.749  1.00 35.63 ? 87  GLY A N   1 
ATOM   708  C CA  . GLY A 1 90  ? 3.253   10.643  18.422  1.00 32.80 ? 87  GLY A CA  1 
ATOM   709  C C   . GLY A 1 90  ? 3.940   9.999   17.235  1.00 31.60 ? 87  GLY A C   1 
ATOM   710  O O   . GLY A 1 90  ? 3.604   10.323  16.100  1.00 31.83 ? 87  GLY A O   1 
ATOM   711  N N   . GLY A 1 91  ? 4.887   9.098   17.468  1.00 30.57 ? 88  GLY A N   1 
ATOM   712  C CA  . GLY A 1 91  ? 5.565   8.464   16.347  1.00 30.59 ? 88  GLY A CA  1 
ATOM   713  C C   . GLY A 1 91  ? 4.903   7.177   15.898  1.00 30.86 ? 88  GLY A C   1 
ATOM   714  O O   . GLY A 1 91  ? 3.853   6.814   16.427  1.00 31.11 ? 88  GLY A O   1 
ATOM   715  N N   . ILE A 1 92  ? 5.520   6.487   14.944  1.00 20.00 ? 89  ILE A N   1 
ATOM   716  C CA  . ILE A 1 92  ? 5.048   5.175   14.523  1.00 20.00 ? 89  ILE A CA  1 
ATOM   717  C C   . ILE A 1 92  ? 5.892   4.079   15.086  1.00 20.00 ? 89  ILE A C   1 
ATOM   718  O O   . ILE A 1 92  ? 5.578   2.921   14.931  1.00 35.00 ? 89  ILE A O   1 
ATOM   719  C CB  . ILE A 1 92  ? 5.012   5.041   13.000  1.00 20.00 ? 89  ILE A CB  1 
ATOM   720  C CG1 . ILE A 1 92  ? 6.109   5.876   12.370  1.00 20.00 ? 89  ILE A CG1 1 
ATOM   721  C CG2 . ILE A 1 92  ? 3.659   5.402   12.460  1.00 20.00 ? 89  ILE A CG2 1 
ATOM   722  C CD1 . ILE A 1 92  ? 6.738   5.252   11.186  1.00 20.00 ? 89  ILE A CD1 1 
ATOM   723  N N   . GLY A 1 93  ? 6.988   4.459   15.719  1.00 32.72 ? 90  GLY A N   1 
ATOM   724  C CA  . GLY A 1 93  ? 7.948   3.507   16.228  1.00 31.25 ? 90  GLY A CA  1 
ATOM   725  C C   . GLY A 1 93  ? 8.579   2.704   15.126  1.00 32.07 ? 90  GLY A C   1 
ATOM   726  O O   . GLY A 1 93  ? 8.611   3.115   13.975  1.00 31.59 ? 90  GLY A O   1 
ATOM   727  N N   . ASN A 1 94  ? 9.060   1.530   15.486  1.00 33.06 ? 91  ASN A N   1 
ATOM   728  C CA  . ASN A 1 94  ? 9.877   0.733   14.594  1.00 33.74 ? 91  ASN A CA  1 
ATOM   729  C C   . ASN A 1 94  ? 9.102   -0.241  13.706  1.00 32.97 ? 91  ASN A C   1 
ATOM   730  O O   . ASN A 1 94  ? 9.266   -1.442  13.823  1.00 33.09 ? 91  ASN A O   1 
ATOM   731  C CB  . ASN A 1 94  ? 10.921  -0.015  15.390  1.00 35.37 ? 91  ASN A CB  1 
ATOM   732  C CG  . ASN A 1 94  ? 12.103  -0.364  14.578  1.00 37.56 ? 91  ASN A CG  1 
ATOM   733  O OD1 . ASN A 1 94  ? 12.907  -1.189  14.973  1.00 39.74 ? 91  ASN A OD1 1 
ATOM   734  N ND2 . ASN A 1 94  ? 12.224  0.252   13.423  1.00 38.72 ? 91  ASN A ND2 1 
ATOM   735  N N   . ILE A 1 95  ? 8.265   0.282   12.822  1.00 20.00 ? 92  ILE A N   1 
ATOM   736  C CA  . ILE A 1 95  ? 7.527   -0.566  11.907  1.00 20.00 ? 92  ILE A CA  1 
ATOM   737  C C   . ILE A 1 95  ? 8.447   -1.340  10.983  1.00 20.00 ? 92  ILE A C   1 
ATOM   738  O O   . ILE A 1 95  ? 9.553   -0.923  10.671  1.00 29.78 ? 92  ILE A O   1 
ATOM   739  C CB  . ILE A 1 95  ? 6.504   0.229   11.099  1.00 20.00 ? 92  ILE A CB  1 
ATOM   740  C CG1 . ILE A 1 95  ? 7.206   1.189   10.135  1.00 20.00 ? 92  ILE A CG1 1 
ATOM   741  C CG2 . ILE A 1 95  ? 5.558   0.928   12.004  1.00 20.00 ? 92  ILE A CG2 1 
ATOM   742  C CD1 . ILE A 1 95  ? 6.444   1.463   8.898   1.00 20.00 ? 92  ILE A CD1 1 
ATOM   743  N N   . LYS A 1 96  ? 7.979   -2.492  10.558  1.00 28.96 ? 93  LYS A N   1 
ATOM   744  C CA  . LYS A 1 96  ? 8.874   -3.476  10.016  0.50 28.21 ? 93  LYS A CA  1 
ATOM   745  C C   . LYS A 1 96  ? 8.734   -3.619  8.502   1.00 29.01 ? 93  LYS A C   1 
ATOM   746  O O   . LYS A 1 96  ? 9.445   -4.383  7.868   1.00 29.25 ? 93  LYS A O   1 
ATOM   747  C CB  . LYS A 1 96  ? 8.731   -4.785  10.769  0.50 26.88 ? 93  LYS A CB  1 
ATOM   748  C CG  . LYS A 1 96  ? 9.456   -4.775  12.092  0.50 25.81 ? 93  LYS A CG  1 
ATOM   749  C CD  . LYS A 1 96  ? 10.909  -4.367  11.908  0.50 25.91 ? 93  LYS A CD  1 
ATOM   750  C CE  . LYS A 1 96  ? 11.571  -3.902  13.204  0.50 25.46 ? 93  LYS A CE  1 
ATOM   751  N NZ  . LYS A 1 96  ? 11.738  -4.939  14.240  0.50 23.90 ? 93  LYS A NZ  1 
ATOM   752  N N   . HIS A 1 97  ? 7.841   -2.829  7.926   1.00 28.50 ? 94  HIS A N   1 
ATOM   753  C CA  . HIS A 1 97  ? 7.645   -2.845  6.477   1.00 27.68 ? 94  HIS A CA  1 
ATOM   754  C C   . HIS A 1 97  ? 8.131   -1.502  5.913   1.00 28.61 ? 94  HIS A C   1 
ATOM   755  O O   . HIS A 1 97  ? 8.255   -0.528  6.649   1.00 30.48 ? 94  HIS A O   1 
ATOM   756  C CB  . HIS A 1 97  ? 6.174   -3.106  6.118   1.00 26.33 ? 94  HIS A CB  1 
ATOM   757  C CG  . HIS A 1 97  ? 5.224   -2.037  6.563   1.00 24.67 ? 94  HIS A CG  1 
ATOM   758  N ND1 . HIS A 1 97  ? 4.930   -0.935  5.792   1.00 22.71 ? 94  HIS A ND1 1 
ATOM   759  C CD2 . HIS A 1 97  ? 4.453   -1.938  7.672   1.00 22.62 ? 94  HIS A CD2 1 
ATOM   760  C CE1 . HIS A 1 97  ? 4.011   -0.206  6.400   1.00 22.02 ? 94  HIS A CE1 1 
ATOM   761  N NE2 . HIS A 1 97  ? 3.704   -0.794  7.542   1.00 22.31 ? 94  HIS A NE2 1 
ATOM   762  N N   . THR A 1 98  ? 8.408   -1.442  4.619   1.00 29.04 ? 95  THR A N   1 
ATOM   763  C CA  . THR A 1 98  ? 8.935   -0.217  4.038   1.00 28.99 ? 95  THR A CA  1 
ATOM   764  C C   . THR A 1 98  ? 7.985   0.949   3.782   1.00 27.66 ? 95  THR A C   1 
ATOM   765  O O   . THR A 1 98  ? 6.815   0.773   3.461   1.00 27.39 ? 95  THR A O   1 
ATOM   766  C CB  . THR A 1 98  ? 9.745   -0.521  2.728   1.00 30.63 ? 95  THR A CB  1 
ATOM   767  O OG1 . THR A 1 98  ? 9.418   0.439   1.712   1.00 31.68 ? 95  THR A OG1 1 
ATOM   768  C CG2 . THR A 1 98  ? 9.483   -1.921  2.233   1.00 30.64 ? 95  THR A CG2 1 
ATOM   769  N N   . LEU A 1 99  ? 8.512   2.154   3.973   1.00 27.60 ? 96  LEU A N   1 
ATOM   770  C CA  . LEU A 1 99  ? 7.767   3.382   3.732   1.00 28.33 ? 96  LEU A CA  1 
ATOM   771  C C   . LEU A 1 99  ? 8.486   4.081   2.574   1.00 28.80 ? 96  LEU A C   1 
ATOM   772  O O   . LEU A 1 99  ? 9.706   4.237   2.603   1.00 29.75 ? 96  LEU A O   1 
ATOM   773  C CB  . LEU A 1 99  ? 7.784   4.275   4.978   1.00 27.56 ? 96  LEU A CB  1 
ATOM   774  C CG  . LEU A 1 99  ? 7.089   3.750   6.246   1.00 28.36 ? 96  LEU A CG  1 
ATOM   775  C CD1 . LEU A 1 99  ? 7.240   4.768   7.373   1.00 27.23 ? 96  LEU A CD1 1 
ATOM   776  C CD2 . LEU A 1 99  ? 5.613   3.500   5.967   1.00 27.83 ? 96  LEU A CD2 1 
ATOM   777  N N   . ILE A 1 100 ? 7.932   4.599   1.701   1.00 20.00 ? 97  ILE A N   1 
ATOM   778  C CA  . ILE A 1 100 ? 8.608   5.277   0.603   1.00 20.00 ? 97  ILE A CA  1 
ATOM   779  C C   . ILE A 1 100 ? 8.268   6.763   0.579   1.00 20.00 ? 97  ILE A C   1 
ATOM   780  O O   . ILE A 1 100 ? 7.220   7.179   1.107   1.00 27.65 ? 97  ILE A O   1 
ATOM   781  C CB  . ILE A 1 100 ? 8.236   4.628   -0.744  1.00 20.00 ? 97  ILE A CB  1 
ATOM   782  C CG1 . ILE A 1 100 ? 6.725   4.701   -0.972  1.00 20.00 ? 97  ILE A CG1 1 
ATOM   783  C CG2 . ILE A 1 100 ? 8.718   3.186   -0.791  1.00 20.00 ? 97  ILE A CG2 1 
ATOM   784  C CD1 . ILE A 1 100 ? 6.299   4.303   -2.368  1.00 20.00 ? 97  ILE A CD1 1 
ATOM   785  N N   . SER A 1 101 ? 9.016   7.421   -0.130  1.00 27.91 ? 98  SER A N   1 
ATOM   786  C CA  . SER A 1 101 ? 8.926   8.868   -0.071  1.00 28.93 ? 98  SER A CA  1 
ATOM   787  C C   . SER A 1 101 ? 8.560   9.457   -1.412  1.00 29.38 ? 98  SER A C   1 
ATOM   788  O O   . SER A 1 101 ? 9.330   9.346   -2.366  1.00 30.50 ? 98  SER A O   1 
ATOM   789  C CB  . SER A 1 101 ? 10.262  9.450   0.404   1.00 29.70 ? 98  SER A CB  1 
ATOM   790  O OG  . SER A 1 101 ? 10.291  10.865  0.283   1.00 33.25 ? 98  SER A OG  1 
ATOM   791  N N   . ASP A 1 102 ? 7.398   10.101  -1.443  1.00 30.12 ? 99  ASP A N   1 
ATOM   792  C CA  . ASP A 1 102 ? 6.844   10.735  -2.632  1.00 29.55 ? 99  ASP A CA  1 
ATOM   793  C C   . ASP A 1 102 ? 7.081   12.248  -2.668  1.00 30.03 ? 99  ASP A C   1 
ATOM   794  O O   . ASP A 1 102 ? 6.144   13.026  -2.695  1.00 29.18 ? 99  ASP A O   1 
ATOM   795  C CB  . ASP A 1 102 ? 5.351   10.423  -2.760  1.00 31.22 ? 99  ASP A CB  1 
ATOM   796  C CG  . ASP A 1 102 ? 4.776   10.825  -4.102  1.00 33.41 ? 99  ASP A CG  1 
ATOM   797  O OD1 . ASP A 1 102 ? 5.539   10.936  -5.073  1.00 33.58 ? 99  ASP A OD1 1 
ATOM   798  O OD2 . ASP A 1 102 ? 3.575   11.061  -4.278  1.00 33.86 ? 99  ASP A OD2 1 
ATOM   799  N N   . ILE A 1 103 ? 8.345   12.647  -2.688  1.00 20.00 ? 100 ILE A N   1 
ATOM   800  C CA  . ILE A 1 103 ? 8.724   14.020  -2.406  1.00 20.00 ? 100 ILE A CA  1 
ATOM   801  C C   . ILE A 1 103 ? 8.494   14.989  -3.552  1.00 20.00 ? 100 ILE A C   1 
ATOM   802  O O   . ILE A 1 103 ? 8.414   16.179  -3.339  1.00 31.59 ? 100 ILE A O   1 
ATOM   803  C CB  . ILE A 1 103 ? 10.170  14.125  -1.915  1.00 20.00 ? 100 ILE A CB  1 
ATOM   804  C CG1 . ILE A 1 103 ? 10.571  15.585  -1.817  1.00 20.00 ? 100 ILE A CG1 1 
ATOM   805  C CG2 . ILE A 1 103 ? 11.107  13.429  -2.852  1.00 20.00 ? 100 ILE A CG2 1 
ATOM   806  C CD1 . ILE A 1 103 ? 11.213  15.931  -0.539  1.00 20.00 ? 100 ILE A CD1 1 
ATOM   807  N N   . SER A 1 104 ? 8.392   14.470  -4.764  1.00 30.04 ? 101 SER A N   1 
ATOM   808  C CA  . SER A 1 104 ? 7.929   15.256  -5.894  1.00 30.22 ? 101 SER A CA  1 
ATOM   809  C C   . SER A 1 104 ? 6.420   15.270  -6.050  1.00 29.87 ? 101 SER A C   1 
ATOM   810  O O   . SER A 1 104 ? 5.886   16.012  -6.853  1.00 29.96 ? 101 SER A O   1 
ATOM   811  C CB  . SER A 1 104 ? 8.611   14.799  -7.183  1.00 27.80 ? 101 SER A CB  1 
ATOM   812  O OG  . SER A 1 104 ? 7.929   13.733  -7.793  1.00 25.66 ? 101 SER A OG  1 
ATOM   813  N N   . LYS A 1 105 ? 5.743   14.439  -5.274  1.00 30.72 ? 102 LYS A N   1 
ATOM   814  C CA  . LYS A 1 105 ? 4.296   14.290  -5.359  1.00 31.55 ? 102 LYS A CA  1 
ATOM   815  C C   . LYS A 1 105 ? 3.823   13.518  -6.591  1.00 32.12 ? 102 LYS A C   1 
ATOM   816  O O   . LYS A 1 105 ? 2.631   13.331  -6.785  1.00 32.78 ? 102 LYS A O   1 
ATOM   817  C CB  . LYS A 1 105 ? 3.598   15.638  -5.277  1.00 30.90 ? 102 LYS A CB  1 
ATOM   818  C CG  . LYS A 1 105 ? 3.679   16.278  -3.918  1.00 31.06 ? 102 LYS A CG  1 
ATOM   819  C CD  . LYS A 1 105 ? 2.881   17.553  -3.832  1.00 29.36 ? 102 LYS A CD  1 
ATOM   820  C CE  . LYS A 1 105 ? 3.461   18.473  -2.795  1.00 28.11 ? 102 LYS A CE  1 
ATOM   821  N NZ  . LYS A 1 105 ? 3.383   17.870  -1.460  1.00 26.77 ? 102 LYS A NZ  1 
ATOM   822  N N   . SER A 1 106 ? 4.776   13.003  -7.359  1.00 32.37 ? 103 SER A N   1 
ATOM   823  C CA  . SER A 1 106 ? 4.494   12.349  -8.618  1.00 32.56 ? 103 SER A CA  1 
ATOM   824  C C   . SER A 1 106 ? 3.677   11.064  -8.487  1.00 31.85 ? 103 SER A C   1 
ATOM   825  O O   . SER A 1 106 ? 2.793   10.806  -9.273  1.00 31.84 ? 103 SER A O   1 
ATOM   826  C CB  . SER A 1 106 ? 5.786   12.121  -9.411  1.00 32.32 ? 103 SER A CB  1 
ATOM   827  O OG  . SER A 1 106 ? 6.602   11.112  -8.856  1.00 33.29 ? 103 SER A OG  1 
ATOM   828  N N   . ILE A 1 107 ? 3.982   10.270  -7.478  1.00 20.00 ? 104 ILE A N   1 
ATOM   829  C CA  . ILE A 1 107 ? 3.320   8.996   -7.283  1.00 20.00 ? 104 ILE A CA  1 
ATOM   830  C C   . ILE A 1 107 ? 1.858   9.192   -6.925  1.00 20.00 ? 104 ILE A C   1 
ATOM   831  O O   . ILE A 1 107 ? 0.979   8.632   -7.565  1.00 31.48 ? 104 ILE A O   1 
ATOM   832  C CB  . ILE A 1 107 ? 4.061   8.148   -6.233  1.00 20.00 ? 104 ILE A CB  1 
ATOM   833  C CG1 . ILE A 1 107 ? 5.485   7.865   -6.702  1.00 20.00 ? 104 ILE A CG1 1 
ATOM   834  C CG2 . ILE A 1 107 ? 3.325   6.871   -5.967  1.00 20.00 ? 104 ILE A CG2 1 
ATOM   835  C CD1 . ILE A 1 107 ? 6.476   7.579   -5.612  1.00 20.00 ? 104 ILE A CD1 1 
ATOM   836  N N   . ALA A 1 108 ? 1.605   10.018  -5.920  1.00 30.13 ? 105 ALA A N   1 
ATOM   837  C CA  . ALA A 1 108 ? 0.248   10.342  -5.547  1.00 29.65 ? 105 ALA A CA  1 
ATOM   838  C C   . ALA A 1 108 ? -0.514  10.811  -6.762  1.00 28.80 ? 105 ALA A C   1 
ATOM   839  O O   . ALA A 1 108 ? -1.659  10.451  -6.948  1.00 28.14 ? 105 ALA A O   1 
ATOM   840  C CB  . ALA A 1 108 ? 0.206   11.374  -4.454  1.00 29.74 ? 105 ALA A CB  1 
ATOM   841  N N   . ARG A 1 109 ? 0.134   11.603  -7.598  1.00 29.74 ? 106 ARG A N   1 
ATOM   842  C CA  . ARG A 1 109 ? -0.557  12.157  -8.755  1.00 30.43 ? 106 ARG A CA  1 
ATOM   843  C C   . ARG A 1 109 ? -0.948  11.057  -9.745  1.00 29.21 ? 106 ARG A C   1 
ATOM   844  O O   . ARG A 1 109 ? -2.091  11.007  -10.200 1.00 28.19 ? 106 ARG A O   1 
ATOM   845  C CB  . ARG A 1 109 ? 0.340   13.192  -9.457  1.00 30.59 ? 106 ARG A CB  1 
ATOM   846  C CG  . ARG A 1 109 ? -0.415  14.154  -10.378 1.00 30.86 ? 106 ARG A CG  1 
ATOM   847  C CD  . ARG A 1 109 ? 0.549   14.990  -11.228 1.00 31.02 ? 106 ARG A CD  1 
ATOM   848  N NE  . ARG A 1 109 ? 1.568   15.649  -10.414 1.00 29.92 ? 106 ARG A NE  1 
ATOM   849  C CZ  . ARG A 1 109 ? 1.334   16.686  -9.620  1.00 29.12 ? 106 ARG A CZ  1 
ATOM   850  N NH1 . ARG A 1 109 ? 0.113   17.193  -9.537  1.00 30.08 ? 106 ARG A NH1 1 
ATOM   851  N NH2 . ARG A 1 109 ? 2.318   17.211  -8.902  1.00 29.94 ? 106 ARG A NH2 1 
ATOM   852  N N   . SER A 1 110 ? 0.002   10.178  -10.065 1.00 28.19 ? 107 SER A N   1 
ATOM   853  C CA  . SER A 1 110 ? -0.244  9.088   -11.013 1.00 27.22 ? 107 SER A CA  1 
ATOM   854  C C   . SER A 1 110 ? -1.386  8.174   -10.582 1.00 26.71 ? 107 SER A C   1 
ATOM   855  O O   . SER A 1 110 ? -2.063  7.579   -11.418 1.00 27.03 ? 107 SER A O   1 
ATOM   856  C CB  . SER A 1 110 ? 1.030   8.261   -11.217 1.00 25.65 ? 107 SER A CB  1 
ATOM   857  O OG  . SER A 1 110 ? 1.412   7.599   -10.026 1.00 24.29 ? 107 SER A OG  1 
ATOM   858  N N   . TYR A 1 111 ? -1.607  8.081   -9.276  1.00 26.91 ? 108 TYR A N   1 
ATOM   859  C CA  . TYR A 1 111 ? -2.666  7.246   -8.730  1.00 27.13 ? 108 TYR A CA  1 
ATOM   860  C C   . TYR A 1 111 ? -3.922  8.053   -8.429  1.00 28.21 ? 108 TYR A C   1 
ATOM   861  O O   . TYR A 1 111 ? -4.893  7.533   -7.877  1.00 27.74 ? 108 TYR A O   1 
ATOM   862  C CB  . TYR A 1 111 ? -2.149  6.522   -7.479  1.00 26.24 ? 108 TYR A CB  1 
ATOM   863  C CG  . TYR A 1 111 ? -1.230  5.351   -7.820  1.00 25.23 ? 108 TYR A CG  1 
ATOM   864  C CD1 . TYR A 1 111 ? -1.746  4.070   -8.023  1.00 23.15 ? 108 TYR A CD1 1 
ATOM   865  C CD2 . TYR A 1 111 ? 0.134   5.541   -8.026  1.00 22.76 ? 108 TYR A CD2 1 
ATOM   866  C CE1 . TYR A 1 111 ? -0.930  3.010   -8.429  1.00 22.46 ? 108 TYR A CE1 1 
ATOM   867  C CE2 . TYR A 1 111 ? 0.966   4.485   -8.434  1.00 22.40 ? 108 TYR A CE2 1 
ATOM   868  C CZ  . TYR A 1 111 ? 0.425   3.221   -8.633  1.00 22.39 ? 108 TYR A CZ  1 
ATOM   869  O OH  . TYR A 1 111 ? 1.230   2.168   -9.019  1.00 22.00 ? 108 TYR A OH  1 
ATOM   870  N N   . ASP A 1 112 ? -3.904  9.327   -8.819  1.00 31.46 ? 109 ASP A N   1 
ATOM   871  C CA  . ASP A 1 112 ? -5.034  10.235  -8.610  1.00 34.35 ? 109 ASP A CA  1 
ATOM   872  C C   . ASP A 1 112 ? -5.504  10.351  -7.176  1.00 33.93 ? 109 ASP A C   1 
ATOM   873  O O   . ASP A 1 112 ? -6.705  10.294  -6.905  1.00 33.54 ? 109 ASP A O   1 
ATOM   874  C CB  . ASP A 1 112 ? -6.228  9.826   -9.468  1.00 37.98 ? 109 ASP A CB  1 
ATOM   875  C CG  . ASP A 1 112 ? -6.070  10.227  -10.919 1.00 41.19 ? 109 ASP A CG  1 
ATOM   876  O OD1 . ASP A 1 112 ? -5.542  11.335  -11.176 1.00 42.84 ? 109 ASP A OD1 1 
ATOM   877  O OD2 . ASP A 1 112 ? -6.494  9.440   -11.795 1.00 42.24 ? 109 ASP A OD2 1 
ATOM   878  N N   . VAL A 1 113 ? -4.559  10.520  -6.258  1.00 33.97 ? 110 VAL A N   1 
ATOM   879  C CA  . VAL A 1 113 ? -4.893  10.655  -4.850  1.00 32.92 ? 110 VAL A CA  1 
ATOM   880  C C   . VAL A 1 113 ? -4.149  11.829  -4.250  1.00 33.18 ? 110 VAL A C   1 
ATOM   881  O O   . VAL A 1 113 ? -3.882  11.864  -3.049  1.00 34.28 ? 110 VAL A O   1 
ATOM   882  C CB  . VAL A 1 113 ? -4.553  9.379   -4.058  1.00 32.21 ? 110 VAL A CB  1 
ATOM   883  C CG1 . VAL A 1 113 ? -5.410  8.231   -4.554  1.00 29.18 ? 110 VAL A CG1 1 
ATOM   884  C CG2 . VAL A 1 113 ? -3.074  9.046   -4.209  1.00 32.81 ? 110 VAL A CG2 1 
ATOM   885  N N   . LEU A 1 114 ? -3.789  12.786  -5.093  1.00 33.21 ? 111 LEU A N   1 
ATOM   886  C CA  . LEU A 1 114 ? -3.105  13.970  -4.601  1.00 33.58 ? 111 LEU A CA  1 
ATOM   887  C C   . LEU A 1 114 ? -4.175  15.011  -4.288  1.00 34.54 ? 111 LEU A C   1 
ATOM   888  O O   . LEU A 1 114 ? -4.956  15.384  -5.163  1.00 34.08 ? 111 LEU A O   1 
ATOM   889  C CB  . LEU A 1 114 ? -2.137  14.513  -5.651  1.00 32.62 ? 111 LEU A CB  1 
ATOM   890  C CG  . LEU A 1 114 ? -1.343  15.750  -5.216  1.00 31.64 ? 111 LEU A CG  1 
ATOM   891  C CD1 . LEU A 1 114 ? -0.563  15.453  -3.936  1.00 31.06 ? 111 LEU A CD1 1 
ATOM   892  C CD2 . LEU A 1 114 ? -0.393  16.154  -6.331  1.00 30.09 ? 111 LEU A CD2 1 
ATOM   893  N N   . PHE A 1 115 ? -4.228  15.458  -3.038  1.00 35.61 ? 112 PHE A N   1 
ATOM   894  C CA  . PHE A 1 115 ? -5.210  16.461  -2.646  1.00 36.86 ? 112 PHE A CA  1 
ATOM   895  C C   . PHE A 1 115 ? -4.606  17.852  -2.840  1.00 37.58 ? 112 PHE A C   1 
ATOM   896  O O   . PHE A 1 115 ? -3.588  18.178  -2.237  1.00 37.90 ? 112 PHE A O   1 
ATOM   897  C CB  . PHE A 1 115 ? -5.639  16.260  -1.191  1.00 37.01 ? 112 PHE A CB  1 
ATOM   898  C CG  . PHE A 1 115 ? -6.744  17.176  -0.761  1.00 38.04 ? 112 PHE A CG  1 
ATOM   899  C CD1 . PHE A 1 115 ? -7.871  17.346  -1.559  1.00 38.15 ? 112 PHE A CD1 1 
ATOM   900  C CD2 . PHE A 1 115 ? -6.655  17.886  0.432   1.00 38.38 ? 112 PHE A CD2 1 
ATOM   901  C CE1 . PHE A 1 115 ? -8.895  18.211  -1.176  1.00 37.54 ? 112 PHE A CE1 1 
ATOM   902  C CE2 . PHE A 1 115 ? -7.672  18.753  0.826   1.00 37.31 ? 112 PHE A CE2 1 
ATOM   903  C CZ  . PHE A 1 115 ? -8.792  18.916  0.020   1.00 37.35 ? 112 PHE A CZ  1 
ATOM   904  N N   . ASN A 1 116 ? -5.267  18.655  -3.676  1.00 39.18 ? 113 ASN A N   1 
ATOM   905  C CA  . ASN A 1 116 ? -4.842  20.015  -4.055  1.00 39.30 ? 113 ASN A CA  1 
ATOM   906  C C   . ASN A 1 116 ? -3.335  20.262  -3.987  1.00 37.82 ? 113 ASN A C   1 
ATOM   907  O O   . ASN A 1 116 ? -2.838  21.055  -3.187  1.00 35.61 ? 113 ASN A O   1 
ATOM   908  C CB  . ASN A 1 116 ? -5.634  21.101  -3.281  1.00 42.61 ? 113 ASN A CB  1 
ATOM   909  C CG  . ASN A 1 116 ? -5.409  21.066  -1.776  1.00 45.78 ? 113 ASN A CG  1 
ATOM   910  O OD1 . ASN A 1 116 ? -5.409  20.001  -1.160  1.00 48.30 ? 113 ASN A OD1 1 
ATOM   911  N ND2 . ASN A 1 116 ? -5.247  22.248  -1.169  1.00 44.55 ? 113 ASN A ND2 1 
ATOM   912  N N   . GLU A 1 117 ? -2.625  19.554  -4.862  1.00 36.90 ? 114 GLU A N   1 
ATOM   913  C CA  . GLU A 1 117 ? -1.179  19.643  -4.983  1.00 37.20 ? 114 GLU A CA  1 
ATOM   914  C C   . GLU A 1 117 ? -0.453  19.717  -3.647  1.00 36.83 ? 114 GLU A C   1 
ATOM   915  O O   . GLU A 1 117 ? 0.594   20.345  -3.541  1.00 36.65 ? 114 GLU A O   1 
ATOM   916  C CB  . GLU A 1 117 ? -0.810  20.858  -5.831  1.00 39.60 ? 114 GLU A CB  1 
ATOM   917  C CG  . GLU A 1 117 ? -1.377  20.812  -7.241  1.00 42.90 ? 114 GLU A CG  1 
ATOM   918  C CD  . GLU A 1 117 ? -0.824  19.659  -8.055  1.00 43.94 ? 114 GLU A CD  1 
ATOM   919  O OE1 . GLU A 1 117 ? 0.383   19.686  -8.374  1.00 44.95 ? 114 GLU A OE1 1 
ATOM   920  O OE2 . GLU A 1 117 ? -1.596  18.727  -8.370  1.00 44.16 ? 114 GLU A OE2 1 
ATOM   921  N N   . SER A 1 118 ? -0.995  19.072  -2.626  1.00 36.82 ? 115 SER A N   1 
ATOM   922  C CA  . SER A 1 118 ? -0.350  19.100  -1.326  1.00 36.55 ? 115 SER A CA  1 
ATOM   923  C C   . SER A 1 118 ? -0.031  17.724  -0.771  1.00 35.12 ? 115 SER A C   1 
ATOM   924  O O   . SER A 1 118 ? 1.113   17.280  -0.822  1.00 34.84 ? 115 SER A O   1 
ATOM   925  C CB  . SER A 1 118 ? -1.206  19.875  -0.329  1.00 38.13 ? 115 SER A CB  1 
ATOM   926  O OG  . SER A 1 118 ? -1.151  21.257  -0.617  1.00 41.55 ? 115 SER A OG  1 
ATOM   927  N N   . VAL A 1 119 ? -1.040  17.052  -0.234  1.00 33.13 ? 116 VAL A N   1 
ATOM   928  C CA  . VAL A 1 119 ? -0.826  15.731  0.338   1.00 30.93 ? 116 VAL A CA  1 
ATOM   929  C C   . VAL A 1 119 ? -1.677  14.661  -0.332  1.00 29.54 ? 116 VAL A C   1 
ATOM   930  O O   . VAL A 1 119 ? -2.617  14.956  -1.068  1.00 29.74 ? 116 VAL A O   1 
ATOM   931  C CB  . VAL A 1 119 ? -1.131  15.726  1.845   1.00 31.13 ? 116 VAL A CB  1 
ATOM   932  C CG1 . VAL A 1 119 ? -0.225  16.721  2.563   1.00 28.98 ? 116 VAL A CG1 1 
ATOM   933  C CG2 . VAL A 1 119 ? -2.602  16.065  2.077   1.00 29.80 ? 116 VAL A CG2 1 
ATOM   934  N N   . ALA A 1 120 ? -1.337  13.411  -0.062  1.00 28.21 ? 117 ALA A N   1 
ATOM   935  C CA  . ALA A 1 120 ? -2.066  12.301  -0.635  1.00 27.23 ? 117 ALA A CA  1 
ATOM   936  C C   . ALA A 1 120 ? -3.283  11.962  0.208   1.00 27.15 ? 117 ALA A C   1 
ATOM   937  O O   . ALA A 1 120 ? -3.266  12.112  1.428   1.00 27.98 ? 117 ALA A O   1 
ATOM   938  C CB  . ALA A 1 120 ? -1.158  11.079  -0.753  1.00 26.27 ? 117 ALA A CB  1 
ATOM   939  N N   . LEU A 1 121 ? -4.345  11.531  -0.458  1.00 25.85 ? 118 LEU A N   1 
ATOM   940  C CA  . LEU A 1 121 ? -5.566  11.118  0.215   1.00 24.68 ? 118 LEU A CA  1 
ATOM   941  C C   . LEU A 1 121 ? -5.345  9.664   0.631   1.00 24.14 ? 118 LEU A C   1 
ATOM   942  O O   . LEU A 1 121 ? -4.561  8.941   0.002   1.00 23.67 ? 118 LEU A O   1 
ATOM   943  C CB  . LEU A 1 121 ? -6.748  11.196  -0.751  1.00 24.26 ? 118 LEU A CB  1 
ATOM   944  C CG  . LEU A 1 121 ? -7.122  12.597  -1.253  1.00 24.51 ? 118 LEU A CG  1 
ATOM   945  C CD1 . LEU A 1 121 ? -7.890  12.478  -2.543  1.00 22.24 ? 118 LEU A CD1 1 
ATOM   946  C CD2 . LEU A 1 121 ? -7.947  13.337  -0.188  1.00 24.10 ? 118 LEU A CD2 1 
ATOM   947  N N   . ARG A 1 122 ? -6.026  9.240   1.689   1.00 25.05 ? 119 ARG A N   1 
ATOM   948  C CA  . ARG A 1 122 ? -5.921  7.861   2.166   1.00 25.00 ? 119 ARG A CA  1 
ATOM   949  C C   . ARG A 1 122 ? -6.427  6.882   1.095   1.00 24.92 ? 119 ARG A C   1 
ATOM   950  O O   . ARG A 1 122 ? -7.520  7.057   0.559   1.00 23.31 ? 119 ARG A O   1 
ATOM   951  C CB  . ARG A 1 122 ? -6.731  7.694   3.450   1.00 24.73 ? 119 ARG A CB  1 
ATOM   952  C CG  . ARG A 1 122 ? -6.083  8.313   4.695   1.00 25.99 ? 119 ARG A CG  1 
ATOM   953  C CD  . ARG A 1 122 ? -6.996  8.174   5.899   1.00 27.62 ? 119 ARG A CD  1 
ATOM   954  N NE  . ARG A 1 122 ? -6.352  8.593   7.144   1.00 31.32 ? 119 ARG A NE  1 
ATOM   955  C CZ  . ARG A 1 122 ? -6.067  9.855   7.466   1.00 33.07 ? 119 ARG A CZ  1 
ATOM   956  N NH1 . ARG A 1 122 ? -6.371  10.846  6.637   1.00 34.47 ? 119 ARG A NH1 1 
ATOM   957  N NH2 . ARG A 1 122 ? -5.469  10.128  8.618   1.00 32.25 ? 119 ARG A NH2 1 
ATOM   958  N N   . ALA A 1 123 ? -5.629  5.860   0.782   1.00 23.53 ? 120 ALA A N   1 
ATOM   959  C CA  . ALA A 1 123 ? -6.021  4.879   -0.225  1.00 23.30 ? 120 ALA A CA  1 
ATOM   960  C C   . ALA A 1 123 ? -5.270  3.547   -0.122  1.00 22.80 ? 120 ALA A C   1 
ATOM   961  O O   . ALA A 1 123 ? -4.079  3.522   0.223   1.00 23.92 ? 120 ALA A O   1 
ATOM   962  C CB  . ALA A 1 123 ? -5.822  5.471   -1.621  1.00 23.05 ? 120 ALA A CB  1 
ATOM   963  N N   . PHE A 1 124 ? -5.969  2.446   -0.408  1.00 21.24 ? 121 PHE A N   1 
ATOM   964  C CA  . PHE A 1 124 ? -5.344  1.121   -0.398  1.00 21.28 ? 121 PHE A CA  1 
ATOM   965  C C   . PHE A 1 124 ? -5.401  0.622   -1.836  1.00 21.26 ? 121 PHE A C   1 
ATOM   966  O O   . PHE A 1 124 ? -6.476  0.541   -2.429  1.00 24.68 ? 121 PHE A O   1 
ATOM   967  C CB  . PHE A 1 124 ? -6.083  0.127   0.516   1.00 21.58 ? 121 PHE A CB  1 
ATOM   968  C CG  . PHE A 1 124 ? -6.038  0.483   1.983   1.00 21.87 ? 121 PHE A CG  1 
ATOM   969  C CD1 . PHE A 1 124 ? -4.824  0.679   2.636   1.00 22.65 ? 121 PHE A CD1 1 
ATOM   970  C CD2 . PHE A 1 124 ? -7.219  0.648   2.708   1.00 20.77 ? 121 PHE A CD2 1 
ATOM   971  C CE1 . PHE A 1 124 ? -4.787  1.042   3.997   1.00 22.30 ? 121 PHE A CE1 1 
ATOM   972  C CE2 . PHE A 1 124 ? -7.192  1.010   4.062   1.00 19.73 ? 121 PHE A CE2 1 
ATOM   973  C CZ  . PHE A 1 124 ? -5.977  1.208   4.704   1.00 19.93 ? 121 PHE A CZ  1 
ATOM   974  N N   . VAL A 1 125 ? -4.244  0.304   -2.399  1.00 19.95 ? 122 VAL A N   1 
ATOM   975  C CA  . VAL A 1 125 ? -4.170  -0.164  -3.777  1.00 19.11 ? 122 VAL A CA  1 
ATOM   976  C C   . VAL A 1 125 ? -3.489  -1.523  -3.845  1.00 19.48 ? 122 VAL A C   1 
ATOM   977  O O   . VAL A 1 125 ? -2.311  -1.658  -3.514  1.00 19.42 ? 122 VAL A O   1 
ATOM   978  C CB  . VAL A 1 125 ? -3.386  0.834   -4.643  1.00 19.83 ? 122 VAL A CB  1 
ATOM   979  C CG1 . VAL A 1 125 ? -3.469  0.437   -6.118  1.00 19.78 ? 122 VAL A CG1 1 
ATOM   980  C CG2 . VAL A 1 125 ? -3.945  2.239   -4.430  1.00 19.25 ? 122 VAL A CG2 1 
ATOM   981  N N   . LEU A 1 126 ? -4.236  -2.533  -4.272  1.00 19.38 ? 123 LEU A N   1 
ATOM   982  C CA  . LEU A 1 126 ? -3.690  -3.881  -4.364  1.00 18.54 ? 123 LEU A CA  1 
ATOM   983  C C   . LEU A 1 126 ? -3.276  -4.168  -5.803  1.00 17.35 ? 123 LEU A C   1 
ATOM   984  O O   . LEU A 1 126 ? -4.069  -4.006  -6.732  1.00 17.03 ? 123 LEU A O   1 
ATOM   985  C CB  . LEU A 1 126 ? -4.729  -4.903  -3.878  1.00 17.96 ? 123 LEU A CB  1 
ATOM   986  C CG  . LEU A 1 126 ? -4.435  -6.387  -4.102  1.00 18.61 ? 123 LEU A CG  1 
ATOM   987  C CD1 . LEU A 1 126 ? -3.146  -6.794  -3.395  1.00 17.21 ? 123 LEU A CD1 1 
ATOM   988  C CD2 . LEU A 1 126 ? -5.618  -7.210  -3.617  1.00 17.92 ? 123 LEU A CD2 1 
ATOM   989  N N   . ILE A 1 127 ? -2.146  -4.578  -5.990  1.00 20.00 ? 124 ILE A N   1 
ATOM   990  C CA  . ILE A 1 127 ? -1.500  -4.845  -7.269  1.00 20.00 ? 124 ILE A CA  1 
ATOM   991  C C   . ILE A 1 127 ? -1.029  -6.293  -7.358  1.00 20.00 ? 124 ILE A C   1 
ATOM   992  O O   . ILE A 1 127 ? -0.447  -6.817  -6.381  1.00 18.20 ? 124 ILE A O   1 
ATOM   993  C CB  . ILE A 1 127 ? -0.312  -3.888  -7.484  1.00 20.00 ? 124 ILE A CB  1 
ATOM   994  C CG1 . ILE A 1 127 ? -0.727  -2.446  -7.187  1.00 20.00 ? 124 ILE A CG1 1 
ATOM   995  C CG2 . ILE A 1 127 ? 0.221   -4.013  -8.903  1.00 20.00 ? 124 ILE A CG2 1 
ATOM   996  C CD1 . ILE A 1 127 ? 0.435   -1.486  -7.080  1.00 20.00 ? 124 ILE A CD1 1 
ATOM   997  N N   . ASP A 1 128 ? -1.297  -7.073  -8.414  1.00 18.16 ? 125 ASP A N   1 
ATOM   998  C CA  . ASP A 1 128 ? -0.852  -8.471  -8.500  1.00 20.19 ? 125 ASP A CA  1 
ATOM   999  C C   . ASP A 1 128 ? 0.617   -8.585  -8.903  1.00 22.17 ? 125 ASP A C   1 
ATOM   1000 O O   . ASP A 1 128 ? 1.290   -7.574  -9.096  1.00 21.90 ? 125 ASP A O   1 
ATOM   1001 C CB  . ASP A 1 128 ? -1.728  -9.297  -9.458  1.00 21.59 ? 125 ASP A CB  1 
ATOM   1002 C CG  . ASP A 1 128 ? -1.658  -8.814  -10.897 1.00 23.92 ? 125 ASP A CG  1 
ATOM   1003 O OD1 . ASP A 1 128 ? -0.635  -8.223  -11.309 1.00 25.11 ? 125 ASP A OD1 1 
ATOM   1004 O OD2 . ASP A 1 128 ? -2.639  -9.050  -11.629 1.00 24.85 ? 125 ASP A OD2 1 
ATOM   1005 N N   . LYS A 1 129 ? 1.070   -9.808  -9.119  1.00 23.18 ? 126 LYS A N   1 
ATOM   1006 C CA  . LYS A 1 129 ? 2.463   -10.092 -9.392  1.00 23.34 ? 126 LYS A CA  1 
ATOM   1007 C C   . LYS A 1 129 ? 2.873   -9.719  -10.818 1.00 24.29 ? 126 LYS A C   1 
ATOM   1008 O O   . LYS A 1 129 ? 4.037   -9.758  -11.179 1.00 24.72 ? 126 LYS A O   1 
ATOM   1009 C CB  . LYS A 1 129 ? 2.744   -11.553 -9.110  1.00 23.64 ? 126 LYS A CB  1 
ATOM   1010 C CG  . LYS A 1 129 ? 2.181   -12.021 -7.807  1.00 23.51 ? 126 LYS A CG  1 
ATOM   1011 C CD  . LYS A 1 129 ? 3.050   -13.095 -7.195  1.00 24.11 ? 126 LYS A CD  1 
ATOM   1012 C CE  . LYS A 1 129 ? 2.953   -14.402 -7.953  1.00 23.83 ? 126 LYS A CE  1 
ATOM   1013 N NZ  . LYS A 1 129 ? 1.579   -14.918 -7.986  1.00 25.53 ? 126 LYS A NZ  1 
ATOM   1014 N N   . GLN A 1 130 ? 1.887   -9.324  -11.606 1.00 24.70 ? 127 GLN A N   1 
ATOM   1015 C CA  . GLN A 1 130 ? 2.100   -8.902  -12.986 1.00 24.84 ? 127 GLN A CA  1 
ATOM   1016 C C   . GLN A 1 130 ? 1.933   -7.370  -13.008 1.00 23.60 ? 127 GLN A C   1 
ATOM   1017 O O   . GLN A 1 130 ? 1.858   -6.763  -14.074 1.00 23.34 ? 127 GLN A O   1 
ATOM   1018 C CB  . GLN A 1 130 ? 1.067   -9.545  -13.927 1.00 26.39 ? 127 GLN A CB  1 
ATOM   1019 C CG  . GLN A 1 130 ? 1.376   -10.983 -14.370 1.00 31.81 ? 127 GLN A CG  1 
ATOM   1020 C CD  . GLN A 1 130 ? 1.388   -11.994 -13.227 1.00 35.59 ? 127 GLN A CD  1 
ATOM   1021 O OE1 . GLN A 1 130 ? 0.388   -12.168 -12.525 1.00 37.52 ? 127 GLN A OE1 1 
ATOM   1022 N NE2 . GLN A 1 130 ? 2.524   -12.671 -13.039 1.00 36.05 ? 127 GLN A NE2 1 
ATOM   1023 N N   . GLY A 1 131 ? 1.848   -6.754  -11.823 1.00 22.18 ? 128 GLY A N   1 
ATOM   1024 C CA  . GLY A 1 131 ? 1.698   -5.304  -11.740 1.00 20.84 ? 128 GLY A CA  1 
ATOM   1025 C C   . GLY A 1 131 ? 0.373   -4.703  -12.213 1.00 19.93 ? 128 GLY A C   1 
ATOM   1026 O O   . GLY A 1 131 ? 0.316   -3.542  -12.622 1.00 19.76 ? 128 GLY A O   1 
ATOM   1027 N N   . VAL A 1 132 ? -0.695  -5.484  -12.157 1.00 18.82 ? 129 VAL A N   1 
ATOM   1028 C CA  . VAL A 1 132 ? -2.022  -5.024  -12.563 1.00 19.18 ? 129 VAL A CA  1 
ATOM   1029 C C   . VAL A 1 132 ? -2.813  -4.684  -11.297 1.00 19.04 ? 129 VAL A C   1 
ATOM   1030 O O   . VAL A 1 132 ? -2.799  -5.457  -10.335 1.00 19.39 ? 129 VAL A O   1 
ATOM   1031 C CB  . VAL A 1 132 ? -2.773  -6.138  -13.326 1.00 20.90 ? 129 VAL A CB  1 
ATOM   1032 C CG1 . VAL A 1 132 ? -4.089  -5.595  -13.905 1.00 19.73 ? 129 VAL A CG1 1 
ATOM   1033 C CG2 . VAL A 1 132 ? -1.873  -6.707  -14.428 1.00 21.50 ? 129 VAL A CG2 1 
ATOM   1034 N N   . VAL A 1 133 ? -3.498  -3.538  -11.292 1.00 18.66 ? 130 VAL A N   1 
ATOM   1035 C CA  . VAL A 1 133 ? -4.279  -3.120  -10.129 1.00 17.46 ? 130 VAL A CA  1 
ATOM   1036 C C   . VAL A 1 133 ? -5.543  -3.961  -9.982  1.00 18.09 ? 130 VAL A C   1 
ATOM   1037 O O   . VAL A 1 133 ? -6.317  -4.085  -10.927 1.00 20.18 ? 130 VAL A O   1 
ATOM   1038 C CB  . VAL A 1 133 ? -4.715  -1.622  -10.216 1.00 16.23 ? 130 VAL A CB  1 
ATOM   1039 C CG1 . VAL A 1 133 ? -5.673  -1.284  -9.052  1.00 16.05 ? 130 VAL A CG1 1 
ATOM   1040 C CG2 . VAL A 1 133 ? -3.501  -0.706  -10.163 1.00 14.29 ? 130 VAL A CG2 1 
ATOM   1041 N N   . GLN A 1 134 ? -5.763  -4.525  -8.793  1.00 18.40 ? 131 GLN A N   1 
ATOM   1042 C CA  . GLN A 1 134 ? -6.958  -5.337  -8.556  1.00 19.70 ? 131 GLN A CA  1 
ATOM   1043 C C   . GLN A 1 134 ? -8.059  -4.573  -7.810  1.00 20.59 ? 131 GLN A C   1 
ATOM   1044 O O   . GLN A 1 134 ? -9.243  -4.865  -7.958  1.00 21.54 ? 131 GLN A O   1 
ATOM   1045 C CB  . GLN A 1 134 ? -6.573  -6.612  -7.811  1.00 19.10 ? 131 GLN A CB  1 
ATOM   1046 C CG  . GLN A 1 134 ? -5.488  -7.420  -8.539  1.00 19.95 ? 131 GLN A CG  1 
ATOM   1047 C CD  . GLN A 1 134 ? -5.875  -7.798  -9.965  1.00 20.63 ? 131 GLN A CD  1 
ATOM   1048 O OE1 . GLN A 1 134 ? -5.072  -7.660  -10.895 1.00 22.25 ? 131 GLN A OE1 1 
ATOM   1049 N NE2 . GLN A 1 134 ? -7.099  -8.282  -10.143 1.00 20.17 ? 131 GLN A NE2 1 
ATOM   1050 N N   . HIS A 1 135 ? -7.674  -3.602  -6.990  1.00 22.08 ? 132 HIS A N   1 
ATOM   1051 C CA  . HIS A 1 135 ? -8.670  -2.802  -6.300  1.00 23.09 ? 132 HIS A CA  1 
ATOM   1052 C C   . HIS A 1 135 ? -8.089  -1.481  -5.833  1.00 24.18 ? 132 HIS A C   1 
ATOM   1053 O O   . HIS A 1 135 ? -6.874  -1.312  -5.737  1.00 24.49 ? 132 HIS A O   1 
ATOM   1054 C CB  . HIS A 1 135 ? -9.294  -3.544  -5.107  1.00 24.44 ? 132 HIS A CB  1 
ATOM   1055 C CG  . HIS A 1 135 ? -8.445  -3.546  -3.870  1.00 25.69 ? 132 HIS A CG  1 
ATOM   1056 N ND1 . HIS A 1 135 ? -7.993  -2.390  -3.269  1.00 25.42 ? 132 HIS A ND1 1 
ATOM   1057 C CD2 . HIS A 1 135 ? -7.977  -4.569  -3.113  1.00 26.92 ? 132 HIS A CD2 1 
ATOM   1058 C CE1 . HIS A 1 135 ? -7.279  -2.699  -2.202  1.00 24.22 ? 132 HIS A CE1 1 
ATOM   1059 N NE2 . HIS A 1 135 ? -7.255  -4.016  -2.084  1.00 27.05 ? 132 HIS A NE2 1 
ATOM   1060 N N   . LEU A 1 136 ? -8.981  -0.529  -5.660  1.00 23.83 ? 133 LEU A N   1 
ATOM   1061 C CA  . LEU A 1 136 ? -8.697  0.731   -5.032  1.00 23.39 ? 133 LEU A CA  1 
ATOM   1062 C C   . LEU A 1 136 ? -9.706  0.939   -3.920  1.00 23.09 ? 133 LEU A C   1 
ATOM   1063 O O   . LEU A 1 136 ? -10.902 0.921   -4.133  1.00 23.63 ? 133 LEU A O   1 
ATOM   1064 C CB  . LEU A 1 136 ? -8.789  1.845   -6.074  1.00 24.79 ? 133 LEU A CB  1 
ATOM   1065 C CG  . LEU A 1 136 ? -8.442  3.273   -5.724  1.00 26.62 ? 133 LEU A CG  1 
ATOM   1066 C CD1 . LEU A 1 136 ? -7.559  3.809   -6.789  1.00 27.82 ? 133 LEU A CD1 1 
ATOM   1067 C CD2 . LEU A 1 136 ? -9.704  4.066   -5.663  1.00 27.92 ? 133 LEU A CD2 1 
ATOM   1068 N N   . LEU A 1 137 ? -9.203  1.138   -2.722  1.00 21.58 ? 134 LEU A N   1 
ATOM   1069 C CA  . LEU A 1 137 ? -10.091 1.398   -1.595  1.00 21.30 ? 134 LEU A CA  1 
ATOM   1070 C C   . LEU A 1 137 ? -9.848  2.822   -1.089  1.00 22.02 ? 134 LEU A C   1 
ATOM   1071 O O   . LEU A 1 137 ? -8.718  3.202   -0.816  1.00 23.33 ? 134 LEU A O   1 
ATOM   1072 C CB  . LEU A 1 137 ? -9.830  0.383   -0.477  1.00 18.47 ? 134 LEU A CB  1 
ATOM   1073 C CG  . LEU A 1 137 ? -10.816 -0.778  -0.300  1.00 18.97 ? 134 LEU A CG  1 
ATOM   1074 C CD1 . LEU A 1 137 ? -11.151 -1.437  -1.610  1.00 16.15 ? 134 LEU A CD1 1 
ATOM   1075 C CD2 . LEU A 1 137 ? -10.201 -1.794  0.663   1.00 18.72 ? 134 LEU A CD2 1 
ATOM   1076 N N   . VAL A 1 138 ? -10.915 3.601   -0.967  1.00 22.22 ? 135 VAL A N   1 
ATOM   1077 C CA  . VAL A 1 138 ? -10.799 4.979   -0.515  1.00 22.68 ? 135 VAL A CA  1 
ATOM   1078 C C   . VAL A 1 138 ? -11.838 5.383   0.517   1.00 22.89 ? 135 VAL A C   1 
ATOM   1079 O O   . VAL A 1 138 ? -12.718 4.601   0.884   1.00 23.50 ? 135 VAL A O   1 
ATOM   1080 C CB  . VAL A 1 138 ? -10.944 5.957   -1.690  1.00 23.93 ? 135 VAL A CB  1 
ATOM   1081 C CG1 . VAL A 1 138 ? -9.658  5.995   -2.510  1.00 23.36 ? 135 VAL A CG1 1 
ATOM   1082 C CG2 . VAL A 1 138 ? -12.133 5.535   -2.545  1.00 22.83 ? 135 VAL A CG2 1 
ATOM   1083 N N   . ASN A 1 139 ? -11.717 6.629   0.967   1.00 21.81 ? 136 ASN A N   1 
ATOM   1084 C CA  . ASN A 1 139 ? -12.632 7.210   1.943   1.00 22.50 ? 136 ASN A CA  1 
ATOM   1085 C C   . ASN A 1 139 ? -12.948 6.316   3.142   1.00 21.53 ? 136 ASN A C   1 
ATOM   1086 O O   . ASN A 1 139 ? -12.033 5.835   3.815   1.00 21.86 ? 136 ASN A O   1 
ATOM   1087 C CB  . ASN A 1 139 ? -13.905 7.659   1.224   1.00 23.08 ? 136 ASN A CB  1 
ATOM   1088 C CG  . ASN A 1 139 ? -13.637 8.816   0.280   1.00 26.31 ? 136 ASN A CG  1 
ATOM   1089 O OD1 . ASN A 1 139 ? -13.138 9.864   0.703   1.00 28.16 ? 136 ASN A OD1 1 
ATOM   1090 N ND2 . ASN A 1 139 ? -13.940 8.632   -1.005  1.00 26.58 ? 136 ASN A ND2 1 
ATOM   1091 N N   . ASN A 1 140 ? -14.222 6.073   3.408   1.00 19.38 ? 137 ASN A N   1 
ATOM   1092 C CA  . ASN A 1 140 ? -14.562 5.272   4.569   1.00 19.56 ? 137 ASN A CA  1 
ATOM   1093 C C   . ASN A 1 140 ? -14.178 3.802   4.521   1.00 19.97 ? 137 ASN A C   1 
ATOM   1094 O O   . ASN A 1 140 ? -14.391 3.075   5.485   1.00 20.09 ? 137 ASN A O   1 
ATOM   1095 C CB  . ASN A 1 140 ? -16.039 5.470   4.918   1.00 19.33 ? 137 ASN A CB  1 
ATOM   1096 C CG  . ASN A 1 140 ? -16.271 6.775   5.686   1.00 20.18 ? 137 ASN A CG  1 
ATOM   1097 O OD1 . ASN A 1 140 ? -17.340 7.386   5.613   1.00 22.00 ? 137 ASN A OD1 1 
ATOM   1098 N ND2 . ASN A 1 140 ? -15.248 7.203   6.431   1.00 18.40 ? 137 ASN A ND2 1 
ATOM   1099 N N   . LEU A 1 141 ? -13.599 3.367   3.407   1.00 18.75 ? 138 LEU A N   1 
ATOM   1100 C CA  . LEU A 1 141 ? -13.133 1.994   3.296   1.00 19.38 ? 138 LEU A CA  1 
ATOM   1101 C C   . LEU A 1 141 ? -11.605 2.005   3.401   1.00 20.65 ? 138 LEU A C   1 
ATOM   1102 O O   . LEU A 1 141 ? -10.968 0.952   3.452   1.00 21.35 ? 138 LEU A O   1 
ATOM   1103 C CB  . LEU A 1 141 ? -13.581 1.357   1.974   1.00 18.42 ? 138 LEU A CB  1 
ATOM   1104 C CG  . LEU A 1 141 ? -15.003 0.770   1.953   1.00 17.87 ? 138 LEU A CG  1 
ATOM   1105 C CD1 . LEU A 1 141 ? -15.273 0.109   0.590   1.00 15.54 ? 138 LEU A CD1 1 
ATOM   1106 C CD2 . LEU A 1 141 ? -15.159 -0.257  3.081   1.00 18.20 ? 138 LEU A CD2 1 
ATOM   1107 N N   . ALA A 1 142 ? -11.022 3.205   3.437   1.00 20.43 ? 139 ALA A N   1 
ATOM   1108 C CA  . ALA A 1 142 ? -9.574  3.350   3.551   1.00 20.73 ? 139 ALA A CA  1 
ATOM   1109 C C   . ALA A 1 142 ? -9.188  3.701   4.983   1.00 21.87 ? 139 ALA A C   1 
ATOM   1110 O O   . ALA A 1 142 ? -8.655  4.780   5.246   1.00 20.53 ? 139 ALA A O   1 
ATOM   1111 C CB  . ALA A 1 142 ? -9.069  4.432   2.601   1.00 19.90 ? 139 ALA A CB  1 
ATOM   1112 N N   . LEU A 1 143 ? -9.448  2.777   5.903   1.00 22.76 ? 140 LEU A N   1 
ATOM   1113 C CA  . LEU A 1 143 ? -9.140  2.994   7.312   1.00 24.43 ? 140 LEU A CA  1 
ATOM   1114 C C   . LEU A 1 143 ? -8.299  1.861   7.895   1.00 25.16 ? 140 LEU A C   1 
ATOM   1115 O O   . LEU A 1 143 ? -8.280  0.754   7.359   1.00 24.15 ? 140 LEU A O   1 
ATOM   1116 C CB  . LEU A 1 143 ? -10.444 3.119   8.105   1.00 24.95 ? 140 LEU A CB  1 
ATOM   1117 C CG  . LEU A 1 143 ? -11.398 4.242   7.682   1.00 26.61 ? 140 LEU A CG  1 
ATOM   1118 C CD1 . LEU A 1 143 ? -12.683 4.170   8.512   1.00 25.85 ? 140 LEU A CD1 1 
ATOM   1119 C CD2 . LEU A 1 143 ? -10.713 5.597   7.877   1.00 25.36 ? 140 LEU A CD2 1 
ATOM   1120 N N   . GLY A 1 144 ? -7.607  2.138   8.996   1.00 26.09 ? 141 GLY A N   1 
ATOM   1121 C CA  . GLY A 1 144 ? -6.806  1.110   9.626   1.00 27.36 ? 141 GLY A CA  1 
ATOM   1122 C C   . GLY A 1 144 ? -7.683  -0.079  9.977   1.00 28.61 ? 141 GLY A C   1 
ATOM   1123 O O   . GLY A 1 144 ? -7.239  -1.229  9.980   1.00 30.08 ? 141 GLY A O   1 
ATOM   1124 N N   . ARG A 1 145 ? -8.945  0.207   10.249  1.00 28.85 ? 142 ARG A N   1 
ATOM   1125 C CA  . ARG A 1 145 ? -9.985  -0.762  10.552  1.00 28.73 ? 142 ARG A CA  1 
ATOM   1126 C C   . ARG A 1 145 ? -10.283 -1.693  9.373   1.00 28.89 ? 142 ARG A C   1 
ATOM   1127 O O   . ARG A 1 145 ? -11.013 -2.665  9.486   1.00 29.79 ? 142 ARG A O   1 
ATOM   1128 C CB  . ARG A 1 145 ? -11.252 0.017   10.849  1.00 29.11 ? 142 ARG A CB  1 
ATOM   1129 C CG  . ARG A 1 145 ? -11.917 -0.336  12.100  1.00 32.07 ? 142 ARG A CG  1 
ATOM   1130 C CD  . ARG A 1 145 ? -13.386 -0.204  12.019  1.00 31.90 ? 142 ARG A CD  1 
ATOM   1131 N NE  . ARG A 1 145 ? -13.911 0.409   13.214  1.00 31.96 ? 142 ARG A NE  1 
ATOM   1132 C CZ  . ARG A 1 145 ? -14.296 -0.258  14.268  1.00 31.72 ? 142 ARG A CZ  1 
ATOM   1133 N NH1 . ARG A 1 145 ? -14.224 -1.573  14.289  1.00 31.46 ? 142 ARG A NH1 1 
ATOM   1134 N NH2 . ARG A 1 145 ? -14.762 0.403   15.304  1.00 33.61 ? 142 ARG A NH2 1 
ATOM   1135 N N   . SER A 1 146 ? -9.679  -1.398  8.241   1.00 29.11 ? 143 SER A N   1 
ATOM   1136 C CA  . SER A 1 146 ? -9.989  -2.089  7.019   1.00 29.34 ? 143 SER A CA  1 
ATOM   1137 C C   . SER A 1 146 ? -9.092  -3.301  6.761   1.00 29.58 ? 143 SER A C   1 
ATOM   1138 O O   . SER A 1 146 ? -9.289  -4.012  5.792   1.00 29.34 ? 143 SER A O   1 
ATOM   1139 C CB  . SER A 1 146 ? -9.898  -1.117  5.846   1.00 29.10 ? 143 SER A CB  1 
ATOM   1140 O OG  . SER A 1 146 ? -11.119 -0.475  5.611   1.00 29.69 ? 143 SER A OG  1 
ATOM   1141 N N   . VAL A 1 147 ? -8.129  -3.544  7.642   1.00 29.00 ? 144 VAL A N   1 
ATOM   1142 C CA  . VAL A 1 147 ? -7.087  -4.513  7.367   1.00 28.21 ? 144 VAL A CA  1 
ATOM   1143 C C   . VAL A 1 147 ? -7.673  -5.884  7.056   1.00 28.94 ? 144 VAL A C   1 
ATOM   1144 O O   . VAL A 1 147 ? -7.177  -6.605  6.213   1.00 29.49 ? 144 VAL A O   1 
ATOM   1145 C CB  . VAL A 1 147 ? -6.082  -4.638  8.515   1.00 27.37 ? 144 VAL A CB  1 
ATOM   1146 C CG1 . VAL A 1 147 ? -5.282  -5.899  8.378   1.00 27.07 ? 144 VAL A CG1 1 
ATOM   1147 C CG2 . VAL A 1 147 ? -5.159  -3.475  8.533   1.00 28.06 ? 144 VAL A CG2 1 
ATOM   1148 N N   . ASP A 1 148 ? -8.739  -6.237  7.744   1.00 29.17 ? 145 ASP A N   1 
ATOM   1149 C CA  . ASP A 1 148 ? -9.272  -7.548  7.576   1.00 30.98 ? 145 ASP A CA  1 
ATOM   1150 C C   . ASP A 1 148 ? -10.034 -7.738  6.267   1.00 31.47 ? 145 ASP A C   1 
ATOM   1151 O O   . ASP A 1 148 ? -9.931  -8.794  5.659   1.00 31.93 ? 145 ASP A O   1 
ATOM   1152 C CB  . ASP A 1 148 ? -10.048 -7.992  8.804   1.00 34.94 ? 145 ASP A CB  1 
ATOM   1153 C CG  . ASP A 1 148 ? -9.137  -8.355  9.968   1.00 39.63 ? 145 ASP A CG  1 
ATOM   1154 O OD1 . ASP A 1 148 ? -9.275  -7.750  11.044  1.00 42.39 ? 145 ASP A OD1 1 
ATOM   1155 O OD2 . ASP A 1 148 ? -8.250  -9.231  9.904   1.00 40.91 ? 145 ASP A OD2 1 
ATOM   1156 N N   . GLU A 1 149 ? -10.766 -6.719  5.822   1.00 30.08 ? 146 GLU A N   1 
ATOM   1157 C CA  . GLU A 1 149 ? -11.276 -6.679  4.452   1.00 28.43 ? 146 GLU A CA  1 
ATOM   1158 C C   . GLU A 1 149 ? -10.189 -6.802  3.389   1.00 26.56 ? 146 GLU A C   1 
ATOM   1159 O O   . GLU A 1 149 ? -10.361 -7.508  2.406   1.00 24.70 ? 146 GLU A O   1 
ATOM   1160 C CB  . GLU A 1 149 ? -12.102 -5.427  4.179   1.00 29.70 ? 146 GLU A CB  1 
ATOM   1161 C CG  . GLU A 1 149 ? -13.160 -5.126  5.205   1.00 32.61 ? 146 GLU A CG  1 
ATOM   1162 C CD  . GLU A 1 149 ? -14.083 -6.293  5.459   1.00 34.79 ? 146 GLU A CD  1 
ATOM   1163 O OE1 . GLU A 1 149 ? -14.516 -6.452  6.618   1.00 36.18 ? 146 GLU A OE1 1 
ATOM   1164 O OE2 . GLU A 1 149 ? -14.373 -7.038  4.511   1.00 35.70 ? 146 GLU A OE2 1 
ATOM   1165 N N   . ILE A 1 150 ? -9.086  -6.095  3.599   1.00 20.00 ? 147 ILE A N   1 
ATOM   1166 C CA  . ILE A 1 150 ? -7.973  -6.129  2.680   1.00 20.00 ? 147 ILE A CA  1 
ATOM   1167 C C   . ILE A 1 150 ? -7.426  -7.546  2.485   1.00 20.00 ? 147 ILE A C   1 
ATOM   1168 O O   . ILE A 1 150 ? -7.308  -8.014  1.373   1.00 23.63 ? 147 ILE A O   1 
ATOM   1169 C CB  . ILE A 1 150 ? -6.881  -5.177  3.120   1.00 20.00 ? 147 ILE A CB  1 
ATOM   1170 C CG1 . ILE A 1 150 ? -7.300  -3.744  2.854   1.00 20.00 ? 147 ILE A CG1 1 
ATOM   1171 C CG2 . ILE A 1 150 ? -5.593  -5.452  2.388   1.00 20.00 ? 147 ILE A CG2 1 
ATOM   1172 C CD1 . ILE A 1 150 ? -6.463  -2.728  3.569   1.00 20.00 ? 147 ILE A CD1 1 
ATOM   1173 N N   . LEU A 1 151 ? -7.124  -8.211  3.591   1.00 22.14 ? 148 LEU A N   1 
ATOM   1174 C CA  . LEU A 1 151 ? -6.648  -9.594  3.589   1.00 20.98 ? 148 LEU A CA  1 
ATOM   1175 C C   . LEU A 1 151 ? -7.644  -10.549 2.949   1.00 21.53 ? 148 LEU A C   1 
ATOM   1176 O O   . LEU A 1 151 ? -7.266  -11.555 2.356   1.00 22.14 ? 148 LEU A O   1 
ATOM   1177 C CB  . LEU A 1 151 ? -6.354  -10.033 5.015   1.00 17.74 ? 148 LEU A CB  1 
ATOM   1178 C CG  . LEU A 1 151 ? -5.183  -9.272  5.612   1.00 15.88 ? 148 LEU A CG  1 
ATOM   1179 C CD1 . LEU A 1 151 ? -5.163  -9.408  7.138   1.00 16.01 ? 148 LEU A CD1 1 
ATOM   1180 C CD2 . LEU A 1 151 ? -3.905  -9.814  4.968   1.00 14.29 ? 148 LEU A CD2 1 
ATOM   1181 N N   . ARG A 1 152 ? -8.915  -10.204 3.075   1.00 21.92 ? 149 ARG A N   1 
ATOM   1182 C CA  . ARG A 1 152 ? -10.034 -10.951 2.523   1.00 23.03 ? 149 ARG A CA  1 
ATOM   1183 C C   . ARG A 1 152 ? -10.063 -10.815 0.994   1.00 22.28 ? 149 ARG A C   1 
ATOM   1184 O O   . ARG A 1 152 ? -10.383 -11.771 0.288   1.00 22.68 ? 149 ARG A O   1 
ATOM   1185 C CB  . ARG A 1 152 ? -11.317 -10.378 3.116   1.00 25.40 ? 149 ARG A CB  1 
ATOM   1186 C CG  . ARG A 1 152 ? -12.531 -11.258 3.083   1.00 27.47 ? 149 ARG A CG  1 
ATOM   1187 C CD  . ARG A 1 152 ? -13.267 -10.996 4.388   1.00 33.19 ? 149 ARG A CD  1 
ATOM   1188 N NE  . ARG A 1 152 ? -12.352 -11.269 5.494   1.00 39.17 ? 149 ARG A NE  1 
ATOM   1189 C CZ  . ARG A 1 152 ? -12.311 -10.595 6.641   1.00 42.33 ? 149 ARG A CZ  1 
ATOM   1190 N NH1 . ARG A 1 152 ? -13.151 -9.584  6.865   1.00 40.32 ? 149 ARG A NH1 1 
ATOM   1191 N NH2 . ARG A 1 152 ? -11.392 -10.913 7.553   1.00 42.99 ? 149 ARG A NH2 1 
ATOM   1192 N N   . LEU A 1 153 ? -9.761  -9.619  0.495   1.00 21.22 ? 150 LEU A N   1 
ATOM   1193 C CA  . LEU A 1 153 ? -9.748  -9.366  -0.950  1.00 21.78 ? 150 LEU A CA  1 
ATOM   1194 C C   . LEU A 1 153 ? -8.561  -10.105 -1.556  1.00 22.43 ? 150 LEU A C   1 
ATOM   1195 O O   . LEU A 1 153 ? -8.662  -10.707 -2.626  1.00 21.14 ? 150 LEU A O   1 
ATOM   1196 C CB  . LEU A 1 153 ? -9.636  -7.861  -1.240  1.00 19.74 ? 150 LEU A CB  1 
ATOM   1197 C CG  . LEU A 1 153 ? -10.895 -7.085  -0.842  1.00 19.04 ? 150 LEU A CG  1 
ATOM   1198 C CD1 . LEU A 1 153 ? -10.684 -5.588  -1.031  1.00 18.70 ? 150 LEU A CD1 1 
ATOM   1199 C CD2 . LEU A 1 153 ? -12.084 -7.596  -1.677  1.00 18.48 ? 150 LEU A CD2 1 
ATOM   1200 N N   . ILE A 1 154 ? -7.386  -9.955  -0.973  1.00 20.00 ? 151 ILE A N   1 
ATOM   1201 C CA  . ILE A 1 154 ? -6.273  -10.858 -1.238  1.00 20.00 ? 151 ILE A CA  1 
ATOM   1202 C C   . ILE A 1 154 ? -6.694  -12.316 -1.077  1.00 20.00 ? 151 ILE A C   1 
ATOM   1203 O O   . ILE A 1 154 ? -6.455  -13.153 -1.927  1.00 24.41 ? 151 ILE A O   1 
ATOM   1204 C CB  . ILE A 1 154 ? -5.088  -10.545 -0.305  1.00 20.00 ? 151 ILE A CB  1 
ATOM   1205 C CG1 . ILE A 1 154 ? -4.796  -9.043  -0.299  1.00 20.00 ? 151 ILE A CG1 1 
ATOM   1206 C CG2 . ILE A 1 154 ? -3.856  -11.331 -0.726  1.00 20.00 ? 151 ILE A CG2 1 
ATOM   1207 C CD1 . ILE A 1 154 ? -3.859  -8.608  0.804   1.00 20.00 ? 151 ILE A CD1 1 
ATOM   1208 N N   . ASP A 1 155 ? -7.232  -12.800 -0.416  1.00 21.66 ? 152 ASP A N   1 
ATOM   1209 C CA  . ASP A 1 155 ? -7.572  -14.223 -0.483  1.00 20.35 ? 152 ASP A CA  1 
ATOM   1210 C C   . ASP A 1 155 ? -8.476  -14.484 -1.676  1.00 20.50 ? 152 ASP A C   1 
ATOM   1211 O O   . ASP A 1 155 ? -8.298  -15.461 -2.399  1.00 20.00 ? 152 ASP A O   1 
ATOM   1212 C CB  . ASP A 1 155 ? -8.272  -14.697 0.802   1.00 18.79 ? 152 ASP A CB  1 
ATOM   1213 C CG  . ASP A 1 155 ? -7.319  -14.835 1.971   1.00 21.53 ? 152 ASP A CG  1 
ATOM   1214 O OD1 . ASP A 1 155 ? -7.789  -14.880 3.126   1.00 25.54 ? 152 ASP A OD1 1 
ATOM   1215 O OD2 . ASP A 1 155 ? -6.092  -14.906 1.743   1.00 21.86 ? 152 ASP A OD2 1 
ATOM   1216 N N   . ALA A 1 156 ? -9.452  -13.608 -1.881  1.00 20.08 ? 153 ALA A N   1 
ATOM   1217 C CA  . ALA A 1 156 ? -10.360 -13.768 -3.008  1.00 20.74 ? 153 ALA A CA  1 
ATOM   1218 C C   . ALA A 1 156 ? -9.565  -13.627 -4.317  1.00 21.67 ? 153 ALA A C   1 
ATOM   1219 O O   . ALA A 1 156 ? -9.745  -14.414 -5.258  1.00 21.56 ? 153 ALA A O   1 
ATOM   1220 C CB  . ALA A 1 156 ? -11.478 -12.718 -2.942  1.00 19.00 ? 153 ALA A CB  1 
ATOM   1221 N N   . LEU A 1 157 ? -8.689  -12.627 -4.380  1.00 21.29 ? 154 LEU A N   1 
ATOM   1222 C CA  . LEU A 1 157 ? -7.897  -12.435 -5.591  1.00 21.35 ? 154 LEU A CA  1 
ATOM   1223 C C   . LEU A 1 157 ? -7.112  -13.717 -5.899  1.00 21.79 ? 154 LEU A C   1 
ATOM   1224 O O   . LEU A 1 157 ? -7.219  -14.268 -6.998  1.00 22.16 ? 154 LEU A O   1 
ATOM   1225 C CB  . LEU A 1 157 ? -6.927  -11.255 -5.436  1.00 20.54 ? 154 LEU A CB  1 
ATOM   1226 C CG  . LEU A 1 157 ? -5.867  -11.063 -6.538  1.00 19.68 ? 154 LEU A CG  1 
ATOM   1227 C CD1 . LEU A 1 157 ? -6.543  -10.865 -7.908  1.00 18.10 ? 154 LEU A CD1 1 
ATOM   1228 C CD2 . LEU A 1 157 ? -4.999  -9.830  -6.206  1.00 18.01 ? 154 LEU A CD2 1 
ATOM   1229 N N   . GLN A 1 158 ? -6.348  -14.198 -4.921  1.00 20.71 ? 155 GLN A N   1 
ATOM   1230 C CA  . GLN A 1 158 ? -5.561  -15.399 -5.130  1.00 21.20 ? 155 GLN A CA  1 
ATOM   1231 C C   . GLN A 1 158 ? -6.428  -16.617 -5.437  1.00 21.60 ? 155 GLN A C   1 
ATOM   1232 O O   . GLN A 1 158 ? -5.995  -17.504 -6.164  1.00 21.32 ? 155 GLN A O   1 
ATOM   1233 C CB  . GLN A 1 158 ? -4.635  -15.640 -3.930  1.00 20.45 ? 155 GLN A CB  1 
ATOM   1234 C CG  . GLN A 1 158 ? -3.759  -14.404 -3.673  1.00 20.64 ? 155 GLN A CG  1 
ATOM   1235 C CD  . GLN A 1 158 ? -2.716  -14.586 -2.590  1.00 21.52 ? 155 GLN A CD  1 
ATOM   1236 O OE1 . GLN A 1 158 ? -2.876  -15.391 -1.676  1.00 22.32 ? 155 GLN A OE1 1 
ATOM   1237 N NE2 . GLN A 1 158 ? -1.640  -13.806 -2.680  1.00 18.66 ? 155 GLN A NE2 1 
ATOM   1238 N N   . HIS A 1 159 ? -7.655  -16.652 -4.921  1.00 21.85 ? 156 HIS A N   1 
ATOM   1239 C CA  . HIS A 1 159 ? -8.538  -17.770 -5.211  1.00 21.32 ? 156 HIS A CA  1 
ATOM   1240 C C   . HIS A 1 159 ? -9.053  -17.630 -6.655  1.00 21.00 ? 156 HIS A C   1 
ATOM   1241 O O   . HIS A 1 159 ? -9.214  -18.624 -7.366  1.00 20.92 ? 156 HIS A O   1 
ATOM   1242 C CB  . HIS A 1 159 ? -9.721  -17.817 -4.237  1.00 22.93 ? 156 HIS A CB  1 
ATOM   1243 C CG  . HIS A 1 159 ? -10.502 -19.095 -4.301  1.00 26.06 ? 156 HIS A CG  1 
ATOM   1244 N ND1 . HIS A 1 159 ? -10.063 -20.268 -3.718  1.00 26.85 ? 156 HIS A ND1 1 
ATOM   1245 C CD2 . HIS A 1 159 ? -11.679 -19.394 -4.903  1.00 27.44 ? 156 HIS A CD2 1 
ATOM   1246 C CE1 . HIS A 1 159 ? -10.935 -21.231 -3.957  1.00 27.76 ? 156 HIS A CE1 1 
ATOM   1247 N NE2 . HIS A 1 159 ? -11.925 -20.729 -4.675  1.00 28.99 ? 156 HIS A NE2 1 
ATOM   1248 N N   . HIS A 1 160 ? -9.292  -16.397 -7.092  1.00 19.14 ? 157 HIS A N   1 
ATOM   1249 C CA  . HIS A 1 160 ? -9.764  -16.152 -8.456  1.00 19.35 ? 157 HIS A CA  1 
ATOM   1250 C C   . HIS A 1 160 ? -8.694  -16.450 -9.520  1.00 20.26 ? 157 HIS A C   1 
ATOM   1251 O O   . HIS A 1 160 ? -9.017  -16.908 -10.616 1.00 19.43 ? 157 HIS A O   1 
ATOM   1252 C CB  . HIS A 1 160 ? -10.220 -14.702 -8.615  1.00 19.01 ? 157 HIS A CB  1 
ATOM   1253 C CG  . HIS A 1 160 ? -11.406 -14.342 -7.776  1.00 17.74 ? 157 HIS A CG  1 
ATOM   1254 N ND1 . HIS A 1 160 ? -11.936 -13.071 -7.748  1.00 15.83 ? 157 HIS A ND1 1 
ATOM   1255 C CD2 . HIS A 1 160 ? -12.153 -15.080 -6.919  1.00 17.63 ? 157 HIS A CD2 1 
ATOM   1256 C CE1 . HIS A 1 160 ? -12.957 -13.040 -6.911  1.00 15.99 ? 157 HIS A CE1 1 
ATOM   1257 N NE2 . HIS A 1 160 ? -13.110 -14.247 -6.394  1.00 16.57 ? 157 HIS A NE2 1 
ATOM   1258 N N   . GLU A 1 161 ? -7.431  -16.180 -9.200  1.00 21.96 ? 158 GLU A N   1 
ATOM   1259 C CA  . GLU A 1 161 ? -6.333  -16.441 -10.131 1.00 25.14 ? 158 GLU A CA  1 
ATOM   1260 C C   . GLU A 1 161 ? -6.177  -17.952 -10.319 1.00 25.50 ? 158 GLU A C   1 
ATOM   1261 O O   . GLU A 1 161 ? -5.819  -18.435 -11.392 1.00 25.26 ? 158 GLU A O   1 
ATOM   1262 C CB  . GLU A 1 161 ? -5.017  -15.883 -9.581  1.00 26.86 ? 158 GLU A CB  1 
ATOM   1263 C CG  . GLU A 1 161 ? -4.997  -14.371 -9.333  1.00 29.04 ? 158 GLU A CG  1 
ATOM   1264 C CD  . GLU A 1 161 ? -3.667  -13.919 -8.750  1.00 31.40 ? 158 GLU A CD  1 
ATOM   1265 O OE1 . GLU A 1 161 ? -3.248  -14.494 -7.723  1.00 33.36 ? 158 GLU A OE1 1 
ATOM   1266 O OE2 . GLU A 1 161 ? -3.040  -12.997 -9.309  1.00 30.36 ? 158 GLU A OE2 1 
ATOM   1267 N N   . LYS A 1 162 ? -6.447  -18.684 -9.248  1.00 25.45 ? 159 LYS A N   1 
ATOM   1268 C CA  . LYS A 1 162 ? -6.347  -20.126 -9.245  1.00 25.91 ? 159 LYS A CA  1 
ATOM   1269 C C   . LYS A 1 162 ? -7.479  -20.814 -10.004 1.00 27.58 ? 159 LYS A C   1 
ATOM   1270 O O   . LYS A 1 162 ? -7.229  -21.600 -10.911 1.00 28.68 ? 159 LYS A O   1 
ATOM   1271 C CB  . LYS A 1 162 ? -6.334  -20.619 -7.797  1.00 24.25 ? 159 LYS A CB  1 
ATOM   1272 C CG  . LYS A 1 162 ? -5.085  -21.383 -7.382  1.00 25.62 ? 159 LYS A CG  1 
ATOM   1273 C CD  . LYS A 1 162 ? -5.346  -22.898 -7.337  1.00 29.30 ? 159 LYS A CD  1 
ATOM   1274 C CE  . LYS A 1 162 ? -4.113  -23.681 -6.871  1.00 28.99 ? 159 LYS A CE  1 
ATOM   1275 N NZ  . LYS A 1 162 ? -4.401  -25.134 -6.663  1.00 31.01 ? 159 LYS A NZ  1 
ATOM   1276 N N   . TYR A 1 163 ? -8.725  -20.496 -9.660  1.00 28.28 ? 160 TYR A N   1 
ATOM   1277 C CA  . TYR A 1 163 ? -9.870  -21.166 -10.279 1.00 28.72 ? 160 TYR A CA  1 
ATOM   1278 C C   . TYR A 1 163 ? -10.760 -20.459 -11.296 1.00 28.92 ? 160 TYR A C   1 
ATOM   1279 O O   . TYR A 1 163 ? -11.622 -21.103 -11.894 1.00 28.98 ? 160 TYR A O   1 
ATOM   1280 C CB  . TYR A 1 163 ? -10.761 -21.738 -9.175  1.00 29.09 ? 160 TYR A CB  1 
ATOM   1281 C CG  . TYR A 1 163 ? -10.011 -22.619 -8.219  1.00 30.89 ? 160 TYR A CG  1 
ATOM   1282 C CD1 . TYR A 1 163 ? -9.559  -23.883 -8.606  1.00 31.58 ? 160 TYR A CD1 1 
ATOM   1283 C CD2 . TYR A 1 163 ? -9.702  -22.173 -6.941  1.00 32.23 ? 160 TYR A CD2 1 
ATOM   1284 C CE1 . TYR A 1 163 ? -8.810  -24.680 -7.732  1.00 34.31 ? 160 TYR A CE1 1 
ATOM   1285 C CE2 . TYR A 1 163 ? -8.955  -22.952 -6.064  1.00 34.59 ? 160 TYR A CE2 1 
ATOM   1286 C CZ  . TYR A 1 163 ? -8.513  -24.200 -6.463  1.00 35.04 ? 160 TYR A CZ  1 
ATOM   1287 O OH  . TYR A 1 163 ? -7.763  -24.947 -5.588  1.00 36.74 ? 160 TYR A OH  1 
ATOM   1288 N N   . GLY A 1 164 ? -10.575 -19.159 -11.498 1.00 29.60 ? 161 GLY A N   1 
ATOM   1289 C CA  . GLY A 1 164 ? -11.406 -18.449 -12.458 1.00 28.65 ? 161 GLY A CA  1 
ATOM   1290 C C   . GLY A 1 164 ? -12.819 -18.223 -11.946 1.00 29.52 ? 161 GLY A C   1 
ATOM   1291 O O   . GLY A 1 164 ? -13.162 -18.661 -10.850 1.00 28.06 ? 161 GLY A O   1 
ATOM   1292 N N   . ASP A 1 165 ? -13.636 -17.537 -12.741 1.00 31.47 ? 162 ASP A N   1 
ATOM   1293 C CA  . ASP A 1 165 ? -15.017 -17.231 -12.367 1.00 33.79 ? 162 ASP A CA  1 
ATOM   1294 C C   . ASP A 1 165 ? -15.870 -18.475 -12.574 1.00 34.64 ? 162 ASP A C   1 
ATOM   1295 O O   . ASP A 1 165 ? -15.391 -19.467 -13.117 1.00 33.88 ? 162 ASP A O   1 
ATOM   1296 C CB  . ASP A 1 165 ? -15.549 -16.069 -13.224 1.00 34.97 ? 162 ASP A CB  1 
ATOM   1297 C CG  . ASP A 1 165 ? -16.687 -15.303 -12.547 1.00 35.37 ? 162 ASP A CG  1 
ATOM   1298 O OD1 . ASP A 1 165 ? -17.140 -15.728 -11.464 1.00 37.15 ? 162 ASP A OD1 1 
ATOM   1299 O OD2 . ASP A 1 165 ? -17.125 -14.271 -13.102 1.00 35.19 ? 162 ASP A OD2 1 
ATOM   1300 N N   . VAL A 1 166 ? -17.130 -18.424 -12.152 1.00 36.89 ? 163 VAL A N   1 
ATOM   1301 C CA  . VAL A 1 166 ? -18.011 -19.578 -12.295 1.00 40.56 ? 163 VAL A CA  1 
ATOM   1302 C C   . VAL A 1 166 ? -19.312 -19.217 -13.026 1.00 42.40 ? 163 VAL A C   1 
ATOM   1303 O O   . VAL A 1 166 ? -19.943 -18.200 -12.733 1.00 41.25 ? 163 VAL A O   1 
ATOM   1304 C CB  . VAL A 1 166 ? -18.320 -20.200 -10.902 1.00 41.03 ? 163 VAL A CB  1 
ATOM   1305 C CG1 . VAL A 1 166 ? -19.229 -19.272 -10.099 1.00 40.63 ? 163 VAL A CG1 1 
ATOM   1306 C CG2 . VAL A 1 166 ? -18.934 -21.592 -11.068 1.00 42.53 ? 163 VAL A CG2 1 
ATOM   1307 N N   . CYS A 1 167 ? -19.700 -20.057 -13.983 1.00 45.14 ? 164 CYS A N   1 
ATOM   1308 C CA  . CYS A 1 167 ? -20.902 -19.829 -14.786 1.00 48.80 ? 164 CYS A CA  1 
ATOM   1309 C C   . CYS A 1 167 ? -22.226 -20.060 -14.080 1.00 50.38 ? 164 CYS A C   1 
ATOM   1310 O O   . CYS A 1 167 ? -22.360 -20.993 -13.290 1.00 51.25 ? 164 CYS A O   1 
ATOM   1311 C CB  . CYS A 1 167 ? -20.872 -20.704 -16.033 1.00 49.29 ? 164 CYS A CB  1 
ATOM   1312 S SG  . CYS A 1 167 ? -19.489 -20.349 -17.103 1.00 53.43 ? 164 CYS A SG  1 
ATOM   1313 N N   . PRO A 1 168 ? -23.237 -19.224 -14.394 1.00 51.16 ? 165 PRO A N   1 
ATOM   1314 C CA  . PRO A 1 168 ? -24.591 -19.275 -13.829 1.00 50.88 ? 165 PRO A CA  1 
ATOM   1315 C C   . PRO A 1 168 ? -25.211 -20.665 -13.949 1.00 51.66 ? 165 PRO A C   1 
ATOM   1316 O O   . PRO A 1 168 ? -26.255 -20.938 -13.351 1.00 51.21 ? 165 PRO A O   1 
ATOM   1317 C CB  . PRO A 1 168 ? -25.353 -18.244 -14.657 1.00 50.26 ? 165 PRO A CB  1 
ATOM   1318 C CG  . PRO A 1 168 ? -24.290 -17.269 -15.053 1.00 51.14 ? 165 PRO A CG  1 
ATOM   1319 C CD  . PRO A 1 168 ? -23.146 -18.174 -15.426 1.00 51.15 ? 165 PRO A CD  1 
ATOM   1320 N N   . ALA A 1 169 ? -24.560 -21.529 -14.731 1.00 52.25 ? 166 ALA A N   1 
ATOM   1321 C CA  . ALA A 1 169 ? -25.011 -22.904 -14.946 1.00 52.55 ? 166 ALA A CA  1 
ATOM   1322 C C   . ALA A 1 169 ? -26.524 -22.945 -15.122 1.00 52.56 ? 166 ALA A C   1 
ATOM   1323 O O   . ALA A 1 169 ? -27.282 -22.969 -14.151 1.00 52.21 ? 166 ALA A O   1 
ATOM   1324 C CB  . ALA A 1 169 ? -24.585 -23.791 -13.772 1.00 53.05 ? 166 ALA A CB  1 
ATOM   1325 N N   . ASN A 1 170 ? -26.938 -22.965 -16.383 1.00 51.67 ? 167 ASN A N   1 
ATOM   1326 C CA  . ASN A 1 170 ? -28.339 -22.965 -16.776 1.00 51.35 ? 167 ASN A CA  1 
ATOM   1327 C C   . ASN A 1 170 ? -28.288 -22.119 -18.041 1.00 50.38 ? 167 ASN A C   1 
ATOM   1328 O O   . ASN A 1 170 ? -29.155 -22.192 -18.912 1.00 50.27 ? 167 ASN A O   1 
ATOM   1329 C CB  . ASN A 1 170 ? -29.191 -22.258 -15.720 1.00 53.47 ? 167 ASN A CB  1 
ATOM   1330 C CG  . ASN A 1 170 ? -30.624 -22.749 -15.699 1.00 56.95 ? 167 ASN A CG  1 
ATOM   1331 O OD1 . ASN A 1 170 ? -31.336 -22.673 -16.706 1.00 59.45 ? 167 ASN A OD1 1 
ATOM   1332 N ND2 . ASN A 1 170 ? -31.059 -23.257 -14.547 1.00 56.62 ? 167 ASN A ND2 1 
ATOM   1333 N N   . TRP A 1 171 ? -27.229 -21.320 -18.118 1.00 48.35 ? 168 TRP A N   1 
ATOM   1334 C CA  . TRP A 1 171 ? -26.979 -20.420 -19.229 1.00 46.59 ? 168 TRP A CA  1 
ATOM   1335 C C   . TRP A 1 171 ? -26.120 -21.115 -20.282 1.00 47.66 ? 168 TRP A C   1 
ATOM   1336 O O   . TRP A 1 171 ? -25.243 -21.918 -19.952 1.00 47.17 ? 168 TRP A O   1 
ATOM   1337 C CB  . TRP A 1 171 ? -26.248 -19.179 -18.715 1.00 43.84 ? 168 TRP A CB  1 
ATOM   1338 C CG  . TRP A 1 171 ? -25.997 -18.170 -19.758 1.00 40.56 ? 168 TRP A CG  1 
ATOM   1339 C CD1 . TRP A 1 171 ? -26.830 -17.162 -20.134 1.00 39.59 ? 168 TRP A CD1 1 
ATOM   1340 C CD2 . TRP A 1 171 ? -24.867 -18.112 -20.633 1.00 39.50 ? 168 TRP A CD2 1 
ATOM   1341 N NE1 . TRP A 1 171 ? -26.295 -16.478 -21.195 1.00 39.45 ? 168 TRP A NE1 1 
ATOM   1342 C CE2 . TRP A 1 171 ? -25.088 -17.037 -21.523 1.00 38.97 ? 168 TRP A CE2 1 
ATOM   1343 C CE3 . TRP A 1 171 ? -23.692 -18.866 -20.755 1.00 38.89 ? 168 TRP A CE3 1 
ATOM   1344 C CZ2 . TRP A 1 171 ? -24.174 -16.693 -22.528 1.00 38.65 ? 168 TRP A CZ2 1 
ATOM   1345 C CZ3 . TRP A 1 171 ? -22.783 -18.527 -21.756 1.00 39.60 ? 168 TRP A CZ3 1 
ATOM   1346 C CH2 . TRP A 1 171 ? -23.032 -17.446 -22.630 1.00 39.39 ? 168 TRP A CH2 1 
ATOM   1347 N N   . GLN A 1 172 ? -26.364 -20.795 -21.548 1.00 49.04 ? 169 GLN A N   1 
ATOM   1348 C CA  . GLN A 1 172 ? -25.601 -21.385 -22.647 1.00 50.11 ? 169 GLN A CA  1 
ATOM   1349 C C   . GLN A 1 172 ? -25.514 -20.447 -23.842 1.00 50.13 ? 169 GLN A C   1 
ATOM   1350 O O   . GLN A 1 172 ? -26.387 -19.607 -24.048 1.00 49.67 ? 169 GLN A O   1 
ATOM   1351 C CB  . GLN A 1 172 ? -26.251 -22.689 -23.108 1.00 51.15 ? 169 GLN A CB  1 
ATOM   1352 C CG  . GLN A 1 172 ? -26.249 -23.803 -22.087 1.00 52.72 ? 169 GLN A CG  1 
ATOM   1353 C CD  . GLN A 1 172 ? -26.977 -25.033 -22.593 1.00 54.00 ? 169 GLN A CD  1 
ATOM   1354 O OE1 . GLN A 1 172 ? -28.171 -24.978 -22.906 1.00 54.52 ? 169 GLN A OE1 1 
ATOM   1355 N NE2 . GLN A 1 172 ? -26.262 -26.150 -22.682 1.00 54.68 ? 169 GLN A NE2 1 
ATOM   1356 N N   . LYS A 1 173 ? -24.456 -20.605 -24.630 1.00 51.21 ? 170 LYS A N   1 
ATOM   1357 C CA  . LYS A 1 173 ? -24.256 -19.800 -25.829 1.00 52.65 ? 170 LYS A CA  1 
ATOM   1358 C C   . LYS A 1 173 ? -25.404 -20.084 -26.800 1.00 53.73 ? 170 LYS A C   1 
ATOM   1359 O O   . LYS A 1 173 ? -26.575 -19.890 -26.469 1.00 54.64 ? 170 LYS A O   1 
ATOM   1360 C CB  . LYS A 1 173 ? -22.924 -20.168 -26.485 1.00 51.89 ? 170 LYS A CB  1 
ATOM   1361 C CG  . LYS A 1 173 ? -21.703 -19.925 -25.615 1.00 51.31 ? 170 LYS A CG  1 
ATOM   1362 C CD  . LYS A 1 173 ? -20.432 -20.533 -26.226 1.00 51.02 ? 170 LYS A CD  1 
ATOM   1363 C CE  . LYS A 1 173 ? -20.187 -20.061 -27.662 1.00 50.69 ? 170 LYS A CE  1 
ATOM   1364 N NZ  . LYS A 1 173 ? -18.860 -20.501 -28.183 1.00 48.86 ? 170 LYS A NZ  1 
ATOM   1365 N N   . GLY A 1 174 ? -25.061 -20.556 -27.995 1.00 54.00 ? 171 GLY A N   1 
ATOM   1366 C CA  . GLY A 1 174 ? -26.069 -20.871 -28.995 1.00 53.46 ? 171 GLY A CA  1 
ATOM   1367 C C   . GLY A 1 174 ? -26.623 -19.640 -29.684 1.00 53.43 ? 171 GLY A C   1 
ATOM   1368 O O   . GLY A 1 174 ? -25.816 -18.861 -30.233 1.00 52.62 ? 171 GLY A O   1 
HETATM 1369 O O   . HOH B 2 .   ? -28.838 -19.564 -13.670 1.00 20.02 ? 190 HOH A O   1 
HETATM 1370 O O   . HOH B 2 .   ? -14.558 -4.583  13.183  1.00 28.35 ? 191 HOH A O   1 
HETATM 1371 O O   . HOH B 2 .   ? 12.665  16.451  5.345   1.00 23.57 ? 192 HOH A O   1 
HETATM 1372 O O   . HOH B 2 .   ? 7.484   -3.948  3.145   1.00 19.28 ? 193 HOH A O   1 
HETATM 1373 O O   . HOH B 2 .   ? 0.690   -14.596 -11.619 1.00 22.96 ? 194 HOH A O   1 
HETATM 1374 O O   . HOH B 2 .   ? 10.048  1.486   7.450   1.00 17.20 ? 195 HOH A O   1 
HETATM 1375 O O   . HOH B 2 .   ? -0.529  -12.329 -9.515  1.00 28.34 ? 196 HOH A O   1 
HETATM 1376 O O   . HOH B 2 .   ? 0.662   11.685  11.162  1.00 28.92 ? 197 HOH A O   1 
HETATM 1377 O O   . HOH B 2 .   ? 13.484  11.536  0.108   1.00 21.89 ? 198 HOH A O   1 
HETATM 1378 O O   . HOH B 2 .   ? -6.988  -17.725 -1.602  1.00 14.07 ? 199 HOH A O   1 
HETATM 1379 O O   . HOH B 2 .   ? 3.970   -7.057  -8.377  1.00 20.43 ? 200 HOH A O   1 
HETATM 1380 O O   . HOH B 2 .   ? -9.727  -12.227 5.796   1.00 35.83 ? 201 HOH A O   1 
HETATM 1381 O O   . HOH B 2 .   ? 12.689  -3.354  -11.342 1.00 41.36 ? 202 HOH A O   1 
HETATM 1382 O O   . HOH B 2 .   ? -3.225  17.027  13.217  1.00 28.11 ? 203 HOH A O   1 
HETATM 1383 O O   . HOH B 2 .   ? 18.142  3.356   13.508  1.00 34.09 ? 204 HOH A O   1 
HETATM 1384 O O   . HOH B 2 .   ? -4.213  8.747   10.464  1.00 41.87 ? 205 HOH A O   1 
HETATM 1385 O O   . HOH B 2 .   ? 0.985   12.271  1.228   1.00 28.58 ? 206 HOH A O   1 
HETATM 1386 O O   . HOH B 2 .   ? -10.515 8.028   4.697   1.00 40.82 ? 207 HOH A O   1 
HETATM 1387 O O   . HOH B 2 .   ? -7.395  -17.303 4.340   1.00 39.09 ? 208 HOH A O   1 
HETATM 1388 O O   . HOH B 2 .   ? -3.198  -17.171 -7.013  1.00 34.01 ? 209 HOH A O   1 
HETATM 1389 O O   . HOH B 2 .   ? -4.162  -11.299 -11.330 1.00 26.34 ? 210 HOH A O   1 
HETATM 1390 O O   . HOH B 2 .   ? 13.323  -3.063  -4.292  1.00 37.91 ? 211 HOH A O   1 
HETATM 1391 O O   . HOH B 2 .   ? -1.159  -16.963 -0.397  1.00 26.43 ? 212 HOH A O   1 
HETATM 1392 O O   . HOH B 2 .   ? -17.380 -6.797  6.736   1.00 25.49 ? 213 HOH A O   1 
HETATM 1393 O O   . HOH B 2 .   ? 5.259   0.600   16.294  1.00 21.44 ? 214 HOH A O   1 
HETATM 1394 O O   . HOH B 2 .   ? 17.889  6.118   -0.714  1.00 39.39 ? 215 HOH A O   1 
HETATM 1395 O O   . HOH B 2 .   ? 8.086   0.557   -11.198 1.00 28.63 ? 216 HOH A O   1 
HETATM 1396 O O   . HOH B 2 .   ? 16.508  11.368  9.867   1.00 33.00 ? 217 HOH A O   1 
HETATM 1397 O O   . HOH B 2 .   ? 5.805   4.234   22.802  1.00 43.11 ? 218 HOH A O   1 
HETATM 1398 O O   . HOH B 2 .   ? -4.447  13.204  -7.852  1.00 36.70 ? 219 HOH A O   1 
HETATM 1399 O O   . HOH B 2 .   ? 13.829  -7.750  -7.390  1.00 32.40 ? 220 HOH A O   1 
HETATM 1400 O O   . HOH B 2 .   ? 11.265  -3.195  4.489   1.00 38.55 ? 221 HOH A O   1 
HETATM 1401 O O   . HOH B 2 .   ? -7.533  -24.326 -2.840  1.00 41.67 ? 222 HOH A O   1 
HETATM 1402 O O   . HOH B 2 .   ? 3.989   -7.277  13.429  1.00 43.51 ? 223 HOH A O   1 
HETATM 1403 O O   . HOH B 2 .   ? -4.350  -22.536 -11.801 1.00 36.99 ? 224 HOH A O   1 
HETATM 1404 O O   . HOH B 2 .   ? 14.883  0.313   -7.642  1.00 44.99 ? 225 HOH A O   1 
HETATM 1405 O O   . HOH B 2 .   ? 6.165   16.654  -0.753  1.00 36.89 ? 226 HOH A O   1 
HETATM 1406 O O   . HOH B 2 .   ? 6.382   8.592   -10.183 1.00 27.21 ? 227 HOH A O   1 
HETATM 1407 O O   . HOH B 2 .   ? -8.790  -15.433 -13.446 1.00 44.44 ? 228 HOH A O   1 
HETATM 1408 O O   . HOH B 2 .   ? -1.381  -16.813 -4.919  1.00 30.04 ? 229 HOH A O   1 
HETATM 1409 O O   . HOH B 2 .   ? -19.014 -22.724 -14.103 1.00 40.48 ? 230 HOH A O   1 
HETATM 1410 O O   . HOH B 2 .   ? 3.794   14.195  -12.020 1.00 40.29 ? 231 HOH A O   1 
HETATM 1411 O O   . HOH B 2 .   ? 10.338  -8.508  -0.932  1.00 35.25 ? 232 HOH A O   1 
HETATM 1412 O O   . HOH B 2 .   ? -3.637  -1.150  15.942  1.00 39.67 ? 233 HOH A O   1 
HETATM 1413 O O   . HOH B 2 .   ? -1.248  11.558  8.139   1.00 32.81 ? 234 HOH A O   1 
HETATM 1414 O O   . HOH B 2 .   ? 1.242   -7.621  16.243  1.00 30.88 ? 235 HOH A O   1 
HETATM 1415 O O   . HOH B 2 .   ? -9.656  8.590   1.028   1.00 39.72 ? 236 HOH A O   1 
HETATM 1416 O O   . HOH B 2 .   ? 8.791   -15.319 -11.203 1.00 38.01 ? 237 HOH A O   1 
HETATM 1417 O O   . HOH B 2 .   ? 6.542   -13.724 1.794   1.00 30.37 ? 238 HOH A O   1 
HETATM 1418 O O   . HOH B 2 .   ? -14.395 -6.637  9.463   1.00 40.19 ? 239 HOH A O   1 
HETATM 1419 O O   . HOH B 2 .   ? -5.277  13.528  2.648   1.00 37.42 ? 240 HOH A O   1 
HETATM 1420 O O   . HOH B 2 .   ? 8.033   11.323  -6.160  1.00 41.68 ? 241 HOH A O   1 
HETATM 1421 O O   . HOH B 2 .   ? 4.712   -6.988  3.344   1.00 30.70 ? 242 HOH A O   1 
HETATM 1422 O O   . HOH B 2 .   ? -6.399  12.550  -13.856 1.00 33.73 ? 243 HOH A O   1 
# 
_database_PDB_caveat.id     1 
_database_PDB_caveat.text   'Incorrect chirality at some residues' 
# 
loop_
_pdbx_poly_seq_scheme.asym_id 
_pdbx_poly_seq_scheme.entity_id 
_pdbx_poly_seq_scheme.seq_id 
_pdbx_poly_seq_scheme.mon_id 
_pdbx_poly_seq_scheme.ndb_seq_num 
_pdbx_poly_seq_scheme.pdb_seq_num 
_pdbx_poly_seq_scheme.auth_seq_num 
_pdbx_poly_seq_scheme.pdb_mon_id 
_pdbx_poly_seq_scheme.auth_mon_id 
_pdbx_poly_seq_scheme.pdb_strand_id 
_pdbx_poly_seq_scheme.pdb_ins_code 
_pdbx_poly_seq_scheme.hetero 
A 1 1   ALA 1   -2  -2  ALA ALA A . n 
A 1 2   PHE 2   -1  -1  PHE PHE A . n 
A 1 3   GLN 3   0   0   GLN GLN A . n 
A 1 4   GLY 4   1   1   GLY GLY A . n 
A 1 5   GLN 5   2   2   GLN GLN A . n 
A 1 6   ALA 6   3   3   ALA ALA A . n 
A 1 7   PRO 7   4   4   PRO PRO A . n 
A 1 8   SER 8   5   5   SER SER A . n 
A 1 9   PHE 9   6   6   PHE PHE A . n 
A 1 10  LYS 10  7   7   LYS LYS A . n 
A 1 11  ALA 11  8   8   ALA ALA A . n 
A 1 12  GLU 12  9   9   GLU GLU A . n 
A 1 13  ALA 13  10  10  ALA ALA A . n 
A 1 14  VAL 14  11  11  VAL VAL A . n 
A 1 15  PHE 15  12  12  PHE PHE A . n 
A 1 16  GLY 16  13  13  GLY GLY A . n 
A 1 17  ASP 17  14  14  ASP ASP A . n 
A 1 18  ASN 18  15  15  ASN ASN A . n 
A 1 19  THR 19  16  16  THR THR A . n 
A 1 20  PHE 20  17  17  PHE PHE A . n 
A 1 21  GLY 21  18  18  GLY GLY A . n 
A 1 22  GLU 22  19  19  GLU GLU A . n 
A 1 23  VAL 23  20  20  VAL VAL A . n 
A 1 24  SER 24  21  21  SER SER A . n 
A 1 25  LEU 25  22  22  LEU LEU A . n 
A 1 26  SER 26  23  23  SER SER A . n 
A 1 27  ASP 27  24  24  ASP ASP A . n 
A 1 28  PHE 28  25  25  PHE PHE A . n 
A 1 29  ILE 29  26  26  ILE ILE A . n 
A 1 30  GLY 30  27  27  GLY GLY A . n 
A 1 31  LYS 31  28  28  LYS LYS A . n 
A 1 32  LYS 32  29  29  LYS LYS A . n 
A 1 33  TYR 33  30  30  TYR TYR A . n 
A 1 34  VAL 34  31  31  VAL VAL A . n 
A 1 35  LEU 35  32  32  LEU LEU A . n 
A 1 36  LEU 36  33  33  LEU LEU A . n 
A 1 37  TYR 37  34  34  TYR TYR A . n 
A 1 38  PHE 38  35  35  PHE PHE A . n 
A 1 39  TYR 39  36  36  TYR TYR A . n 
A 1 40  PRO 40  37  37  PRO PRO A . n 
A 1 41  LEU 41  38  38  LEU LEU A . n 
A 1 42  ASP 42  39  39  ASP ASP A . n 
A 1 43  PHE 43  40  40  PHE PHE A . n 
A 1 44  THR 44  41  41  THR THR A . n 
A 1 45  PHE 45  42  42  PHE PHE A . n 
A 1 46  VAL 46  43  43  VAL VAL A . n 
A 1 47  CYS 47  44  44  CYS CYS A . n 
A 1 48  PRO 48  45  45  PRO PRO A . n 
A 1 49  SER 49  46  46  SER SER A . n 
A 1 50  GLU 50  47  47  GLU GLU A . n 
A 1 51  ILE 51  48  48  ILE ILE A . n 
A 1 52  ILE 52  49  49  ILE ILE A . n 
A 1 53  ALA 53  50  50  ALA ALA A . n 
A 1 54  LEU 54  51  51  LEU LEU A . n 
A 1 55  ASP 55  52  52  ASP ASP A . n 
A 1 56  LYS 56  53  53  LYS LYS A . n 
A 1 57  ALA 57  54  54  ALA ALA A . n 
A 1 58  LEU 58  55  55  LEU LEU A . n 
A 1 59  ASP 59  56  56  ASP ASP A . n 
A 1 60  SER 60  57  57  SER SER A . n 
A 1 61  PHE 61  58  58  PHE PHE A . n 
A 1 62  LYS 62  59  59  LYS LYS A . n 
A 1 63  GLU 63  60  60  GLU GLU A . n 
A 1 64  ARG 64  61  61  ARG ARG A . n 
A 1 65  ASN 65  62  62  ASN ASN A . n 
A 1 66  VAL 66  63  63  VAL VAL A . n 
A 1 67  GLU 67  64  64  GLU GLU A . n 
A 1 68  LEU 68  65  65  LEU LEU A . n 
A 1 69  LEU 69  66  66  LEU LEU A . n 
A 1 70  GLY 70  67  67  GLY GLY A . n 
A 1 71  CYS 71  68  68  CYS CYS A . n 
A 1 72  SER 72  69  69  SER SER A . n 
A 1 73  VAL 73  70  70  VAL VAL A . n 
A 1 74  ASP 74  71  71  ASP ASP A . n 
A 1 75  SER 75  72  72  SER SER A . n 
A 1 76  LYS 76  73  73  LYS LYS A . n 
A 1 77  PHE 77  74  74  PHE PHE A . n 
A 1 78  THR 78  75  75  THR THR A . n 
A 1 79  HIS 79  76  76  HIS HIS A . n 
A 1 80  LEU 80  77  77  LEU LEU A . n 
A 1 81  ALA 81  78  78  ALA ALA A . n 
A 1 82  TRP 82  79  79  TRP TRP A . n 
A 1 83  LYS 83  80  80  LYS LYS A . n 
A 1 84  LYS 84  81  81  LYS LYS A . n 
A 1 85  THR 85  82  82  THR THR A . n 
A 1 86  PRO 86  83  83  PRO PRO A . n 
A 1 87  LEU 87  84  84  LEU LEU A . n 
A 1 88  SER 88  85  85  SER SER A . n 
A 1 89  GLN 89  86  86  GLN GLN A . n 
A 1 90  GLY 90  87  87  GLY GLY A . n 
A 1 91  GLY 91  88  88  GLY GLY A . n 
A 1 92  ILE 92  89  89  ILE ILE A . n 
A 1 93  GLY 93  90  90  GLY GLY A . n 
A 1 94  ASN 94  91  91  ASN ASN A . n 
A 1 95  ILE 95  92  92  ILE ILE A . n 
A 1 96  LYS 96  93  93  LYS LYS A . n 
A 1 97  HIS 97  94  94  HIS HIS A . n 
A 1 98  THR 98  95  95  THR THR A . n 
A 1 99  LEU 99  96  96  LEU LEU A . n 
A 1 100 ILE 100 97  97  ILE ILE A . n 
A 1 101 SER 101 98  98  SER SER A . n 
A 1 102 ASP 102 99  99  ASP ASP A . n 
A 1 103 ILE 103 100 100 ILE ILE A . n 
A 1 104 SER 104 101 101 SER SER A . n 
A 1 105 LYS 105 102 102 LYS LYS A . n 
A 1 106 SER 106 103 103 SER SER A . n 
A 1 107 ILE 107 104 104 ILE ILE A . n 
A 1 108 ALA 108 105 105 ALA ALA A . n 
A 1 109 ARG 109 106 106 ARG ARG A . n 
A 1 110 SER 110 107 107 SER SER A . n 
A 1 111 TYR 111 108 108 TYR TYR A . n 
A 1 112 ASP 112 109 109 ASP ASP A . n 
A 1 113 VAL 113 110 110 VAL VAL A . n 
A 1 114 LEU 114 111 111 LEU LEU A . n 
A 1 115 PHE 115 112 112 PHE PHE A . n 
A 1 116 ASN 116 113 113 ASN ASN A . n 
A 1 117 GLU 117 114 114 GLU GLU A . n 
A 1 118 SER 118 115 115 SER SER A . n 
A 1 119 VAL 119 116 116 VAL VAL A . n 
A 1 120 ALA 120 117 117 ALA ALA A . n 
A 1 121 LEU 121 118 118 LEU LEU A . n 
A 1 122 ARG 122 119 119 ARG ARG A . n 
A 1 123 ALA 123 120 120 ALA ALA A . n 
A 1 124 PHE 124 121 121 PHE PHE A . n 
A 1 125 VAL 125 122 122 VAL VAL A . n 
A 1 126 LEU 126 123 123 LEU LEU A . n 
A 1 127 ILE 127 124 124 ILE ILE A . n 
A 1 128 ASP 128 125 125 ASP ASP A . n 
A 1 129 LYS 129 126 126 LYS LYS A . n 
A 1 130 GLN 130 127 127 GLN GLN A . n 
A 1 131 GLY 131 128 128 GLY GLY A . n 
A 1 132 VAL 132 129 129 VAL VAL A . n 
A 1 133 VAL 133 130 130 VAL VAL A . n 
A 1 134 GLN 134 131 131 GLN GLN A . n 
A 1 135 HIS 135 132 132 HIS HIS A . n 
A 1 136 LEU 136 133 133 LEU LEU A . n 
A 1 137 LEU 137 134 134 LEU LEU A . n 
A 1 138 VAL 138 135 135 VAL VAL A . n 
A 1 139 ASN 139 136 136 ASN ASN A . n 
A 1 140 ASN 140 137 137 ASN ASN A . n 
A 1 141 LEU 141 138 138 LEU LEU A . n 
A 1 142 ALA 142 139 139 ALA ALA A . n 
A 1 143 LEU 143 140 140 LEU LEU A . n 
A 1 144 GLY 144 141 141 GLY GLY A . n 
A 1 145 ARG 145 142 142 ARG ARG A . n 
A 1 146 SER 146 143 143 SER SER A . n 
A 1 147 VAL 147 144 144 VAL VAL A . n 
A 1 148 ASP 148 145 145 ASP ASP A . n 
A 1 149 GLU 149 146 146 GLU GLU A . n 
A 1 150 ILE 150 147 147 ILE ILE A . n 
A 1 151 LEU 151 148 148 LEU LEU A . n 
A 1 152 ARG 152 149 149 ARG ARG A . n 
A 1 153 LEU 153 150 150 LEU LEU A . n 
A 1 154 ILE 154 151 151 ILE ILE A . n 
A 1 155 ASP 155 152 152 ASP ASP A . n 
A 1 156 ALA 156 153 153 ALA ALA A . n 
A 1 157 LEU 157 154 154 LEU LEU A . n 
A 1 158 GLN 158 155 155 GLN GLN A . n 
A 1 159 HIS 159 156 156 HIS HIS A . n 
A 1 160 HIS 160 157 157 HIS HIS A . n 
A 1 161 GLU 161 158 158 GLU GLU A . n 
A 1 162 LYS 162 159 159 LYS LYS A . n 
A 1 163 TYR 163 160 160 TYR TYR A . n 
A 1 164 GLY 164 161 161 GLY GLY A . n 
A 1 165 ASP 165 162 162 ASP ASP A . n 
A 1 166 VAL 166 163 163 VAL VAL A . n 
A 1 167 CYS 167 164 164 CYS CYS A . n 
A 1 168 PRO 168 165 165 PRO PRO A . n 
A 1 169 ALA 169 166 166 ALA ALA A . n 
A 1 170 ASN 170 167 167 ASN ASN A . n 
A 1 171 TRP 171 168 168 TRP TRP A . n 
A 1 172 GLN 172 169 169 GLN GLN A . n 
A 1 173 LYS 173 170 170 LYS LYS A . n 
A 1 174 GLY 174 171 171 GLY GLY A . n 
A 1 175 LYS 175 172 ?   ?   ?   A . n 
A 1 176 GLU 176 173 ?   ?   ?   A . n 
A 1 177 SER 177 174 ?   ?   ?   A . n 
A 1 178 MET 178 175 ?   ?   ?   A . n 
A 1 179 LYS 179 176 ?   ?   ?   A . n 
A 1 180 PRO 180 177 ?   ?   ?   A . n 
A 1 181 SER 181 178 ?   ?   ?   A . n 
A 1 182 GLU 182 179 ?   ?   ?   A . n 
A 1 183 GLU 183 180 ?   ?   ?   A . n 
A 1 184 GLY 184 181 ?   ?   ?   A . n 
A 1 185 VAL 185 182 ?   ?   ?   A . n 
A 1 186 ALA 186 183 ?   ?   ?   A . n 
A 1 187 LYS 187 184 ?   ?   ?   A . n 
A 1 188 TYR 188 185 ?   ?   ?   A . n 
A 1 189 LEU 189 186 ?   ?   ?   A . n 
A 1 190 SER 190 187 ?   ?   ?   A . n 
A 1 191 ASN 191 188 ?   ?   ?   A . n 
A 1 192 LEU 192 189 ?   ?   ?   A . n 
# 
_pdbx_SG_project.id                    1 
_pdbx_SG_project.project_name          ? 
_pdbx_SG_project.full_name_of_center   'Structural Genomics Consortium' 
_pdbx_SG_project.initial_of_center     SGC 
# 
loop_
_pdbx_nonpoly_scheme.asym_id 
_pdbx_nonpoly_scheme.entity_id 
_pdbx_nonpoly_scheme.mon_id 
_pdbx_nonpoly_scheme.ndb_seq_num 
_pdbx_nonpoly_scheme.pdb_seq_num 
_pdbx_nonpoly_scheme.auth_seq_num 
_pdbx_nonpoly_scheme.pdb_mon_id 
_pdbx_nonpoly_scheme.auth_mon_id 
_pdbx_nonpoly_scheme.pdb_strand_id 
_pdbx_nonpoly_scheme.pdb_ins_code 
B 2 HOH 1  190 1  HOH HOH A . 
B 2 HOH 2  191 2  HOH HOH A . 
B 2 HOH 3  192 3  HOH HOH A . 
B 2 HOH 4  193 4  HOH HOH A . 
B 2 HOH 5  194 5  HOH HOH A . 
B 2 HOH 6  195 6  HOH HOH A . 
B 2 HOH 7  196 7  HOH HOH A . 
B 2 HOH 8  197 8  HOH HOH A . 
B 2 HOH 9  198 9  HOH HOH A . 
B 2 HOH 10 199 10 HOH HOH A . 
B 2 HOH 11 200 11 HOH HOH A . 
B 2 HOH 12 201 12 HOH HOH A . 
B 2 HOH 13 202 13 HOH HOH A . 
B 2 HOH 14 203 14 HOH HOH A . 
B 2 HOH 15 204 15 HOH HOH A . 
B 2 HOH 16 205 16 HOH HOH A . 
B 2 HOH 17 206 17 HOH HOH A . 
B 2 HOH 18 207 18 HOH HOH A . 
B 2 HOH 19 208 19 HOH HOH A . 
B 2 HOH 20 209 20 HOH HOH A . 
B 2 HOH 21 210 21 HOH HOH A . 
B 2 HOH 22 211 22 HOH HOH A . 
B 2 HOH 23 212 23 HOH HOH A . 
B 2 HOH 24 213 24 HOH HOH A . 
B 2 HOH 25 214 25 HOH HOH A . 
B 2 HOH 26 215 26 HOH HOH A . 
B 2 HOH 27 216 27 HOH HOH A . 
B 2 HOH 28 217 28 HOH HOH A . 
B 2 HOH 29 218 29 HOH HOH A . 
B 2 HOH 30 219 30 HOH HOH A . 
B 2 HOH 31 220 31 HOH HOH A . 
B 2 HOH 32 221 32 HOH HOH A . 
B 2 HOH 33 222 33 HOH HOH A . 
B 2 HOH 34 223 34 HOH HOH A . 
B 2 HOH 35 224 35 HOH HOH A . 
B 2 HOH 36 225 36 HOH HOH A . 
B 2 HOH 37 226 37 HOH HOH A . 
B 2 HOH 38 227 38 HOH HOH A . 
B 2 HOH 39 228 39 HOH HOH A . 
B 2 HOH 40 229 40 HOH HOH A . 
B 2 HOH 41 230 41 HOH HOH A . 
B 2 HOH 42 231 42 HOH HOH A . 
B 2 HOH 43 232 43 HOH HOH A . 
B 2 HOH 44 233 44 HOH HOH A . 
B 2 HOH 45 234 45 HOH HOH A . 
B 2 HOH 46 235 46 HOH HOH A . 
B 2 HOH 47 236 47 HOH HOH A . 
B 2 HOH 48 237 48 HOH HOH A . 
B 2 HOH 49 238 49 HOH HOH A . 
B 2 HOH 50 239 50 HOH HOH A . 
B 2 HOH 51 240 51 HOH HOH A . 
B 2 HOH 52 241 52 HOH HOH A . 
B 2 HOH 53 242 53 HOH HOH A . 
B 2 HOH 54 243 54 HOH HOH A . 
# 
_pdbx_struct_assembly.id                   1 
_pdbx_struct_assembly.details              author_and_software_defined_assembly 
_pdbx_struct_assembly.method_details       PISA 
_pdbx_struct_assembly.oligomeric_details   monomeric 
_pdbx_struct_assembly.oligomeric_count     1 
# 
_pdbx_struct_assembly_gen.assembly_id       1 
_pdbx_struct_assembly_gen.oper_expression   1 
_pdbx_struct_assembly_gen.asym_id_list      A,B 
# 
_pdbx_struct_oper_list.id                   1 
_pdbx_struct_oper_list.type                 'identity operation' 
_pdbx_struct_oper_list.name                 1_555 
_pdbx_struct_oper_list.symmetry_operation   x,y,z 
_pdbx_struct_oper_list.matrix[1][1]         1.0000000000 
_pdbx_struct_oper_list.matrix[1][2]         0.0000000000 
_pdbx_struct_oper_list.matrix[1][3]         0.0000000000 
_pdbx_struct_oper_list.vector[1]            0.0000000000 
_pdbx_struct_oper_list.matrix[2][1]         0.0000000000 
_pdbx_struct_oper_list.matrix[2][2]         1.0000000000 
_pdbx_struct_oper_list.matrix[2][3]         0.0000000000 
_pdbx_struct_oper_list.vector[2]            0.0000000000 
_pdbx_struct_oper_list.matrix[3][1]         0.0000000000 
_pdbx_struct_oper_list.matrix[3][2]         0.0000000000 
_pdbx_struct_oper_list.matrix[3][3]         1.0000000000 
_pdbx_struct_oper_list.vector[3]            0.0000000000 
# 
loop_
_pdbx_audit_revision_history.ordinal 
_pdbx_audit_revision_history.data_content_type 
_pdbx_audit_revision_history.major_revision 
_pdbx_audit_revision_history.minor_revision 
_pdbx_audit_revision_history.revision_date 
1 'Structure model' 1 0 2006-05-30 
2 'Structure model' 1 1 2007-12-03 
3 'Structure model' 1 2 2011-07-13 
4 'Structure model' 1 3 2018-03-07 
5 'Structure model' 1 4 2023-08-30 
# 
_pdbx_audit_revision_details.ordinal             1 
_pdbx_audit_revision_details.revision_ordinal    1 
_pdbx_audit_revision_details.data_content_type   'Structure model' 
_pdbx_audit_revision_details.provider            repository 
_pdbx_audit_revision_details.type                'Initial release' 
_pdbx_audit_revision_details.description         ? 
_pdbx_audit_revision_details.details             ? 
# 
loop_
_pdbx_audit_revision_group.ordinal 
_pdbx_audit_revision_group.revision_ordinal 
_pdbx_audit_revision_group.data_content_type 
_pdbx_audit_revision_group.group 
1 2 'Structure model' 'Version format compliance' 
2 3 'Structure model' 'Version format compliance' 
3 4 'Structure model' 'Data collection'           
4 5 'Structure model' 'Data collection'           
5 5 'Structure model' 'Database references'       
6 5 'Structure model' 'Refinement description'    
# 
loop_
_pdbx_audit_revision_category.ordinal 
_pdbx_audit_revision_category.revision_ordinal 
_pdbx_audit_revision_category.data_content_type 
_pdbx_audit_revision_category.category 
1 4 'Structure model' diffrn_source                 
2 5 'Structure model' chem_comp_atom                
3 5 'Structure model' chem_comp_bond                
4 5 'Structure model' database_2                    
5 5 'Structure model' pdbx_initial_refinement_model 
6 5 'Structure model' struct_ref_seq_dif            
# 
loop_
_pdbx_audit_revision_item.ordinal 
_pdbx_audit_revision_item.revision_ordinal 
_pdbx_audit_revision_item.data_content_type 
_pdbx_audit_revision_item.item 
1 4 'Structure model' '_diffrn_source.source'               
2 5 'Structure model' '_database_2.pdbx_DOI'                
3 5 'Structure model' '_database_2.pdbx_database_accession' 
4 5 'Structure model' '_struct_ref_seq_dif.details'         
# 
loop_
_software.name 
_software.classification 
_software.version 
_software.citation_id 
_software.pdbx_ordinal 
CrystalClear 'data collection' .              ? 1 
HKL-2000     'data reduction'  .              ? 2 
MOLREP       phasing           .              ? 3 
CNS          refinement        1.1            ? 4 
CrystalClear 'data reduction'  '(MSC/RIGAKU)' ? 5 
HKL-2000     'data scaling'    .              ? 6 
# 
loop_
_pdbx_validate_close_contact.id 
_pdbx_validate_close_contact.PDB_model_num 
_pdbx_validate_close_contact.auth_atom_id_1 
_pdbx_validate_close_contact.auth_asym_id_1 
_pdbx_validate_close_contact.auth_comp_id_1 
_pdbx_validate_close_contact.auth_seq_id_1 
_pdbx_validate_close_contact.PDB_ins_code_1 
_pdbx_validate_close_contact.label_alt_id_1 
_pdbx_validate_close_contact.auth_atom_id_2 
_pdbx_validate_close_contact.auth_asym_id_2 
_pdbx_validate_close_contact.auth_comp_id_2 
_pdbx_validate_close_contact.auth_seq_id_2 
_pdbx_validate_close_contact.PDB_ins_code_2 
_pdbx_validate_close_contact.label_alt_id_2 
_pdbx_validate_close_contact.dist 
1 1 O  A ILE 151 ? ? N A ASP 152 ? ? 1.74 
2 1 OG A SER 85  ? ? O A HOH 218 ? ? 2.17 
# 
_pdbx_validate_symm_contact.id                1 
_pdbx_validate_symm_contact.PDB_model_num     1 
_pdbx_validate_symm_contact.auth_atom_id_1    NE2 
_pdbx_validate_symm_contact.auth_asym_id_1    A 
_pdbx_validate_symm_contact.auth_comp_id_1    GLN 
_pdbx_validate_symm_contact.auth_seq_id_1     127 
_pdbx_validate_symm_contact.PDB_ins_code_1    ? 
_pdbx_validate_symm_contact.label_alt_id_1    ? 
_pdbx_validate_symm_contact.site_symmetry_1   1_555 
_pdbx_validate_symm_contact.auth_atom_id_2    NE2 
_pdbx_validate_symm_contact.auth_asym_id_2    A 
_pdbx_validate_symm_contact.auth_comp_id_2    GLN 
_pdbx_validate_symm_contact.auth_seq_id_2     127 
_pdbx_validate_symm_contact.PDB_ins_code_2    ? 
_pdbx_validate_symm_contact.label_alt_id_2    ? 
_pdbx_validate_symm_contact.site_symmetry_2   6_565 
_pdbx_validate_symm_contact.dist              1.98 
# 
loop_
_pdbx_validate_rmsd_bond.id 
_pdbx_validate_rmsd_bond.PDB_model_num 
_pdbx_validate_rmsd_bond.auth_atom_id_1 
_pdbx_validate_rmsd_bond.auth_asym_id_1 
_pdbx_validate_rmsd_bond.auth_comp_id_1 
_pdbx_validate_rmsd_bond.auth_seq_id_1 
_pdbx_validate_rmsd_bond.PDB_ins_code_1 
_pdbx_validate_rmsd_bond.label_alt_id_1 
_pdbx_validate_rmsd_bond.auth_atom_id_2 
_pdbx_validate_rmsd_bond.auth_asym_id_2 
_pdbx_validate_rmsd_bond.auth_comp_id_2 
_pdbx_validate_rmsd_bond.auth_seq_id_2 
_pdbx_validate_rmsd_bond.PDB_ins_code_2 
_pdbx_validate_rmsd_bond.label_alt_id_2 
_pdbx_validate_rmsd_bond.bond_value 
_pdbx_validate_rmsd_bond.bond_target_value 
_pdbx_validate_rmsd_bond.bond_deviation 
_pdbx_validate_rmsd_bond.bond_standard_deviation 
_pdbx_validate_rmsd_bond.linker_flag 
1 1 C A ILE 48  ? ? N A ILE 49  ? ? 1.020 1.336 -0.316 0.023 Y 
2 1 C A ILE 49  ? ? N A ALA 50  ? ? 0.962 1.336 -0.374 0.023 Y 
3 1 C A LEU 96  ? ? N A ILE 97  ? ? 1.157 1.336 -0.179 0.023 Y 
4 1 C A ILE 151 ? ? N A ASP 152 ? ? 0.981 1.336 -0.355 0.023 Y 
# 
loop_
_pdbx_validate_rmsd_angle.id 
_pdbx_validate_rmsd_angle.PDB_model_num 
_pdbx_validate_rmsd_angle.auth_atom_id_1 
_pdbx_validate_rmsd_angle.auth_asym_id_1 
_pdbx_validate_rmsd_angle.auth_comp_id_1 
_pdbx_validate_rmsd_angle.auth_seq_id_1 
_pdbx_validate_rmsd_angle.PDB_ins_code_1 
_pdbx_validate_rmsd_angle.label_alt_id_1 
_pdbx_validate_rmsd_angle.auth_atom_id_2 
_pdbx_validate_rmsd_angle.auth_asym_id_2 
_pdbx_validate_rmsd_angle.auth_comp_id_2 
_pdbx_validate_rmsd_angle.auth_seq_id_2 
_pdbx_validate_rmsd_angle.PDB_ins_code_2 
_pdbx_validate_rmsd_angle.label_alt_id_2 
_pdbx_validate_rmsd_angle.auth_atom_id_3 
_pdbx_validate_rmsd_angle.auth_asym_id_3 
_pdbx_validate_rmsd_angle.auth_comp_id_3 
_pdbx_validate_rmsd_angle.auth_seq_id_3 
_pdbx_validate_rmsd_angle.PDB_ins_code_3 
_pdbx_validate_rmsd_angle.label_alt_id_3 
_pdbx_validate_rmsd_angle.angle_value 
_pdbx_validate_rmsd_angle.angle_target_value 
_pdbx_validate_rmsd_angle.angle_deviation 
_pdbx_validate_rmsd_angle.angle_standard_deviation 
_pdbx_validate_rmsd_angle.linker_flag 
1 1 O  A ILE 48  ? ? C  A ILE 48  ? ? N   A ILE 49  ? ? 112.55 122.70 -10.15 1.60 Y 
2 1 O  A ILE 49  ? ? C  A ILE 49  ? ? N   A ALA 50  ? ? 111.64 122.70 -11.06 1.60 Y 
3 1 CB A ASP 71  ? ? CG A ASP 71  ? ? OD2 A ASP 71  ? ? 123.76 118.30 5.46   0.90 N 
4 1 CA A ILE 151 ? ? C  A ILE 151 ? ? N   A ASP 152 ? ? 133.97 117.20 16.77  2.20 Y 
5 1 O  A ILE 151 ? ? C  A ILE 151 ? ? N   A ASP 152 ? ? 103.82 122.70 -18.88 1.60 Y 
# 
loop_
_pdbx_validate_torsion.id 
_pdbx_validate_torsion.PDB_model_num 
_pdbx_validate_torsion.auth_comp_id 
_pdbx_validate_torsion.auth_asym_id 
_pdbx_validate_torsion.auth_seq_id 
_pdbx_validate_torsion.PDB_ins_code 
_pdbx_validate_torsion.label_alt_id 
_pdbx_validate_torsion.phi 
_pdbx_validate_torsion.psi 
1  1 GLN A 0   ? ? -150.52 86.51   
2  1 ASP A 14  ? ? -22.55  -32.75  
3  1 LYS A 28  ? ? -123.70 -56.06  
4  1 PHE A 40  ? ? 54.91   16.28   
5  1 ASN A 113 ? ? 27.17   65.66   
6  1 SER A 115 ? ? -123.39 -78.33  
7  1 ASN A 136 ? ? 45.97   -125.82 
8  1 ALA A 139 ? ? -101.64 64.52   
9  1 ALA A 166 ? ? 41.52   97.03   
10 1 ASN A 167 ? ? 144.48  -22.02  
11 1 LYS A 170 ? ? -62.83  -121.01 
# 
loop_
_pdbx_validate_peptide_omega.id 
_pdbx_validate_peptide_omega.PDB_model_num 
_pdbx_validate_peptide_omega.auth_comp_id_1 
_pdbx_validate_peptide_omega.auth_asym_id_1 
_pdbx_validate_peptide_omega.auth_seq_id_1 
_pdbx_validate_peptide_omega.PDB_ins_code_1 
_pdbx_validate_peptide_omega.label_alt_id_1 
_pdbx_validate_peptide_omega.auth_comp_id_2 
_pdbx_validate_peptide_omega.auth_asym_id_2 
_pdbx_validate_peptide_omega.auth_seq_id_2 
_pdbx_validate_peptide_omega.PDB_ins_code_2 
_pdbx_validate_peptide_omega.label_alt_id_2 
_pdbx_validate_peptide_omega.omega 
1 1 PHE A -1 ? ? GLN A 0 ? ? 130.64 
2 1 GLN A 0  ? ? GLY A 1 ? ? 144.08 
# 
loop_
_pdbx_validate_chiral.id 
_pdbx_validate_chiral.PDB_model_num 
_pdbx_validate_chiral.auth_atom_id 
_pdbx_validate_chiral.label_alt_id 
_pdbx_validate_chiral.auth_asym_id 
_pdbx_validate_chiral.auth_comp_id 
_pdbx_validate_chiral.auth_seq_id 
_pdbx_validate_chiral.PDB_ins_code 
_pdbx_validate_chiral.details 
_pdbx_validate_chiral.omega 
1 1 CA ? A ALA -2 ? 'WRONG HAND' . 
2 1 CB ? A THR 75 ? 'WRONG HAND' . 
# 
loop_
_pdbx_validate_polymer_linkage.id 
_pdbx_validate_polymer_linkage.PDB_model_num 
_pdbx_validate_polymer_linkage.auth_atom_id_1 
_pdbx_validate_polymer_linkage.auth_asym_id_1 
_pdbx_validate_polymer_linkage.auth_comp_id_1 
_pdbx_validate_polymer_linkage.auth_seq_id_1 
_pdbx_validate_polymer_linkage.PDB_ins_code_1 
_pdbx_validate_polymer_linkage.label_alt_id_1 
_pdbx_validate_polymer_linkage.auth_atom_id_2 
_pdbx_validate_polymer_linkage.auth_asym_id_2 
_pdbx_validate_polymer_linkage.auth_comp_id_2 
_pdbx_validate_polymer_linkage.auth_seq_id_2 
_pdbx_validate_polymer_linkage.PDB_ins_code_2 
_pdbx_validate_polymer_linkage.label_alt_id_2 
_pdbx_validate_polymer_linkage.dist 
1 1 C A ILE 48  ? ? N A ILE 49  ? ? 1.02 
2 1 C A ILE 49  ? ? N A ALA 50  ? ? 0.96 
3 1 C A LEU 96  ? ? N A ILE 97  ? ? 1.16 
4 1 C A ILE 151 ? ? N A ASP 152 ? ? 0.98 
# 
loop_
_pdbx_unobs_or_zero_occ_residues.id 
_pdbx_unobs_or_zero_occ_residues.PDB_model_num 
_pdbx_unobs_or_zero_occ_residues.polymer_flag 
_pdbx_unobs_or_zero_occ_residues.occupancy_flag 
_pdbx_unobs_or_zero_occ_residues.auth_asym_id 
_pdbx_unobs_or_zero_occ_residues.auth_comp_id 
_pdbx_unobs_or_zero_occ_residues.auth_seq_id 
_pdbx_unobs_or_zero_occ_residues.PDB_ins_code 
_pdbx_unobs_or_zero_occ_residues.label_asym_id 
_pdbx_unobs_or_zero_occ_residues.label_comp_id 
_pdbx_unobs_or_zero_occ_residues.label_seq_id 
1  1 Y 1 A LYS 172 ? A LYS 175 
2  1 Y 1 A GLU 173 ? A GLU 176 
3  1 Y 1 A SER 174 ? A SER 177 
4  1 Y 1 A MET 175 ? A MET 178 
5  1 Y 1 A LYS 176 ? A LYS 179 
6  1 Y 1 A PRO 177 ? A PRO 180 
7  1 Y 1 A SER 178 ? A SER 181 
8  1 Y 1 A GLU 179 ? A GLU 182 
9  1 Y 1 A GLU 180 ? A GLU 183 
10 1 Y 1 A GLY 181 ? A GLY 184 
11 1 Y 1 A VAL 182 ? A VAL 185 
12 1 Y 1 A ALA 183 ? A ALA 186 
13 1 Y 1 A LYS 184 ? A LYS 187 
14 1 Y 1 A TYR 185 ? A TYR 188 
15 1 Y 1 A LEU 186 ? A LEU 189 
16 1 Y 1 A SER 187 ? A SER 190 
17 1 Y 1 A ASN 188 ? A ASN 191 
18 1 Y 1 A LEU 189 ? A LEU 192 
# 
loop_
_chem_comp_atom.comp_id 
_chem_comp_atom.atom_id 
_chem_comp_atom.type_symbol 
_chem_comp_atom.pdbx_aromatic_flag 
_chem_comp_atom.pdbx_stereo_config 
_chem_comp_atom.pdbx_ordinal 
ALA N    N N N 1   
ALA CA   C N S 2   
ALA C    C N N 3   
ALA O    O N N 4   
ALA CB   C N N 5   
ALA OXT  O N N 6   
ALA H    H N N 7   
ALA H2   H N N 8   
ALA HA   H N N 9   
ALA HB1  H N N 10  
ALA HB2  H N N 11  
ALA HB3  H N N 12  
ALA HXT  H N N 13  
ARG N    N N N 14  
ARG CA   C N S 15  
ARG C    C N N 16  
ARG O    O N N 17  
ARG CB   C N N 18  
ARG CG   C N N 19  
ARG CD   C N N 20  
ARG NE   N N N 21  
ARG CZ   C N N 22  
ARG NH1  N N N 23  
ARG NH2  N N N 24  
ARG OXT  O N N 25  
ARG H    H N N 26  
ARG H2   H N N 27  
ARG HA   H N N 28  
ARG HB2  H N N 29  
ARG HB3  H N N 30  
ARG HG2  H N N 31  
ARG HG3  H N N 32  
ARG HD2  H N N 33  
ARG HD3  H N N 34  
ARG HE   H N N 35  
ARG HH11 H N N 36  
ARG HH12 H N N 37  
ARG HH21 H N N 38  
ARG HH22 H N N 39  
ARG HXT  H N N 40  
ASN N    N N N 41  
ASN CA   C N S 42  
ASN C    C N N 43  
ASN O    O N N 44  
ASN CB   C N N 45  
ASN CG   C N N 46  
ASN OD1  O N N 47  
ASN ND2  N N N 48  
ASN OXT  O N N 49  
ASN H    H N N 50  
ASN H2   H N N 51  
ASN HA   H N N 52  
ASN HB2  H N N 53  
ASN HB3  H N N 54  
ASN HD21 H N N 55  
ASN HD22 H N N 56  
ASN HXT  H N N 57  
ASP N    N N N 58  
ASP CA   C N S 59  
ASP C    C N N 60  
ASP O    O N N 61  
ASP CB   C N N 62  
ASP CG   C N N 63  
ASP OD1  O N N 64  
ASP OD2  O N N 65  
ASP OXT  O N N 66  
ASP H    H N N 67  
ASP H2   H N N 68  
ASP HA   H N N 69  
ASP HB2  H N N 70  
ASP HB3  H N N 71  
ASP HD2  H N N 72  
ASP HXT  H N N 73  
CYS N    N N N 74  
CYS CA   C N R 75  
CYS C    C N N 76  
CYS O    O N N 77  
CYS CB   C N N 78  
CYS SG   S N N 79  
CYS OXT  O N N 80  
CYS H    H N N 81  
CYS H2   H N N 82  
CYS HA   H N N 83  
CYS HB2  H N N 84  
CYS HB3  H N N 85  
CYS HG   H N N 86  
CYS HXT  H N N 87  
GLN N    N N N 88  
GLN CA   C N S 89  
GLN C    C N N 90  
GLN O    O N N 91  
GLN CB   C N N 92  
GLN CG   C N N 93  
GLN CD   C N N 94  
GLN OE1  O N N 95  
GLN NE2  N N N 96  
GLN OXT  O N N 97  
GLN H    H N N 98  
GLN H2   H N N 99  
GLN HA   H N N 100 
GLN HB2  H N N 101 
GLN HB3  H N N 102 
GLN HG2  H N N 103 
GLN HG3  H N N 104 
GLN HE21 H N N 105 
GLN HE22 H N N 106 
GLN HXT  H N N 107 
GLU N    N N N 108 
GLU CA   C N S 109 
GLU C    C N N 110 
GLU O    O N N 111 
GLU CB   C N N 112 
GLU CG   C N N 113 
GLU CD   C N N 114 
GLU OE1  O N N 115 
GLU OE2  O N N 116 
GLU OXT  O N N 117 
GLU H    H N N 118 
GLU H2   H N N 119 
GLU HA   H N N 120 
GLU HB2  H N N 121 
GLU HB3  H N N 122 
GLU HG2  H N N 123 
GLU HG3  H N N 124 
GLU HE2  H N N 125 
GLU HXT  H N N 126 
GLY N    N N N 127 
GLY CA   C N N 128 
GLY C    C N N 129 
GLY O    O N N 130 
GLY OXT  O N N 131 
GLY H    H N N 132 
GLY H2   H N N 133 
GLY HA2  H N N 134 
GLY HA3  H N N 135 
GLY HXT  H N N 136 
HIS N    N N N 137 
HIS CA   C N S 138 
HIS C    C N N 139 
HIS O    O N N 140 
HIS CB   C N N 141 
HIS CG   C Y N 142 
HIS ND1  N Y N 143 
HIS CD2  C Y N 144 
HIS CE1  C Y N 145 
HIS NE2  N Y N 146 
HIS OXT  O N N 147 
HIS H    H N N 148 
HIS H2   H N N 149 
HIS HA   H N N 150 
HIS HB2  H N N 151 
HIS HB3  H N N 152 
HIS HD1  H N N 153 
HIS HD2  H N N 154 
HIS HE1  H N N 155 
HIS HE2  H N N 156 
HIS HXT  H N N 157 
HOH O    O N N 158 
HOH H1   H N N 159 
HOH H2   H N N 160 
ILE N    N N N 161 
ILE CA   C N S 162 
ILE C    C N N 163 
ILE O    O N N 164 
ILE CB   C N S 165 
ILE CG1  C N N 166 
ILE CG2  C N N 167 
ILE CD1  C N N 168 
ILE OXT  O N N 169 
ILE H    H N N 170 
ILE H2   H N N 171 
ILE HA   H N N 172 
ILE HB   H N N 173 
ILE HG12 H N N 174 
ILE HG13 H N N 175 
ILE HG21 H N N 176 
ILE HG22 H N N 177 
ILE HG23 H N N 178 
ILE HD11 H N N 179 
ILE HD12 H N N 180 
ILE HD13 H N N 181 
ILE HXT  H N N 182 
LEU N    N N N 183 
LEU CA   C N S 184 
LEU C    C N N 185 
LEU O    O N N 186 
LEU CB   C N N 187 
LEU CG   C N N 188 
LEU CD1  C N N 189 
LEU CD2  C N N 190 
LEU OXT  O N N 191 
LEU H    H N N 192 
LEU H2   H N N 193 
LEU HA   H N N 194 
LEU HB2  H N N 195 
LEU HB3  H N N 196 
LEU HG   H N N 197 
LEU HD11 H N N 198 
LEU HD12 H N N 199 
LEU HD13 H N N 200 
LEU HD21 H N N 201 
LEU HD22 H N N 202 
LEU HD23 H N N 203 
LEU HXT  H N N 204 
LYS N    N N N 205 
LYS CA   C N S 206 
LYS C    C N N 207 
LYS O    O N N 208 
LYS CB   C N N 209 
LYS CG   C N N 210 
LYS CD   C N N 211 
LYS CE   C N N 212 
LYS NZ   N N N 213 
LYS OXT  O N N 214 
LYS H    H N N 215 
LYS H2   H N N 216 
LYS HA   H N N 217 
LYS HB2  H N N 218 
LYS HB3  H N N 219 
LYS HG2  H N N 220 
LYS HG3  H N N 221 
LYS HD2  H N N 222 
LYS HD3  H N N 223 
LYS HE2  H N N 224 
LYS HE3  H N N 225 
LYS HZ1  H N N 226 
LYS HZ2  H N N 227 
LYS HZ3  H N N 228 
LYS HXT  H N N 229 
MET N    N N N 230 
MET CA   C N S 231 
MET C    C N N 232 
MET O    O N N 233 
MET CB   C N N 234 
MET CG   C N N 235 
MET SD   S N N 236 
MET CE   C N N 237 
MET OXT  O N N 238 
MET H    H N N 239 
MET H2   H N N 240 
MET HA   H N N 241 
MET HB2  H N N 242 
MET HB3  H N N 243 
MET HG2  H N N 244 
MET HG3  H N N 245 
MET HE1  H N N 246 
MET HE2  H N N 247 
MET HE3  H N N 248 
MET HXT  H N N 249 
PHE N    N N N 250 
PHE CA   C N S 251 
PHE C    C N N 252 
PHE O    O N N 253 
PHE CB   C N N 254 
PHE CG   C Y N 255 
PHE CD1  C Y N 256 
PHE CD2  C Y N 257 
PHE CE1  C Y N 258 
PHE CE2  C Y N 259 
PHE CZ   C Y N 260 
PHE OXT  O N N 261 
PHE H    H N N 262 
PHE H2   H N N 263 
PHE HA   H N N 264 
PHE HB2  H N N 265 
PHE HB3  H N N 266 
PHE HD1  H N N 267 
PHE HD2  H N N 268 
PHE HE1  H N N 269 
PHE HE2  H N N 270 
PHE HZ   H N N 271 
PHE HXT  H N N 272 
PRO N    N N N 273 
PRO CA   C N S 274 
PRO C    C N N 275 
PRO O    O N N 276 
PRO CB   C N N 277 
PRO CG   C N N 278 
PRO CD   C N N 279 
PRO OXT  O N N 280 
PRO H    H N N 281 
PRO HA   H N N 282 
PRO HB2  H N N 283 
PRO HB3  H N N 284 
PRO HG2  H N N 285 
PRO HG3  H N N 286 
PRO HD2  H N N 287 
PRO HD3  H N N 288 
PRO HXT  H N N 289 
SER N    N N N 290 
SER CA   C N S 291 
SER C    C N N 292 
SER O    O N N 293 
SER CB   C N N 294 
SER OG   O N N 295 
SER OXT  O N N 296 
SER H    H N N 297 
SER H2   H N N 298 
SER HA   H N N 299 
SER HB2  H N N 300 
SER HB3  H N N 301 
SER HG   H N N 302 
SER HXT  H N N 303 
THR N    N N N 304 
THR CA   C N S 305 
THR C    C N N 306 
THR O    O N N 307 
THR CB   C N R 308 
THR OG1  O N N 309 
THR CG2  C N N 310 
THR OXT  O N N 311 
THR H    H N N 312 
THR H2   H N N 313 
THR HA   H N N 314 
THR HB   H N N 315 
THR HG1  H N N 316 
THR HG21 H N N 317 
THR HG22 H N N 318 
THR HG23 H N N 319 
THR HXT  H N N 320 
TRP N    N N N 321 
TRP CA   C N S 322 
TRP C    C N N 323 
TRP O    O N N 324 
TRP CB   C N N 325 
TRP CG   C Y N 326 
TRP CD1  C Y N 327 
TRP CD2  C Y N 328 
TRP NE1  N Y N 329 
TRP CE2  C Y N 330 
TRP CE3  C Y N 331 
TRP CZ2  C Y N 332 
TRP CZ3  C Y N 333 
TRP CH2  C Y N 334 
TRP OXT  O N N 335 
TRP H    H N N 336 
TRP H2   H N N 337 
TRP HA   H N N 338 
TRP HB2  H N N 339 
TRP HB3  H N N 340 
TRP HD1  H N N 341 
TRP HE1  H N N 342 
TRP HE3  H N N 343 
TRP HZ2  H N N 344 
TRP HZ3  H N N 345 
TRP HH2  H N N 346 
TRP HXT  H N N 347 
TYR N    N N N 348 
TYR CA   C N S 349 
TYR C    C N N 350 
TYR O    O N N 351 
TYR CB   C N N 352 
TYR CG   C Y N 353 
TYR CD1  C Y N 354 
TYR CD2  C Y N 355 
TYR CE1  C Y N 356 
TYR CE2  C Y N 357 
TYR CZ   C Y N 358 
TYR OH   O N N 359 
TYR OXT  O N N 360 
TYR H    H N N 361 
TYR H2   H N N 362 
TYR HA   H N N 363 
TYR HB2  H N N 364 
TYR HB3  H N N 365 
TYR HD1  H N N 366 
TYR HD2  H N N 367 
TYR HE1  H N N 368 
TYR HE2  H N N 369 
TYR HH   H N N 370 
TYR HXT  H N N 371 
VAL N    N N N 372 
VAL CA   C N S 373 
VAL C    C N N 374 
VAL O    O N N 375 
VAL CB   C N N 376 
VAL CG1  C N N 377 
VAL CG2  C N N 378 
VAL OXT  O N N 379 
VAL H    H N N 380 
VAL H2   H N N 381 
VAL HA   H N N 382 
VAL HB   H N N 383 
VAL HG11 H N N 384 
VAL HG12 H N N 385 
VAL HG13 H N N 386 
VAL HG21 H N N 387 
VAL HG22 H N N 388 
VAL HG23 H N N 389 
VAL HXT  H N N 390 
# 
loop_
_chem_comp_bond.comp_id 
_chem_comp_bond.atom_id_1 
_chem_comp_bond.atom_id_2 
_chem_comp_bond.value_order 
_chem_comp_bond.pdbx_aromatic_flag 
_chem_comp_bond.pdbx_stereo_config 
_chem_comp_bond.pdbx_ordinal 
ALA N   CA   sing N N 1   
ALA N   H    sing N N 2   
ALA N   H2   sing N N 3   
ALA CA  C    sing N N 4   
ALA CA  CB   sing N N 5   
ALA CA  HA   sing N N 6   
ALA C   O    doub N N 7   
ALA C   OXT  sing N N 8   
ALA CB  HB1  sing N N 9   
ALA CB  HB2  sing N N 10  
ALA CB  HB3  sing N N 11  
ALA OXT HXT  sing N N 12  
ARG N   CA   sing N N 13  
ARG N   H    sing N N 14  
ARG N   H2   sing N N 15  
ARG CA  C    sing N N 16  
ARG CA  CB   sing N N 17  
ARG CA  HA   sing N N 18  
ARG C   O    doub N N 19  
ARG C   OXT  sing N N 20  
ARG CB  CG   sing N N 21  
ARG CB  HB2  sing N N 22  
ARG CB  HB3  sing N N 23  
ARG CG  CD   sing N N 24  
ARG CG  HG2  sing N N 25  
ARG CG  HG3  sing N N 26  
ARG CD  NE   sing N N 27  
ARG CD  HD2  sing N N 28  
ARG CD  HD3  sing N N 29  
ARG NE  CZ   sing N N 30  
ARG NE  HE   sing N N 31  
ARG CZ  NH1  sing N N 32  
ARG CZ  NH2  doub N N 33  
ARG NH1 HH11 sing N N 34  
ARG NH1 HH12 sing N N 35  
ARG NH2 HH21 sing N N 36  
ARG NH2 HH22 sing N N 37  
ARG OXT HXT  sing N N 38  
ASN N   CA   sing N N 39  
ASN N   H    sing N N 40  
ASN N   H2   sing N N 41  
ASN CA  C    sing N N 42  
ASN CA  CB   sing N N 43  
ASN CA  HA   sing N N 44  
ASN C   O    doub N N 45  
ASN C   OXT  sing N N 46  
ASN CB  CG   sing N N 47  
ASN CB  HB2  sing N N 48  
ASN CB  HB3  sing N N 49  
ASN CG  OD1  doub N N 50  
ASN CG  ND2  sing N N 51  
ASN ND2 HD21 sing N N 52  
ASN ND2 HD22 sing N N 53  
ASN OXT HXT  sing N N 54  
ASP N   CA   sing N N 55  
ASP N   H    sing N N 56  
ASP N   H2   sing N N 57  
ASP CA  C    sing N N 58  
ASP CA  CB   sing N N 59  
ASP CA  HA   sing N N 60  
ASP C   O    doub N N 61  
ASP C   OXT  sing N N 62  
ASP CB  CG   sing N N 63  
ASP CB  HB2  sing N N 64  
ASP CB  HB3  sing N N 65  
ASP CG  OD1  doub N N 66  
ASP CG  OD2  sing N N 67  
ASP OD2 HD2  sing N N 68  
ASP OXT HXT  sing N N 69  
CYS N   CA   sing N N 70  
CYS N   H    sing N N 71  
CYS N   H2   sing N N 72  
CYS CA  C    sing N N 73  
CYS CA  CB   sing N N 74  
CYS CA  HA   sing N N 75  
CYS C   O    doub N N 76  
CYS C   OXT  sing N N 77  
CYS CB  SG   sing N N 78  
CYS CB  HB2  sing N N 79  
CYS CB  HB3  sing N N 80  
CYS SG  HG   sing N N 81  
CYS OXT HXT  sing N N 82  
GLN N   CA   sing N N 83  
GLN N   H    sing N N 84  
GLN N   H2   sing N N 85  
GLN CA  C    sing N N 86  
GLN CA  CB   sing N N 87  
GLN CA  HA   sing N N 88  
GLN C   O    doub N N 89  
GLN C   OXT  sing N N 90  
GLN CB  CG   sing N N 91  
GLN CB  HB2  sing N N 92  
GLN CB  HB3  sing N N 93  
GLN CG  CD   sing N N 94  
GLN CG  HG2  sing N N 95  
GLN CG  HG3  sing N N 96  
GLN CD  OE1  doub N N 97  
GLN CD  NE2  sing N N 98  
GLN NE2 HE21 sing N N 99  
GLN NE2 HE22 sing N N 100 
GLN OXT HXT  sing N N 101 
GLU N   CA   sing N N 102 
GLU N   H    sing N N 103 
GLU N   H2   sing N N 104 
GLU CA  C    sing N N 105 
GLU CA  CB   sing N N 106 
GLU CA  HA   sing N N 107 
GLU C   O    doub N N 108 
GLU C   OXT  sing N N 109 
GLU CB  CG   sing N N 110 
GLU CB  HB2  sing N N 111 
GLU CB  HB3  sing N N 112 
GLU CG  CD   sing N N 113 
GLU CG  HG2  sing N N 114 
GLU CG  HG3  sing N N 115 
GLU CD  OE1  doub N N 116 
GLU CD  OE2  sing N N 117 
GLU OE2 HE2  sing N N 118 
GLU OXT HXT  sing N N 119 
GLY N   CA   sing N N 120 
GLY N   H    sing N N 121 
GLY N   H2   sing N N 122 
GLY CA  C    sing N N 123 
GLY CA  HA2  sing N N 124 
GLY CA  HA3  sing N N 125 
GLY C   O    doub N N 126 
GLY C   OXT  sing N N 127 
GLY OXT HXT  sing N N 128 
HIS N   CA   sing N N 129 
HIS N   H    sing N N 130 
HIS N   H2   sing N N 131 
HIS CA  C    sing N N 132 
HIS CA  CB   sing N N 133 
HIS CA  HA   sing N N 134 
HIS C   O    doub N N 135 
HIS C   OXT  sing N N 136 
HIS CB  CG   sing N N 137 
HIS CB  HB2  sing N N 138 
HIS CB  HB3  sing N N 139 
HIS CG  ND1  sing Y N 140 
HIS CG  CD2  doub Y N 141 
HIS ND1 CE1  doub Y N 142 
HIS ND1 HD1  sing N N 143 
HIS CD2 NE2  sing Y N 144 
HIS CD2 HD2  sing N N 145 
HIS CE1 NE2  sing Y N 146 
HIS CE1 HE1  sing N N 147 
HIS NE2 HE2  sing N N 148 
HIS OXT HXT  sing N N 149 
HOH O   H1   sing N N 150 
HOH O   H2   sing N N 151 
ILE N   CA   sing N N 152 
ILE N   H    sing N N 153 
ILE N   H2   sing N N 154 
ILE CA  C    sing N N 155 
ILE CA  CB   sing N N 156 
ILE CA  HA   sing N N 157 
ILE C   O    doub N N 158 
ILE C   OXT  sing N N 159 
ILE CB  CG1  sing N N 160 
ILE CB  CG2  sing N N 161 
ILE CB  HB   sing N N 162 
ILE CG1 CD1  sing N N 163 
ILE CG1 HG12 sing N N 164 
ILE CG1 HG13 sing N N 165 
ILE CG2 HG21 sing N N 166 
ILE CG2 HG22 sing N N 167 
ILE CG2 HG23 sing N N 168 
ILE CD1 HD11 sing N N 169 
ILE CD1 HD12 sing N N 170 
ILE CD1 HD13 sing N N 171 
ILE OXT HXT  sing N N 172 
LEU N   CA   sing N N 173 
LEU N   H    sing N N 174 
LEU N   H2   sing N N 175 
LEU CA  C    sing N N 176 
LEU CA  CB   sing N N 177 
LEU CA  HA   sing N N 178 
LEU C   O    doub N N 179 
LEU C   OXT  sing N N 180 
LEU CB  CG   sing N N 181 
LEU CB  HB2  sing N N 182 
LEU CB  HB3  sing N N 183 
LEU CG  CD1  sing N N 184 
LEU CG  CD2  sing N N 185 
LEU CG  HG   sing N N 186 
LEU CD1 HD11 sing N N 187 
LEU CD1 HD12 sing N N 188 
LEU CD1 HD13 sing N N 189 
LEU CD2 HD21 sing N N 190 
LEU CD2 HD22 sing N N 191 
LEU CD2 HD23 sing N N 192 
LEU OXT HXT  sing N N 193 
LYS N   CA   sing N N 194 
LYS N   H    sing N N 195 
LYS N   H2   sing N N 196 
LYS CA  C    sing N N 197 
LYS CA  CB   sing N N 198 
LYS CA  HA   sing N N 199 
LYS C   O    doub N N 200 
LYS C   OXT  sing N N 201 
LYS CB  CG   sing N N 202 
LYS CB  HB2  sing N N 203 
LYS CB  HB3  sing N N 204 
LYS CG  CD   sing N N 205 
LYS CG  HG2  sing N N 206 
LYS CG  HG3  sing N N 207 
LYS CD  CE   sing N N 208 
LYS CD  HD2  sing N N 209 
LYS CD  HD3  sing N N 210 
LYS CE  NZ   sing N N 211 
LYS CE  HE2  sing N N 212 
LYS CE  HE3  sing N N 213 
LYS NZ  HZ1  sing N N 214 
LYS NZ  HZ2  sing N N 215 
LYS NZ  HZ3  sing N N 216 
LYS OXT HXT  sing N N 217 
MET N   CA   sing N N 218 
MET N   H    sing N N 219 
MET N   H2   sing N N 220 
MET CA  C    sing N N 221 
MET CA  CB   sing N N 222 
MET CA  HA   sing N N 223 
MET C   O    doub N N 224 
MET C   OXT  sing N N 225 
MET CB  CG   sing N N 226 
MET CB  HB2  sing N N 227 
MET CB  HB3  sing N N 228 
MET CG  SD   sing N N 229 
MET CG  HG2  sing N N 230 
MET CG  HG3  sing N N 231 
MET SD  CE   sing N N 232 
MET CE  HE1  sing N N 233 
MET CE  HE2  sing N N 234 
MET CE  HE3  sing N N 235 
MET OXT HXT  sing N N 236 
PHE N   CA   sing N N 237 
PHE N   H    sing N N 238 
PHE N   H2   sing N N 239 
PHE CA  C    sing N N 240 
PHE CA  CB   sing N N 241 
PHE CA  HA   sing N N 242 
PHE C   O    doub N N 243 
PHE C   OXT  sing N N 244 
PHE CB  CG   sing N N 245 
PHE CB  HB2  sing N N 246 
PHE CB  HB3  sing N N 247 
PHE CG  CD1  doub Y N 248 
PHE CG  CD2  sing Y N 249 
PHE CD1 CE1  sing Y N 250 
PHE CD1 HD1  sing N N 251 
PHE CD2 CE2  doub Y N 252 
PHE CD2 HD2  sing N N 253 
PHE CE1 CZ   doub Y N 254 
PHE CE1 HE1  sing N N 255 
PHE CE2 CZ   sing Y N 256 
PHE CE2 HE2  sing N N 257 
PHE CZ  HZ   sing N N 258 
PHE OXT HXT  sing N N 259 
PRO N   CA   sing N N 260 
PRO N   CD   sing N N 261 
PRO N   H    sing N N 262 
PRO CA  C    sing N N 263 
PRO CA  CB   sing N N 264 
PRO CA  HA   sing N N 265 
PRO C   O    doub N N 266 
PRO C   OXT  sing N N 267 
PRO CB  CG   sing N N 268 
PRO CB  HB2  sing N N 269 
PRO CB  HB3  sing N N 270 
PRO CG  CD   sing N N 271 
PRO CG  HG2  sing N N 272 
PRO CG  HG3  sing N N 273 
PRO CD  HD2  sing N N 274 
PRO CD  HD3  sing N N 275 
PRO OXT HXT  sing N N 276 
SER N   CA   sing N N 277 
SER N   H    sing N N 278 
SER N   H2   sing N N 279 
SER CA  C    sing N N 280 
SER CA  CB   sing N N 281 
SER CA  HA   sing N N 282 
SER C   O    doub N N 283 
SER C   OXT  sing N N 284 
SER CB  OG   sing N N 285 
SER CB  HB2  sing N N 286 
SER CB  HB3  sing N N 287 
SER OG  HG   sing N N 288 
SER OXT HXT  sing N N 289 
THR N   CA   sing N N 290 
THR N   H    sing N N 291 
THR N   H2   sing N N 292 
THR CA  C    sing N N 293 
THR CA  CB   sing N N 294 
THR CA  HA   sing N N 295 
THR C   O    doub N N 296 
THR C   OXT  sing N N 297 
THR CB  OG1  sing N N 298 
THR CB  CG2  sing N N 299 
THR CB  HB   sing N N 300 
THR OG1 HG1  sing N N 301 
THR CG2 HG21 sing N N 302 
THR CG2 HG22 sing N N 303 
THR CG2 HG23 sing N N 304 
THR OXT HXT  sing N N 305 
TRP N   CA   sing N N 306 
TRP N   H    sing N N 307 
TRP N   H2   sing N N 308 
TRP CA  C    sing N N 309 
TRP CA  CB   sing N N 310 
TRP CA  HA   sing N N 311 
TRP C   O    doub N N 312 
TRP C   OXT  sing N N 313 
TRP CB  CG   sing N N 314 
TRP CB  HB2  sing N N 315 
TRP CB  HB3  sing N N 316 
TRP CG  CD1  doub Y N 317 
TRP CG  CD2  sing Y N 318 
TRP CD1 NE1  sing Y N 319 
TRP CD1 HD1  sing N N 320 
TRP CD2 CE2  doub Y N 321 
TRP CD2 CE3  sing Y N 322 
TRP NE1 CE2  sing Y N 323 
TRP NE1 HE1  sing N N 324 
TRP CE2 CZ2  sing Y N 325 
TRP CE3 CZ3  doub Y N 326 
TRP CE3 HE3  sing N N 327 
TRP CZ2 CH2  doub Y N 328 
TRP CZ2 HZ2  sing N N 329 
TRP CZ3 CH2  sing Y N 330 
TRP CZ3 HZ3  sing N N 331 
TRP CH2 HH2  sing N N 332 
TRP OXT HXT  sing N N 333 
TYR N   CA   sing N N 334 
TYR N   H    sing N N 335 
TYR N   H2   sing N N 336 
TYR CA  C    sing N N 337 
TYR CA  CB   sing N N 338 
TYR CA  HA   sing N N 339 
TYR C   O    doub N N 340 
TYR C   OXT  sing N N 341 
TYR CB  CG   sing N N 342 
TYR CB  HB2  sing N N 343 
TYR CB  HB3  sing N N 344 
TYR CG  CD1  doub Y N 345 
TYR CG  CD2  sing Y N 346 
TYR CD1 CE1  sing Y N 347 
TYR CD1 HD1  sing N N 348 
TYR CD2 CE2  doub Y N 349 
TYR CD2 HD2  sing N N 350 
TYR CE1 CZ   doub Y N 351 
TYR CE1 HE1  sing N N 352 
TYR CE2 CZ   sing Y N 353 
TYR CE2 HE2  sing N N 354 
TYR CZ  OH   sing N N 355 
TYR OH  HH   sing N N 356 
TYR OXT HXT  sing N N 357 
VAL N   CA   sing N N 358 
VAL N   H    sing N N 359 
VAL N   H2   sing N N 360 
VAL CA  C    sing N N 361 
VAL CA  CB   sing N N 362 
VAL CA  HA   sing N N 363 
VAL C   O    doub N N 364 
VAL C   OXT  sing N N 365 
VAL CB  CG1  sing N N 366 
VAL CB  CG2  sing N N 367 
VAL CB  HB   sing N N 368 
VAL CG1 HG11 sing N N 369 
VAL CG1 HG12 sing N N 370 
VAL CG1 HG13 sing N N 371 
VAL CG2 HG21 sing N N 372 
VAL CG2 HG22 sing N N 373 
VAL CG2 HG23 sing N N 374 
VAL OXT HXT  sing N N 375 
# 
_pdbx_entity_nonpoly.entity_id   2 
_pdbx_entity_nonpoly.name        water 
_pdbx_entity_nonpoly.comp_id     HOH 
# 
_pdbx_initial_refinement_model.id               1 
_pdbx_initial_refinement_model.entity_id_list   ? 
_pdbx_initial_refinement_model.type             'experimental model' 
_pdbx_initial_refinement_model.source_name      PDB 
_pdbx_initial_refinement_model.accession_code   1ZOF 
_pdbx_initial_refinement_model.details          'PDB ENTRY 1ZOF' 
# 
